data_6D6A
#
_entry.id   6D6A
#
_cell.length_a   54.280
_cell.length_b   84.450
_cell.length_c   156.200
_cell.angle_alpha   90.00
_cell.angle_beta   95.71
_cell.angle_gamma   90.00
#
_symmetry.space_group_name_H-M   'P 1 21 1'
#
loop_
_entity.id
_entity.type
_entity.pdbx_description
1 polymer 'Transcriptional activator protein LasR'
2 non-polymer '2,4-dibromo-6-{[(2-nitrobenzene-1-carbonyl)amino]methyl}phenyl benzoate'
3 water water
#
_entity_poly.entity_id   1
_entity_poly.type   'polypeptide(L)'
_entity_poly.pdbx_seq_one_letter_code
;MALVDGFLELERSSGKLEWSAILQKMASDLGFSKILFGLLPKDSQDYENAFIVGNYPAAWREHYDRAGYARVDPTVSHCT
QSVLPIFWEPSIYQTRKQHEFFEEASAAGLVYGLTMPLHGARGELGALSLSVEAENRAEANRFMESVLPTLWMLKDYALQ
SGAGLAFEHP
;
_entity_poly.pdbx_strand_id   A,B,C,D,E,F,G,H
#
# COMPACT_ATOMS: atom_id res chain seq x y z
N LEU A 3 35.95 -31.20 18.36
CA LEU A 3 35.50 -31.67 17.00
C LEU A 3 35.93 -33.06 16.68
N VAL A 4 37.26 -33.31 16.72
CA VAL A 4 37.84 -34.65 16.51
C VAL A 4 37.20 -35.69 17.50
N ASP A 5 36.95 -35.28 18.75
CA ASP A 5 36.25 -36.18 19.70
C ASP A 5 34.84 -36.45 19.18
N GLY A 6 34.20 -35.40 18.68
CA GLY A 6 32.90 -35.53 18.08
C GLY A 6 32.90 -36.50 16.90
N PHE A 7 33.91 -36.37 16.04
CA PHE A 7 34.09 -37.31 14.97
C PHE A 7 34.30 -38.73 15.51
N LEU A 8 35.12 -38.88 16.54
CA LEU A 8 35.37 -40.21 17.10
C LEU A 8 34.07 -40.78 17.68
N GLU A 9 33.26 -39.95 18.35
CA GLU A 9 31.89 -40.39 18.75
C GLU A 9 30.97 -40.83 17.58
N LEU A 10 30.91 -40.03 16.51
CA LEU A 10 30.24 -40.42 15.30
C LEU A 10 30.73 -41.78 14.79
N GLU A 11 32.05 -41.91 14.72
CA GLU A 11 32.66 -43.19 14.32
C GLU A 11 32.36 -44.39 15.23
N ARG A 12 32.36 -44.19 16.54
CA ARG A 12 31.97 -45.27 17.51
C ARG A 12 30.46 -45.55 17.59
N SER A 13 29.60 -44.76 16.93
CA SER A 13 28.16 -44.83 17.19
C SER A 13 27.60 -46.06 16.53
N SER A 14 26.48 -46.59 16.97
CA SER A 14 25.80 -47.59 16.10
C SER A 14 24.43 -47.10 15.68
N GLY A 15 24.19 -47.19 14.38
CA GLY A 15 22.94 -46.81 13.81
C GLY A 15 22.81 -45.34 13.46
N LYS A 16 21.89 -45.14 12.53
CA LYS A 16 21.44 -43.82 12.08
C LYS A 16 20.97 -42.94 13.23
N LEU A 17 20.24 -43.52 14.20
CA LEU A 17 19.67 -42.72 15.28
C LEU A 17 20.74 -42.09 16.12
N GLU A 18 21.70 -42.90 16.59
CA GLU A 18 22.76 -42.35 17.48
C GLU A 18 23.64 -41.31 16.74
N TRP A 19 24.00 -41.66 15.52
CA TRP A 19 24.83 -40.78 14.69
C TRP A 19 24.16 -39.38 14.51
N SER A 20 22.88 -39.37 14.04
CA SER A 20 22.00 -38.17 14.07
C SER A 20 22.05 -37.38 15.30
N ALA A 21 21.85 -38.03 16.45
CA ALA A 21 21.85 -37.35 17.74
C ALA A 21 23.19 -36.67 18.02
N ILE A 22 24.28 -37.37 17.70
CA ILE A 22 25.61 -36.77 17.87
C ILE A 22 25.82 -35.59 16.94
N LEU A 23 25.46 -35.76 15.69
CA LEU A 23 25.72 -34.68 14.71
C LEU A 23 24.85 -33.45 15.13
N GLN A 24 23.60 -33.69 15.55
CA GLN A 24 22.71 -32.60 15.98
C GLN A 24 23.21 -31.82 17.17
N LYS A 25 23.77 -32.58 18.14
CA LYS A 25 24.34 -31.98 19.33
C LYS A 25 25.60 -31.13 18.99
N MET A 26 26.45 -31.67 18.12
CA MET A 26 27.60 -30.91 17.67
C MET A 26 27.19 -29.59 17.01
N ALA A 27 26.14 -29.63 16.17
CA ALA A 27 25.64 -28.39 15.53
C ALA A 27 25.03 -27.43 16.54
N SER A 28 24.30 -28.00 17.49
CA SER A 28 23.62 -27.20 18.53
C SER A 28 24.62 -26.56 19.47
N ASP A 29 25.65 -27.33 19.81
CA ASP A 29 26.73 -26.80 20.62
C ASP A 29 27.42 -25.70 19.95
N LEU A 30 27.50 -25.77 18.63
CA LEU A 30 28.13 -24.68 17.90
C LEU A 30 27.26 -23.43 17.76
N GLY A 31 25.95 -23.53 18.06
CA GLY A 31 24.98 -22.41 17.92
C GLY A 31 23.88 -22.53 16.84
N PHE A 32 23.81 -23.66 16.14
CA PHE A 32 22.84 -23.85 15.12
C PHE A 32 21.71 -24.68 15.65
N SER A 33 20.46 -24.38 15.31
CA SER A 33 19.33 -25.11 15.86
C SER A 33 18.86 -26.27 14.96
N LYS A 34 18.83 -26.05 13.68
CA LYS A 34 18.34 -27.06 12.78
C LYS A 34 19.40 -27.40 11.76
N ILE A 35 19.51 -28.68 11.48
CA ILE A 35 20.43 -29.16 10.47
C ILE A 35 19.79 -30.22 9.58
N LEU A 36 20.28 -30.28 8.36
CA LEU A 36 19.99 -31.39 7.45
C LEU A 36 21.33 -31.80 6.79
N PHE A 37 21.63 -33.09 6.90
CA PHE A 37 22.76 -33.75 6.27
C PHE A 37 22.17 -34.68 5.24
N GLY A 38 22.47 -34.42 3.98
CA GLY A 38 21.88 -35.10 2.83
C GLY A 38 23.03 -35.67 1.97
N LEU A 39 22.86 -36.89 1.50
CA LEU A 39 23.95 -37.58 0.76
C LEU A 39 23.41 -38.57 -0.29
N LEU A 40 23.91 -38.43 -1.50
CA LEU A 40 23.62 -39.33 -2.62
C LEU A 40 24.85 -40.18 -3.02
N PRO A 41 24.63 -41.44 -3.47
CA PRO A 41 25.76 -42.21 -4.03
C PRO A 41 26.28 -41.67 -5.36
N LYS A 42 27.54 -41.93 -5.66
CA LYS A 42 28.05 -41.68 -6.99
C LYS A 42 27.03 -41.85 -8.08
N ASP A 43 26.94 -40.84 -8.92
CA ASP A 43 26.17 -40.84 -10.15
C ASP A 43 24.67 -40.52 -9.96
N SER A 44 24.11 -40.88 -8.83
CA SER A 44 22.72 -40.58 -8.57
C SER A 44 22.41 -39.07 -8.65
N GLN A 45 21.34 -38.74 -9.35
CA GLN A 45 20.68 -37.44 -9.19
C GLN A 45 19.28 -37.63 -8.55
N ASP A 46 19.14 -38.69 -7.72
CA ASP A 46 17.86 -39.14 -7.12
C ASP A 46 17.56 -38.45 -5.74
N TYR A 47 17.32 -37.15 -5.77
CA TYR A 47 17.32 -36.32 -4.55
C TYR A 47 16.30 -36.76 -3.52
N GLU A 48 15.17 -37.31 -3.96
CA GLU A 48 14.13 -37.86 -3.05
C GLU A 48 14.58 -39.19 -2.35
N ASN A 49 15.47 -39.98 -2.95
CA ASN A 49 15.99 -41.17 -2.25
C ASN A 49 17.40 -40.90 -1.68
N ALA A 50 17.67 -39.63 -1.35
CA ALA A 50 18.92 -39.31 -0.69
C ALA A 50 18.91 -39.86 0.72
N PHE A 51 20.06 -40.27 1.22
CA PHE A 51 20.27 -40.54 2.64
C PHE A 51 20.17 -39.20 3.36
N ILE A 52 19.23 -39.10 4.29
CA ILE A 52 19.02 -37.83 4.96
C ILE A 52 19.03 -38.00 6.46
N VAL A 53 19.79 -37.14 7.11
CA VAL A 53 19.81 -37.07 8.58
C VAL A 53 19.52 -35.64 9.07
N GLY A 54 18.81 -35.56 10.19
CA GLY A 54 18.72 -34.30 10.95
C GLY A 54 17.36 -34.03 11.53
N ASN A 55 17.13 -32.76 11.87
CA ASN A 55 16.01 -32.39 12.71
C ASN A 55 15.18 -31.27 12.06
N TYR A 56 15.25 -31.16 10.75
CA TYR A 56 14.29 -30.29 10.01
C TYR A 56 12.86 -30.80 10.32
N PRO A 57 11.88 -29.90 10.40
CA PRO A 57 10.51 -30.40 10.62
C PRO A 57 10.11 -31.43 9.55
N ALA A 58 9.55 -32.57 9.99
CA ALA A 58 9.12 -33.61 9.08
C ALA A 58 8.18 -33.15 7.96
N ALA A 59 7.27 -32.28 8.27
CA ALA A 59 6.31 -31.90 7.28
C ALA A 59 6.97 -30.97 6.21
N TRP A 60 8.08 -30.32 6.59
CA TRP A 60 8.82 -29.47 5.63
C TRP A 60 9.58 -30.38 4.68
N ARG A 61 10.24 -31.37 5.25
CA ARG A 61 10.82 -32.42 4.40
C ARG A 61 9.85 -33.09 3.48
N GLU A 62 8.64 -33.39 3.94
CA GLU A 62 7.64 -33.99 3.08
C GLU A 62 7.28 -33.05 1.96
N HIS A 63 7.06 -31.80 2.30
CA HIS A 63 6.62 -30.79 1.36
C HIS A 63 7.71 -30.60 0.27
N TYR A 64 8.97 -30.58 0.70
CA TYR A 64 10.11 -30.46 -0.27
C TYR A 64 10.10 -31.56 -1.29
N ASP A 65 9.95 -32.79 -0.82
CA ASP A 65 9.84 -33.99 -1.67
C ASP A 65 8.66 -33.88 -2.60
N ARG A 66 7.47 -33.67 -2.05
CA ARG A 66 6.24 -33.57 -2.87
C ARG A 66 6.25 -32.42 -3.88
N ALA A 67 6.80 -31.27 -3.52
CA ALA A 67 6.86 -30.14 -4.43
C ALA A 67 8.04 -30.25 -5.37
N GLY A 68 8.90 -31.24 -5.24
CA GLY A 68 10.07 -31.33 -6.13
C GLY A 68 11.04 -30.17 -5.99
N TYR A 69 11.18 -29.64 -4.77
CA TYR A 69 12.08 -28.51 -4.56
C TYR A 69 13.58 -28.79 -4.81
N ALA A 70 14.00 -30.05 -4.87
CA ALA A 70 15.37 -30.34 -5.25
C ALA A 70 15.73 -29.74 -6.63
N ARG A 71 14.77 -29.55 -7.52
CA ARG A 71 15.06 -28.94 -8.80
C ARG A 71 14.94 -27.40 -8.75
N VAL A 72 14.57 -26.82 -7.60
CA VAL A 72 14.28 -25.42 -7.42
C VAL A 72 15.30 -24.74 -6.49
N ASP A 73 15.41 -25.30 -5.28
CA ASP A 73 16.33 -24.94 -4.23
C ASP A 73 17.68 -24.55 -4.84
N PRO A 74 18.09 -23.26 -4.72
CA PRO A 74 19.33 -22.83 -5.38
C PRO A 74 20.59 -23.42 -4.73
N THR A 75 20.49 -23.94 -3.51
CA THR A 75 21.66 -24.50 -2.89
C THR A 75 21.99 -25.83 -3.55
N VAL A 76 20.98 -26.47 -4.11
CA VAL A 76 21.23 -27.75 -4.78
C VAL A 76 22.06 -27.60 -6.06
N SER A 77 21.64 -26.74 -6.99
CA SER A 77 22.53 -26.50 -8.15
C SER A 77 23.97 -26.05 -7.71
N HIS A 78 24.04 -25.24 -6.66
CA HIS A 78 25.32 -24.77 -6.18
C HIS A 78 26.22 -25.92 -5.71
N CYS A 79 25.65 -26.86 -4.95
CA CYS A 79 26.37 -28.01 -4.49
C CYS A 79 26.96 -28.85 -5.65
N THR A 80 26.27 -28.94 -6.77
CA THR A 80 26.73 -29.67 -7.91
C THR A 80 27.86 -28.97 -8.63
N GLN A 81 28.09 -27.69 -8.36
CA GLN A 81 29.12 -26.91 -9.02
C GLN A 81 30.33 -26.49 -8.19
N SER A 82 30.19 -26.53 -6.86
CA SER A 82 31.16 -25.91 -5.96
C SER A 82 31.35 -26.70 -4.68
N VAL A 83 32.55 -26.58 -4.08
CA VAL A 83 32.87 -27.04 -2.72
C VAL A 83 32.78 -25.93 -1.67
N LEU A 84 32.46 -24.72 -2.08
CA LEU A 84 32.40 -23.55 -1.15
C LEU A 84 30.98 -23.40 -0.54
N PRO A 85 30.86 -22.85 0.66
CA PRO A 85 29.53 -22.72 1.23
C PRO A 85 28.72 -21.74 0.51
N ILE A 86 27.41 -21.87 0.63
CA ILE A 86 26.48 -20.89 0.10
C ILE A 86 25.56 -20.48 1.20
N PHE A 87 25.58 -19.18 1.50
CA PHE A 87 24.81 -18.61 2.58
C PHE A 87 23.40 -18.31 2.08
N TRP A 88 22.41 -18.42 2.94
CA TRP A 88 21.01 -18.20 2.55
C TRP A 88 20.60 -16.72 2.41
N GLU A 89 21.27 -16.01 1.52
CA GLU A 89 21.04 -14.60 1.27
C GLU A 89 19.87 -14.47 0.30
N PRO A 90 19.07 -13.41 0.48
CA PRO A 90 17.96 -13.24 -0.46
C PRO A 90 18.35 -13.26 -1.92
N SER A 91 19.51 -12.72 -2.24
CA SER A 91 19.96 -12.74 -3.64
C SER A 91 20.16 -14.16 -4.27
N ILE A 92 20.25 -15.24 -3.46
CA ILE A 92 20.31 -16.56 -4.15
C ILE A 92 18.99 -17.03 -4.70
N TYR A 93 17.86 -16.44 -4.26
CA TYR A 93 16.53 -16.86 -4.73
C TYR A 93 16.12 -15.97 -5.94
N GLN A 94 16.18 -16.49 -7.17
CA GLN A 94 16.13 -15.60 -8.35
C GLN A 94 14.86 -15.84 -9.16
N THR A 95 14.53 -17.11 -9.43
CA THR A 95 13.33 -17.47 -10.15
C THR A 95 12.10 -17.33 -9.31
N ARG A 96 10.97 -17.32 -9.99
CA ARG A 96 9.69 -17.22 -9.30
C ARG A 96 9.52 -18.42 -8.36
N LYS A 97 9.78 -19.62 -8.84
CA LYS A 97 9.70 -20.81 -7.99
C LYS A 97 10.69 -20.70 -6.80
N GLN A 98 11.87 -20.11 -7.04
CA GLN A 98 12.82 -19.90 -5.94
C GLN A 98 12.29 -18.98 -4.88
N HIS A 99 11.56 -17.93 -5.28
CA HIS A 99 10.90 -17.06 -4.28
C HIS A 99 9.85 -17.79 -3.47
N GLU A 100 9.11 -18.67 -4.13
CA GLU A 100 8.10 -19.44 -3.42
C GLU A 100 8.82 -20.36 -2.39
N PHE A 101 9.92 -20.96 -2.82
CA PHE A 101 10.72 -21.85 -1.98
C PHE A 101 11.24 -21.04 -0.82
N PHE A 102 11.82 -19.86 -1.03
CA PHE A 102 12.25 -19.03 0.15
C PHE A 102 11.14 -18.79 1.19
N GLU A 103 9.98 -18.39 0.68
CA GLU A 103 8.82 -18.11 1.54
C GLU A 103 8.35 -19.36 2.28
N GLU A 104 8.29 -20.50 1.61
CA GLU A 104 7.86 -21.74 2.30
C GLU A 104 8.87 -22.28 3.31
N ALA A 105 10.16 -22.20 2.97
CA ALA A 105 11.22 -22.60 3.89
C ALA A 105 11.14 -21.71 5.15
N SER A 106 10.94 -20.42 4.90
CA SER A 106 10.91 -19.44 5.95
C SER A 106 9.71 -19.69 6.86
N ALA A 107 8.57 -20.04 6.30
CA ALA A 107 7.40 -20.42 7.15
C ALA A 107 7.69 -21.63 8.01
N ALA A 108 8.68 -22.45 7.63
CA ALA A 108 9.09 -23.61 8.43
C ALA A 108 10.10 -23.32 9.52
N GLY A 109 10.48 -22.06 9.66
CA GLY A 109 11.54 -21.71 10.56
C GLY A 109 12.95 -21.75 9.97
N LEU A 110 13.05 -22.03 8.66
CA LEU A 110 14.37 -22.15 8.00
C LEU A 110 14.58 -20.92 7.12
N VAL A 111 15.08 -19.87 7.73
CA VAL A 111 15.30 -18.60 7.01
C VAL A 111 16.72 -18.13 7.03
N TYR A 112 17.41 -18.24 8.16
CA TYR A 112 18.81 -17.88 8.20
C TYR A 112 19.63 -19.16 8.28
N GLY A 113 20.69 -19.19 7.47
CA GLY A 113 21.54 -20.38 7.39
C GLY A 113 22.57 -20.38 6.29
N LEU A 114 23.19 -21.55 6.18
CA LEU A 114 24.08 -21.86 5.08
C LEU A 114 24.00 -23.32 4.78
N THR A 115 24.51 -23.63 3.59
CA THR A 115 24.65 -24.96 3.07
C THR A 115 26.15 -25.18 2.69
N MET A 116 26.77 -26.17 3.33
CA MET A 116 28.10 -26.65 2.93
C MET A 116 27.98 -27.79 1.90
N PRO A 117 28.47 -27.62 0.64
CA PRO A 117 28.49 -28.79 -0.29
C PRO A 117 29.37 -29.89 0.22
N LEU A 118 28.97 -31.14 -0.09
CA LEU A 118 29.70 -32.33 0.31
C LEU A 118 30.06 -33.06 -0.95
N HIS A 119 31.37 -33.31 -1.15
CA HIS A 119 31.85 -34.14 -2.22
C HIS A 119 32.82 -35.17 -1.69
N GLY A 120 32.38 -36.43 -1.66
CA GLY A 120 33.14 -37.47 -0.99
C GLY A 120 34.14 -38.09 -1.94
N ALA A 121 35.05 -38.86 -1.35
CA ALA A 121 36.17 -39.52 -2.03
C ALA A 121 35.77 -40.67 -2.96
N ARG A 122 34.56 -41.21 -2.81
CA ARG A 122 33.99 -42.16 -3.77
C ARG A 122 32.89 -41.55 -4.65
N GLY A 123 32.93 -40.22 -4.84
CA GLY A 123 31.96 -39.56 -5.67
C GLY A 123 30.59 -39.27 -5.05
N GLU A 124 30.44 -39.46 -3.76
CA GLU A 124 29.19 -39.08 -3.06
C GLU A 124 28.93 -37.57 -3.21
N LEU A 125 27.67 -37.20 -3.22
CA LEU A 125 27.25 -35.84 -3.46
C LEU A 125 26.27 -35.53 -2.40
N GLY A 126 26.48 -34.43 -1.69
CA GLY A 126 25.63 -34.04 -0.61
C GLY A 126 25.68 -32.57 -0.21
N ALA A 127 25.03 -32.32 0.91
CA ALA A 127 24.84 -31.04 1.51
C ALA A 127 24.71 -31.20 3.00
N LEU A 128 25.42 -30.36 3.77
CA LEU A 128 25.12 -30.09 5.14
C LEU A 128 24.61 -28.67 5.28
N SER A 129 23.30 -28.60 5.44
CA SER A 129 22.57 -27.36 5.70
C SER A 129 22.41 -27.15 7.20
N LEU A 130 22.70 -25.92 7.68
CA LEU A 130 22.48 -25.59 9.07
C LEU A 130 21.76 -24.25 9.12
N SER A 131 20.70 -24.21 9.88
CA SER A 131 20.03 -22.97 10.09
C SER A 131 20.31 -22.42 11.48
N VAL A 132 20.17 -21.11 11.61
CA VAL A 132 20.46 -20.40 12.82
C VAL A 132 19.22 -19.57 13.22
N GLU A 133 18.77 -19.77 14.45
CA GLU A 133 17.68 -18.95 15.03
C GLU A 133 18.33 -17.70 15.59
N ALA A 134 18.11 -16.60 14.91
CA ALA A 134 18.63 -15.30 15.27
C ALA A 134 17.44 -14.39 15.15
N GLU A 135 17.61 -13.16 15.58
CA GLU A 135 16.48 -12.21 15.61
C GLU A 135 16.38 -11.58 14.25
N ASN A 136 17.47 -11.56 13.49
CA ASN A 136 17.44 -10.97 12.14
C ASN A 136 18.64 -11.43 11.40
N ARG A 137 18.70 -11.12 10.10
CA ARG A 137 19.70 -11.74 9.19
C ARG A 137 21.07 -11.17 9.50
N ALA A 138 21.13 -9.87 9.84
CA ALA A 138 22.40 -9.23 10.24
C ALA A 138 23.06 -9.95 11.39
N GLU A 139 22.30 -10.20 12.47
CA GLU A 139 22.80 -11.01 13.59
C GLU A 139 23.20 -12.44 13.12
N ALA A 140 22.34 -13.12 12.34
CA ALA A 140 22.71 -14.51 11.89
C ALA A 140 24.06 -14.53 11.12
N ASN A 141 24.31 -13.52 10.31
CA ASN A 141 25.51 -13.51 9.49
C ASN A 141 26.79 -13.24 10.35
N ARG A 142 26.63 -12.38 11.36
CA ARG A 142 27.68 -12.22 12.36
C ARG A 142 27.97 -13.48 13.05
N PHE A 143 26.93 -14.19 13.49
CA PHE A 143 27.13 -15.44 14.12
C PHE A 143 27.90 -16.45 13.20
N MET A 144 27.45 -16.58 11.95
CA MET A 144 27.92 -17.59 11.07
C MET A 144 29.35 -17.34 10.66
N GLU A 145 29.69 -16.07 10.38
CA GLU A 145 31.11 -15.67 10.18
C GLU A 145 32.05 -16.05 11.35
N SER A 146 31.57 -15.86 12.58
CA SER A 146 32.35 -16.17 13.78
C SER A 146 32.61 -17.69 13.97
N VAL A 147 31.78 -18.56 13.41
CA VAL A 147 31.98 -20.00 13.61
C VAL A 147 32.35 -20.75 12.32
N LEU A 148 32.50 -19.98 11.24
CA LEU A 148 32.65 -20.57 9.93
C LEU A 148 33.84 -21.57 9.88
N PRO A 149 35.03 -21.20 10.40
CA PRO A 149 36.13 -22.15 10.27
C PRO A 149 35.90 -23.51 11.01
N THR A 150 35.25 -23.50 12.15
CA THR A 150 34.85 -24.78 12.79
C THR A 150 33.85 -25.58 11.90
N LEU A 151 32.86 -24.86 11.39
CA LEU A 151 31.88 -25.46 10.55
C LEU A 151 32.50 -26.10 9.27
N TRP A 152 33.45 -25.42 8.67
CA TRP A 152 34.10 -25.86 7.47
C TRP A 152 34.84 -27.20 7.72
N MET A 153 35.45 -27.36 8.87
CA MET A 153 36.09 -28.67 9.22
C MET A 153 35.01 -29.68 9.56
N LEU A 154 34.00 -29.22 10.30
CA LEU A 154 32.88 -30.10 10.69
C LEU A 154 32.22 -30.81 9.49
N LYS A 155 31.92 -30.08 8.42
CA LYS A 155 31.20 -30.69 7.32
C LYS A 155 31.95 -31.84 6.70
N ASP A 156 33.27 -31.71 6.60
CA ASP A 156 34.12 -32.81 6.15
C ASP A 156 34.20 -34.02 7.06
N TYR A 157 34.34 -33.85 8.37
CA TYR A 157 34.23 -34.99 9.33
C TYR A 157 32.88 -35.66 9.22
N ALA A 158 31.82 -34.84 9.17
CA ALA A 158 30.46 -35.40 9.01
C ALA A 158 30.32 -36.21 7.68
N LEU A 159 30.92 -35.71 6.60
CA LEU A 159 30.87 -36.42 5.33
C LEU A 159 31.61 -37.74 5.39
N GLN A 160 32.81 -37.71 5.97
CA GLN A 160 33.68 -38.88 6.00
C GLN A 160 32.98 -39.95 6.84
N SER A 161 32.49 -39.59 8.01
CA SER A 161 31.75 -40.55 8.89
C SER A 161 30.44 -40.98 8.30
N GLY A 162 29.63 -40.00 7.84
CA GLY A 162 28.31 -40.30 7.33
C GLY A 162 28.24 -41.02 6.00
N ALA A 163 29.24 -40.84 5.15
CA ALA A 163 29.29 -41.64 3.92
C ALA A 163 29.46 -43.15 4.27
N GLY A 164 30.27 -43.46 5.25
CA GLY A 164 30.36 -44.82 5.77
C GLY A 164 28.97 -45.33 6.17
N LEU A 165 28.37 -44.61 7.14
CA LEU A 165 27.01 -44.90 7.63
C LEU A 165 25.98 -45.12 6.51
N ALA A 166 26.01 -44.30 5.48
CA ALA A 166 25.03 -44.36 4.38
C ALA A 166 25.24 -45.51 3.39
N PHE A 167 26.48 -45.83 3.01
CA PHE A 167 26.72 -46.67 1.80
C PHE A 167 27.70 -47.89 1.88
N GLU A 168 28.34 -48.08 3.01
CA GLU A 168 29.33 -49.11 3.21
C GLU A 168 28.66 -50.30 3.92
N LEU B 3 42.14 -14.44 3.90
CA LEU B 3 41.96 -15.72 3.13
C LEU B 3 41.05 -15.47 1.92
N VAL B 4 39.86 -14.91 2.16
CA VAL B 4 38.91 -14.63 1.10
C VAL B 4 39.54 -13.68 0.04
N ASP B 5 40.30 -12.69 0.48
CA ASP B 5 41.05 -11.79 -0.44
C ASP B 5 42.09 -12.58 -1.24
N GLY B 6 42.66 -13.62 -0.62
CA GLY B 6 43.54 -14.52 -1.34
C GLY B 6 42.84 -15.28 -2.42
N PHE B 7 41.65 -15.79 -2.10
CA PHE B 7 40.81 -16.48 -3.06
C PHE B 7 40.45 -15.54 -4.23
N LEU B 8 40.07 -14.30 -3.91
CA LEU B 8 39.81 -13.29 -4.93
C LEU B 8 41.01 -13.02 -5.77
N GLU B 9 42.19 -12.95 -5.16
CA GLU B 9 43.41 -12.79 -5.99
C GLU B 9 43.64 -13.98 -6.88
N LEU B 10 43.47 -15.19 -6.36
CA LEU B 10 43.52 -16.38 -7.20
C LEU B 10 42.58 -16.27 -8.40
N GLU B 11 41.33 -15.91 -8.12
CA GLU B 11 40.34 -15.77 -9.18
C GLU B 11 40.48 -14.53 -10.13
N ARG B 12 41.42 -13.63 -9.86
CA ARG B 12 41.76 -12.57 -10.78
C ARG B 12 43.10 -12.80 -11.44
N SER B 13 43.71 -13.96 -11.23
CA SER B 13 45.10 -14.20 -11.66
C SER B 13 45.07 -14.49 -13.15
N SER B 14 46.16 -14.25 -13.85
CA SER B 14 46.11 -14.56 -15.29
C SER B 14 47.34 -15.36 -15.46
N GLY B 15 47.05 -16.67 -15.50
CA GLY B 15 47.93 -17.78 -15.79
C GLY B 15 48.25 -18.72 -14.64
N LYS B 16 48.80 -19.89 -15.00
CA LYS B 16 49.24 -20.88 -14.04
C LYS B 16 50.40 -20.34 -13.15
N LEU B 17 51.32 -19.60 -13.77
CA LEU B 17 52.46 -19.08 -13.00
C LEU B 17 51.96 -18.13 -11.89
N GLU B 18 51.10 -17.19 -12.26
CA GLU B 18 50.60 -16.24 -11.28
C GLU B 18 49.80 -16.92 -10.15
N TRP B 19 48.95 -17.85 -10.54
CA TRP B 19 48.15 -18.57 -9.60
C TRP B 19 48.99 -19.34 -8.58
N SER B 20 49.99 -20.06 -9.08
CA SER B 20 51.00 -20.71 -8.26
C SER B 20 51.69 -19.77 -7.27
N ALA B 21 52.12 -18.61 -7.75
CA ALA B 21 52.79 -17.57 -6.91
C ALA B 21 51.87 -17.07 -5.76
N ILE B 22 50.61 -16.82 -6.08
CA ILE B 22 49.63 -16.41 -5.04
C ILE B 22 49.41 -17.54 -4.01
N LEU B 23 49.20 -18.75 -4.47
CA LEU B 23 48.99 -19.88 -3.53
C LEU B 23 50.21 -20.16 -2.61
N GLN B 24 51.40 -20.11 -3.19
CA GLN B 24 52.63 -20.27 -2.40
C GLN B 24 52.77 -19.18 -1.34
N LYS B 25 52.35 -17.97 -1.68
CA LYS B 25 52.53 -16.82 -0.77
C LYS B 25 51.52 -16.97 0.35
N MET B 26 50.28 -17.35 0.03
CA MET B 26 49.30 -17.67 1.03
C MET B 26 49.75 -18.82 1.97
N ALA B 27 50.43 -19.83 1.47
CA ALA B 27 50.93 -20.88 2.33
C ALA B 27 52.06 -20.40 3.22
N SER B 28 52.98 -19.70 2.59
CA SER B 28 54.10 -19.11 3.26
C SER B 28 53.61 -18.12 4.36
N ASP B 29 52.65 -17.24 4.06
CA ASP B 29 52.10 -16.32 5.09
C ASP B 29 51.50 -17.06 6.29
N LEU B 30 50.93 -18.22 6.02
CA LEU B 30 50.38 -19.04 7.09
C LEU B 30 51.47 -19.71 7.93
N GLY B 31 52.69 -19.80 7.40
CA GLY B 31 53.84 -20.32 8.12
C GLY B 31 54.36 -21.65 7.56
N PHE B 32 53.89 -22.08 6.38
CA PHE B 32 54.42 -23.28 5.72
C PHE B 32 55.56 -22.87 4.83
N SER B 33 56.41 -23.80 4.42
CA SER B 33 57.52 -23.46 3.53
C SER B 33 57.40 -23.98 2.09
N LYS B 34 57.05 -25.24 1.89
CA LYS B 34 56.88 -25.77 0.56
C LYS B 34 55.50 -26.33 0.38
N ILE B 35 54.97 -26.24 -0.83
CA ILE B 35 53.68 -26.78 -1.13
C ILE B 35 53.68 -27.46 -2.48
N LEU B 36 52.73 -28.38 -2.61
CA LEU B 36 52.42 -29.01 -3.87
C LEU B 36 50.89 -29.15 -3.90
N PHE B 37 50.27 -28.59 -4.94
CA PHE B 37 48.88 -28.70 -5.26
C PHE B 37 48.87 -29.53 -6.53
N GLY B 38 48.22 -30.68 -6.44
CA GLY B 38 48.03 -31.60 -7.52
C GLY B 38 46.58 -31.91 -7.80
N LEU B 39 46.21 -31.97 -9.08
CA LEU B 39 44.82 -32.21 -9.43
C LEU B 39 44.72 -32.98 -10.72
N LEU B 40 43.94 -34.05 -10.67
CA LEU B 40 43.52 -34.82 -11.87
C LEU B 40 42.06 -34.59 -12.25
N PRO B 41 41.73 -34.63 -13.56
CA PRO B 41 40.32 -34.67 -13.96
C PRO B 41 39.66 -35.96 -13.54
N LYS B 42 38.32 -35.93 -13.54
CA LYS B 42 37.45 -37.08 -13.22
C LYS B 42 37.84 -38.36 -13.96
N ASP B 43 37.85 -39.49 -13.25
CA ASP B 43 38.14 -40.83 -13.81
C ASP B 43 39.51 -41.00 -14.42
N SER B 44 40.43 -40.10 -14.08
CA SER B 44 41.81 -40.29 -14.44
C SER B 44 42.54 -40.76 -13.17
N GLN B 45 43.42 -41.74 -13.34
CA GLN B 45 44.46 -42.04 -12.32
C GLN B 45 45.79 -42.01 -13.05
N ASP B 46 45.85 -41.10 -14.04
CA ASP B 46 46.96 -40.92 -14.96
C ASP B 46 47.91 -39.90 -14.29
N TYR B 47 48.46 -40.33 -13.13
CA TYR B 47 49.13 -39.48 -12.11
C TYR B 47 50.28 -38.60 -12.62
N GLU B 48 50.81 -38.87 -13.83
CA GLU B 48 51.80 -37.99 -14.53
C GLU B 48 51.15 -36.79 -15.29
N ASN B 49 49.88 -36.92 -15.72
CA ASN B 49 49.22 -35.90 -16.58
C ASN B 49 48.20 -34.98 -15.83
N ALA B 50 48.64 -34.66 -14.62
CA ALA B 50 47.92 -33.89 -13.65
C ALA B 50 48.36 -32.44 -13.71
N PHE B 51 47.46 -31.55 -13.27
CA PHE B 51 47.82 -30.19 -13.02
C PHE B 51 48.53 -30.16 -11.67
N ILE B 52 49.81 -29.80 -11.71
CA ILE B 52 50.67 -29.75 -10.56
C ILE B 52 51.32 -28.38 -10.47
N VAL B 53 51.25 -27.81 -9.27
CA VAL B 53 51.70 -26.44 -9.01
C VAL B 53 52.40 -26.45 -7.64
N GLY B 54 53.46 -25.65 -7.51
CA GLY B 54 54.03 -25.32 -6.22
C GLY B 54 55.52 -25.27 -6.30
N ASN B 55 56.18 -25.53 -5.19
CA ASN B 55 57.59 -25.20 -5.11
C ASN B 55 58.48 -26.24 -4.42
N TYR B 56 58.02 -27.48 -4.46
CA TYR B 56 58.86 -28.61 -4.15
C TYR B 56 60.13 -28.57 -5.08
N PRO B 57 61.26 -29.10 -4.57
CA PRO B 57 62.48 -29.21 -5.40
C PRO B 57 62.18 -29.87 -6.71
N ALA B 58 62.59 -29.24 -7.82
CA ALA B 58 62.31 -29.79 -9.15
C ALA B 58 62.85 -31.23 -9.33
N ALA B 59 64.01 -31.49 -8.74
CA ALA B 59 64.62 -32.80 -8.92
C ALA B 59 63.85 -33.84 -8.07
N TRP B 60 63.23 -33.39 -6.98
CA TRP B 60 62.30 -34.32 -6.23
C TRP B 60 61.02 -34.69 -6.99
N ARG B 61 60.38 -33.70 -7.59
CA ARG B 61 59.24 -33.96 -8.44
C ARG B 61 59.59 -34.92 -9.60
N GLU B 62 60.74 -34.70 -10.25
CA GLU B 62 61.17 -35.61 -11.35
C GLU B 62 61.37 -37.06 -10.85
N HIS B 63 62.04 -37.17 -9.72
CA HIS B 63 62.31 -38.45 -9.12
C HIS B 63 61.01 -39.21 -8.76
N TYR B 64 60.06 -38.45 -8.24
CA TYR B 64 58.77 -39.01 -7.80
C TYR B 64 58.04 -39.63 -8.96
N ASP B 65 58.02 -38.94 -10.10
CA ASP B 65 57.47 -39.51 -11.36
C ASP B 65 58.26 -40.73 -11.88
N ARG B 66 59.61 -40.65 -11.93
CA ARG B 66 60.44 -41.77 -12.45
C ARG B 66 60.32 -43.03 -11.59
N ALA B 67 60.31 -42.86 -10.29
CA ALA B 67 60.15 -43.96 -9.37
C ALA B 67 58.71 -44.49 -9.24
N GLY B 68 57.70 -43.90 -9.86
CA GLY B 68 56.36 -44.38 -9.67
C GLY B 68 55.82 -44.21 -8.25
N TYR B 69 56.25 -43.17 -7.55
CA TYR B 69 55.96 -43.00 -6.13
C TYR B 69 54.48 -42.69 -5.89
N ALA B 70 53.75 -42.31 -6.93
CA ALA B 70 52.31 -42.12 -6.82
C ALA B 70 51.63 -43.39 -6.40
N ARG B 71 52.24 -44.53 -6.76
CA ARG B 71 51.71 -45.81 -6.34
C ARG B 71 52.17 -46.26 -4.93
N VAL B 72 53.04 -45.53 -4.28
CA VAL B 72 53.64 -45.92 -3.02
C VAL B 72 53.26 -44.94 -1.89
N ASP B 73 53.37 -43.67 -2.23
CA ASP B 73 53.04 -42.57 -1.30
C ASP B 73 51.74 -42.84 -0.56
N PRO B 74 51.81 -42.99 0.76
CA PRO B 74 50.61 -43.32 1.52
C PRO B 74 49.59 -42.20 1.52
N THR B 75 50.01 -40.96 1.25
CA THR B 75 49.05 -39.83 1.15
C THR B 75 48.17 -39.96 -0.05
N VAL B 76 48.68 -40.53 -1.14
CA VAL B 76 47.87 -40.73 -2.35
C VAL B 76 46.76 -41.72 -2.12
N SER B 77 47.04 -42.94 -1.67
CA SER B 77 45.91 -43.86 -1.39
C SER B 77 44.94 -43.27 -0.36
N HIS B 78 45.46 -42.60 0.67
CA HIS B 78 44.60 -41.90 1.62
C HIS B 78 43.61 -40.88 0.96
N CYS B 79 44.09 -40.08 -0.01
CA CYS B 79 43.29 -39.15 -0.79
C CYS B 79 42.19 -39.82 -1.62
N THR B 80 42.42 -41.06 -2.11
CA THR B 80 41.42 -41.78 -2.84
C THR B 80 40.33 -42.29 -1.88
N GLN B 81 40.57 -42.39 -0.58
CA GLN B 81 39.59 -42.90 0.40
C GLN B 81 38.99 -41.91 1.45
N SER B 82 39.51 -40.68 1.51
CA SER B 82 39.07 -39.73 2.55
C SER B 82 39.15 -38.27 2.13
N VAL B 83 38.38 -37.46 2.86
CA VAL B 83 38.37 -36.03 2.70
C VAL B 83 39.15 -35.41 3.85
N LEU B 84 39.60 -36.22 4.78
CA LEU B 84 40.25 -35.68 5.95
C LEU B 84 41.79 -35.56 5.73
N PRO B 85 42.46 -34.68 6.48
CA PRO B 85 43.86 -34.51 6.26
C PRO B 85 44.61 -35.71 6.77
N ILE B 86 45.79 -35.96 6.21
CA ILE B 86 46.68 -37.01 6.73
C ILE B 86 48.04 -36.37 7.02
N PHE B 87 48.44 -36.47 8.28
CA PHE B 87 49.64 -35.83 8.78
C PHE B 87 50.82 -36.74 8.48
N TRP B 88 51.99 -36.17 8.15
CA TRP B 88 53.12 -36.98 7.75
C TRP B 88 53.81 -37.57 9.00
N GLU B 89 53.21 -38.59 9.53
CA GLU B 89 53.63 -39.19 10.79
C GLU B 89 54.41 -40.43 10.42
N PRO B 90 55.39 -40.80 11.23
CA PRO B 90 56.08 -42.10 10.96
C PRO B 90 55.14 -43.29 10.72
N SER B 91 54.02 -43.34 11.44
CA SER B 91 53.11 -44.46 11.30
C SER B 91 52.43 -44.63 9.92
N ILE B 92 52.44 -43.61 9.05
CA ILE B 92 51.85 -43.78 7.71
C ILE B 92 52.74 -44.50 6.68
N TYR B 93 54.02 -44.69 7.02
CA TYR B 93 55.01 -45.38 6.19
C TYR B 93 55.15 -46.80 6.70
N GLN B 94 54.55 -47.78 6.01
CA GLN B 94 54.49 -49.14 6.49
C GLN B 94 55.28 -50.09 5.62
N THR B 95 55.08 -50.00 4.30
CA THR B 95 55.80 -50.90 3.38
C THR B 95 57.28 -50.50 3.25
N ARG B 96 58.08 -51.40 2.73
CA ARG B 96 59.47 -51.12 2.45
C ARG B 96 59.63 -49.97 1.47
N LYS B 97 58.82 -50.01 0.39
CA LYS B 97 58.82 -48.90 -0.54
C LYS B 97 58.41 -47.57 0.15
N GLN B 98 57.41 -47.61 1.01
CA GLN B 98 57.01 -46.41 1.77
C GLN B 98 58.15 -45.91 2.66
N HIS B 99 58.94 -46.82 3.21
CA HIS B 99 60.15 -46.40 3.94
C HIS B 99 61.18 -45.71 3.12
N GLU B 100 61.42 -46.23 1.94
CA GLU B 100 62.37 -45.64 1.01
C GLU B 100 61.83 -44.24 0.57
N PHE B 101 60.53 -44.16 0.37
CA PHE B 101 59.88 -42.89 0.03
C PHE B 101 60.14 -41.82 1.10
N PHE B 102 59.87 -42.19 2.35
CA PHE B 102 60.07 -41.31 3.51
C PHE B 102 61.52 -40.83 3.51
N GLU B 103 62.44 -41.75 3.25
CA GLU B 103 63.86 -41.39 3.32
C GLU B 103 64.24 -40.39 2.25
N GLU B 104 63.79 -40.63 1.05
CA GLU B 104 64.13 -39.79 -0.09
C GLU B 104 63.44 -38.42 0.03
N ALA B 105 62.17 -38.41 0.50
CA ALA B 105 61.45 -37.13 0.70
C ALA B 105 62.17 -36.33 1.78
N SER B 106 62.62 -37.03 2.83
CA SER B 106 63.31 -36.40 3.89
C SER B 106 64.65 -35.76 3.45
N ALA B 107 65.40 -36.48 2.62
CA ALA B 107 66.62 -35.94 1.99
C ALA B 107 66.32 -34.75 1.08
N ALA B 108 65.08 -34.69 0.58
CA ALA B 108 64.62 -33.54 -0.15
C ALA B 108 64.18 -32.36 0.71
N GLY B 109 64.41 -32.42 2.02
CA GLY B 109 63.90 -31.48 2.97
C GLY B 109 62.42 -31.59 3.31
N LEU B 110 61.67 -32.57 2.78
CA LEU B 110 60.23 -32.71 3.13
C LEU B 110 60.11 -33.81 4.21
N VAL B 111 59.99 -33.38 5.45
CA VAL B 111 59.86 -34.33 6.59
C VAL B 111 58.59 -34.17 7.41
N TYR B 112 58.31 -32.95 7.87
CA TYR B 112 57.12 -32.63 8.63
C TYR B 112 56.14 -31.92 7.71
N GLY B 113 54.88 -32.23 7.91
CA GLY B 113 53.81 -31.60 7.11
C GLY B 113 52.53 -32.39 7.12
N LEU B 114 51.66 -32.02 6.19
CA LEU B 114 50.37 -32.74 6.00
C LEU B 114 49.91 -32.70 4.55
N THR B 115 49.06 -33.62 4.20
CA THR B 115 48.39 -33.59 2.95
C THR B 115 46.88 -33.45 3.15
N MET B 116 46.24 -32.46 2.48
CA MET B 116 44.79 -32.29 2.45
C MET B 116 44.27 -32.89 1.16
N PRO B 117 43.39 -33.91 1.24
CA PRO B 117 42.81 -34.42 -0.02
C PRO B 117 41.86 -33.40 -0.64
N LEU B 118 41.68 -33.48 -1.95
CA LEU B 118 40.85 -32.56 -2.70
C LEU B 118 39.88 -33.36 -3.53
N HIS B 119 38.58 -33.16 -3.33
CA HIS B 119 37.61 -33.81 -4.12
C HIS B 119 36.67 -32.74 -4.64
N GLY B 120 36.73 -32.46 -5.94
CA GLY B 120 35.97 -31.37 -6.54
C GLY B 120 34.57 -31.77 -6.93
N ALA B 121 33.76 -30.74 -7.23
CA ALA B 121 32.35 -30.93 -7.47
C ALA B 121 32.10 -31.60 -8.85
N ARG B 122 33.12 -31.64 -9.71
CA ARG B 122 33.03 -32.37 -10.96
C ARG B 122 33.90 -33.60 -10.98
N GLY B 123 34.19 -34.14 -9.80
CA GLY B 123 34.91 -35.42 -9.69
C GLY B 123 36.42 -35.28 -9.86
N GLU B 124 36.95 -34.06 -9.83
CA GLU B 124 38.42 -33.85 -9.79
C GLU B 124 38.96 -34.48 -8.52
N LEU B 125 40.19 -34.97 -8.58
CA LEU B 125 40.80 -35.72 -7.52
C LEU B 125 42.18 -35.14 -7.36
N GLY B 126 42.54 -34.75 -6.12
CA GLY B 126 43.81 -34.13 -5.86
C GLY B 126 44.28 -34.10 -4.44
N ALA B 127 45.26 -33.27 -4.25
CA ALA B 127 45.90 -33.11 -2.99
C ALA B 127 46.59 -31.75 -2.92
N LEU B 128 46.58 -31.21 -1.71
CA LEU B 128 47.33 -30.08 -1.36
C LEU B 128 48.25 -30.52 -0.16
N SER B 129 49.55 -30.61 -0.44
CA SER B 129 50.54 -31.00 0.53
C SER B 129 51.35 -29.78 0.94
N LEU B 130 51.63 -29.67 2.24
CA LEU B 130 52.33 -28.49 2.75
C LEU B 130 53.34 -28.98 3.76
N SER B 131 54.59 -28.60 3.55
CA SER B 131 55.64 -28.97 4.50
C SER B 131 55.91 -27.83 5.45
N VAL B 132 56.37 -28.17 6.65
CA VAL B 132 56.71 -27.20 7.69
C VAL B 132 58.15 -27.47 8.19
N GLU B 133 58.87 -26.36 8.34
CA GLU B 133 60.21 -26.31 8.89
C GLU B 133 60.04 -26.35 10.39
N ALA B 134 60.64 -27.29 11.09
CA ALA B 134 60.58 -27.25 12.54
C ALA B 134 61.77 -27.94 13.17
N GLU B 135 62.00 -27.64 14.43
CA GLU B 135 63.11 -28.26 15.14
C GLU B 135 62.82 -29.72 15.36
N ASN B 136 61.57 -30.04 15.69
CA ASN B 136 61.15 -31.43 15.93
C ASN B 136 59.66 -31.62 15.56
N ARG B 137 59.22 -32.88 15.55
CA ARG B 137 57.88 -33.25 15.09
C ARG B 137 56.83 -32.70 16.05
N ALA B 138 57.23 -32.52 17.29
CA ALA B 138 56.32 -31.98 18.27
C ALA B 138 56.03 -30.50 17.98
N GLU B 139 57.07 -29.71 17.76
CA GLU B 139 56.95 -28.31 17.33
C GLU B 139 56.13 -28.15 16.01
N ALA B 140 56.48 -28.96 15.02
CA ALA B 140 55.73 -29.07 13.78
C ALA B 140 54.21 -29.30 13.98
N ASN B 141 53.87 -30.35 14.73
CA ASN B 141 52.47 -30.71 15.06
C ASN B 141 51.68 -29.64 15.79
N ARG B 142 52.32 -28.99 16.72
CA ARG B 142 51.73 -27.82 17.38
C ARG B 142 51.49 -26.68 16.38
N PHE B 143 52.47 -26.37 15.52
CA PHE B 143 52.25 -25.35 14.54
C PHE B 143 51.01 -25.67 13.64
N MET B 144 50.94 -26.92 13.16
CA MET B 144 49.91 -27.34 12.24
C MET B 144 48.52 -27.30 12.87
N GLU B 145 48.43 -27.74 14.13
CA GLU B 145 47.18 -27.62 14.91
C GLU B 145 46.76 -26.15 15.04
N SER B 146 47.69 -25.24 15.28
CA SER B 146 47.27 -23.86 15.43
C SER B 146 46.69 -23.25 14.12
N VAL B 147 47.05 -23.76 12.93
CA VAL B 147 46.56 -23.16 11.68
C VAL B 147 45.59 -24.06 10.92
N LEU B 148 45.23 -25.22 11.49
CA LEU B 148 44.47 -26.21 10.75
C LEU B 148 43.12 -25.63 10.29
N PRO B 149 42.46 -24.78 11.11
CA PRO B 149 41.17 -24.33 10.62
C PRO B 149 41.24 -23.43 9.41
N THR B 150 42.27 -22.60 9.33
CA THR B 150 42.50 -21.75 8.18
C THR B 150 42.85 -22.60 6.96
N LEU B 151 43.70 -23.60 7.18
CA LEU B 151 44.14 -24.50 6.11
C LEU B 151 42.99 -25.28 5.50
N TRP B 152 42.07 -25.69 6.36
CA TRP B 152 40.96 -26.52 5.97
C TRP B 152 40.06 -25.71 5.04
N MET B 153 39.95 -24.40 5.28
CA MET B 153 39.19 -23.52 4.38
C MET B 153 40.01 -23.27 3.09
N LEU B 154 41.31 -22.98 3.26
CA LEU B 154 42.19 -22.74 2.14
C LEU B 154 42.14 -23.83 1.12
N LYS B 155 42.15 -25.09 1.56
CA LYS B 155 42.22 -26.19 0.56
C LYS B 155 41.02 -26.23 -0.37
N ASP B 156 39.85 -25.85 0.17
CA ASP B 156 38.65 -25.82 -0.63
C ASP B 156 38.62 -24.60 -1.55
N TYR B 157 38.98 -23.43 -1.08
CA TYR B 157 39.21 -22.26 -1.98
C TYR B 157 40.24 -22.53 -3.08
N ALA B 158 41.31 -23.24 -2.72
CA ALA B 158 42.35 -23.63 -3.74
C ALA B 158 41.82 -24.62 -4.76
N LEU B 159 41.05 -25.60 -4.27
CA LEU B 159 40.41 -26.58 -5.13
C LEU B 159 39.44 -25.92 -6.09
N GLN B 160 38.57 -25.06 -5.56
CA GLN B 160 37.54 -24.45 -6.42
C GLN B 160 38.16 -23.55 -7.53
N SER B 161 39.06 -22.61 -7.17
CA SER B 161 39.75 -21.79 -8.16
C SER B 161 40.63 -22.68 -9.07
N GLY B 162 41.44 -23.54 -8.48
CA GLY B 162 42.37 -24.38 -9.28
C GLY B 162 41.78 -25.29 -10.35
N ALA B 163 40.63 -25.88 -10.02
CA ALA B 163 39.92 -26.74 -10.92
C ALA B 163 39.52 -25.98 -12.19
N GLY B 164 39.11 -24.73 -12.04
CA GLY B 164 38.69 -23.89 -13.17
C GLY B 164 39.89 -23.50 -13.98
N LEU B 165 41.03 -23.30 -13.34
CA LEU B 165 42.23 -23.00 -14.06
C LEU B 165 42.80 -24.19 -14.80
N ALA B 166 42.83 -25.33 -14.15
CA ALA B 166 43.44 -26.53 -14.71
C ALA B 166 42.62 -27.10 -15.86
N PHE B 167 41.28 -27.01 -15.81
CA PHE B 167 40.42 -27.78 -16.70
C PHE B 167 39.47 -26.90 -17.54
N GLU B 168 39.98 -25.85 -18.19
CA GLU B 168 39.16 -24.99 -19.05
C GLU B 168 39.63 -24.98 -20.48
N LEU C 3 6.09 33.37 -5.76
CA LEU C 3 5.42 32.91 -7.00
C LEU C 3 5.74 31.49 -7.27
N VAL C 4 7.03 31.17 -7.11
CA VAL C 4 7.52 29.87 -7.54
C VAL C 4 6.81 28.79 -6.71
N ASP C 5 6.56 29.08 -5.43
CA ASP C 5 5.85 28.15 -4.56
C ASP C 5 4.45 27.89 -5.14
N GLY C 6 3.83 28.98 -5.60
CA GLY C 6 2.53 28.92 -6.27
C GLY C 6 2.54 28.00 -7.44
N PHE C 7 3.51 28.19 -8.34
CA PHE C 7 3.65 27.32 -9.47
C PHE C 7 3.76 25.85 -8.99
N LEU C 8 4.55 25.60 -7.95
CA LEU C 8 4.74 24.18 -7.47
C LEU C 8 3.45 23.62 -6.86
N GLU C 9 2.71 24.46 -6.13
CA GLU C 9 1.33 24.08 -5.70
C GLU C 9 0.42 23.75 -6.89
N LEU C 10 0.41 24.64 -7.86
CA LEU C 10 -0.30 24.38 -9.10
C LEU C 10 0.14 23.03 -9.67
N GLU C 11 1.43 22.82 -9.79
CA GLU C 11 1.91 21.56 -10.39
C GLU C 11 1.57 20.33 -9.57
N ARG C 12 1.53 20.52 -8.25
CA ARG C 12 1.15 19.45 -7.29
C ARG C 12 -0.33 19.14 -7.22
N SER C 13 -1.19 20.03 -7.70
CA SER C 13 -2.62 19.90 -7.47
C SER C 13 -3.19 18.77 -8.28
N SER C 14 -4.34 18.27 -7.90
CA SER C 14 -4.95 17.25 -8.69
C SER C 14 -6.30 17.84 -9.03
N GLY C 15 -6.60 17.87 -10.31
CA GLY C 15 -7.83 18.37 -10.80
C GLY C 15 -7.89 19.89 -10.99
N LYS C 16 -8.86 20.26 -11.80
CA LYS C 16 -9.19 21.62 -12.17
C LYS C 16 -9.64 22.43 -10.97
N LEU C 17 -10.35 21.82 -10.01
CA LEU C 17 -10.89 22.56 -8.89
C LEU C 17 -9.81 23.10 -7.98
N GLU C 18 -8.89 22.22 -7.59
CA GLU C 18 -7.79 22.61 -6.79
C GLU C 18 -6.89 23.63 -7.56
N TRP C 19 -6.58 23.34 -8.83
CA TRP C 19 -5.80 24.27 -9.69
C TRP C 19 -6.42 25.69 -9.69
N SER C 20 -7.72 25.76 -9.94
CA SER C 20 -8.45 27.04 -9.95
C SER C 20 -8.37 27.75 -8.62
N ALA C 21 -8.47 27.02 -7.51
CA ALA C 21 -8.51 27.65 -6.19
C ALA C 21 -7.15 28.27 -5.88
N ILE C 22 -6.09 27.58 -6.29
CA ILE C 22 -4.77 28.08 -6.08
C ILE C 22 -4.52 29.33 -6.92
N LEU C 23 -4.87 29.27 -8.22
CA LEU C 23 -4.68 30.38 -9.11
C LEU C 23 -5.47 31.62 -8.61
N GLN C 24 -6.76 31.43 -8.25
CA GLN C 24 -7.59 32.53 -7.75
C GLN C 24 -7.01 33.11 -6.44
N LYS C 25 -6.40 32.27 -5.60
CA LYS C 25 -5.81 32.76 -4.36
C LYS C 25 -4.57 33.57 -4.67
N MET C 26 -3.73 33.12 -5.60
CA MET C 26 -2.56 33.94 -5.99
C MET C 26 -3.01 35.29 -6.58
N ALA C 27 -4.06 35.29 -7.38
CA ALA C 27 -4.58 36.54 -7.95
C ALA C 27 -5.12 37.48 -6.85
N SER C 28 -5.88 36.88 -5.94
CA SER C 28 -6.51 37.65 -4.86
C SER C 28 -5.44 38.18 -3.90
N ASP C 29 -4.43 37.36 -3.60
CA ASP C 29 -3.25 37.83 -2.90
C ASP C 29 -2.52 39.00 -3.54
N LEU C 30 -2.52 39.07 -4.85
CA LEU C 30 -1.93 40.22 -5.53
C LEU C 30 -2.87 41.46 -5.59
N GLY C 31 -4.16 41.31 -5.26
CA GLY C 31 -5.14 42.40 -5.21
C GLY C 31 -6.21 42.36 -6.30
N PHE C 32 -6.28 41.30 -7.11
CA PHE C 32 -7.34 41.14 -8.08
C PHE C 32 -8.43 40.25 -7.50
N SER C 33 -9.68 40.69 -7.61
CA SER C 33 -10.81 39.91 -7.10
C SER C 33 -11.43 38.93 -8.12
N LYS C 34 -11.33 39.22 -9.41
CA LYS C 34 -11.81 38.32 -10.44
C LYS C 34 -10.74 37.96 -11.46
N ILE C 35 -10.73 36.70 -11.84
CA ILE C 35 -9.91 36.24 -12.94
C ILE C 35 -10.56 35.22 -13.84
N LEU C 36 -10.09 35.22 -15.09
CA LEU C 36 -10.36 34.17 -16.07
C LEU C 36 -9.06 33.75 -16.78
N PHE C 37 -8.82 32.43 -16.79
CA PHE C 37 -7.72 31.77 -17.53
C PHE C 37 -8.43 30.96 -18.61
N GLY C 38 -8.18 31.31 -19.85
CA GLY C 38 -8.80 30.70 -21.04
C GLY C 38 -7.71 30.20 -21.97
N LEU C 39 -7.86 29.00 -22.49
CA LEU C 39 -6.78 28.35 -23.22
C LEU C 39 -7.39 27.45 -24.33
N LEU C 40 -6.84 27.59 -25.52
CA LEU C 40 -7.20 26.80 -26.69
C LEU C 40 -6.00 26.04 -27.19
N PRO C 41 -6.24 24.82 -27.70
CA PRO C 41 -5.09 24.07 -28.22
C PRO C 41 -4.63 24.65 -29.61
N LYS C 42 -3.45 24.27 -30.08
CA LYS C 42 -2.96 24.67 -31.38
C LYS C 42 -3.98 24.60 -32.54
N ASP C 43 -4.03 25.69 -33.29
CA ASP C 43 -4.90 25.95 -34.42
C ASP C 43 -6.42 25.98 -34.14
N SER C 44 -6.86 25.91 -32.88
CA SER C 44 -8.28 26.11 -32.64
C SER C 44 -8.62 27.61 -32.58
N GLN C 45 -9.76 27.95 -33.17
CA GLN C 45 -10.39 29.25 -33.03
C GLN C 45 -11.75 29.06 -32.39
N ASP C 46 -11.92 27.96 -31.67
CA ASP C 46 -13.21 27.62 -31.13
C ASP C 46 -13.40 28.17 -29.70
N TYR C 47 -13.44 29.52 -29.62
CA TYR C 47 -13.37 30.27 -28.35
C TYR C 47 -14.46 29.83 -27.40
N GLU C 48 -15.62 29.46 -27.91
CA GLU C 48 -16.72 29.06 -27.04
C GLU C 48 -16.43 27.76 -26.28
N ASN C 49 -15.57 26.88 -26.82
CA ASN C 49 -15.14 25.70 -26.08
C ASN C 49 -13.73 25.79 -25.56
N ALA C 50 -13.21 26.98 -25.28
CA ALA C 50 -11.92 27.06 -24.61
C ALA C 50 -11.95 26.36 -23.23
N PHE C 51 -10.81 25.90 -22.77
CA PHE C 51 -10.64 25.50 -21.37
C PHE C 51 -10.64 26.78 -20.52
N ILE C 52 -11.53 26.88 -19.57
CA ILE C 52 -11.72 28.12 -18.80
C ILE C 52 -11.66 27.82 -17.36
N VAL C 53 -10.82 28.55 -16.66
CA VAL C 53 -10.72 28.54 -15.20
C VAL C 53 -10.98 29.94 -14.63
N GLY C 54 -11.57 29.95 -13.44
CA GLY C 54 -11.67 31.13 -12.61
C GLY C 54 -13.05 31.43 -12.01
N ASN C 55 -13.23 32.68 -11.56
CA ASN C 55 -14.38 33.07 -10.77
C ASN C 55 -15.17 34.22 -11.40
N TYR C 56 -15.14 34.37 -12.74
CA TYR C 56 -16.07 35.28 -13.42
C TYR C 56 -17.47 34.78 -13.14
N PRO C 57 -18.45 35.71 -13.03
CA PRO C 57 -19.79 35.18 -12.79
C PRO C 57 -20.28 34.23 -13.84
N ALA C 58 -20.85 33.11 -13.41
CA ALA C 58 -21.33 32.14 -14.36
C ALA C 58 -22.26 32.74 -15.39
N ALA C 59 -23.15 33.63 -14.97
CA ALA C 59 -24.15 34.19 -15.89
C ALA C 59 -23.47 35.11 -16.90
N TRP C 60 -22.38 35.77 -16.51
CA TRP C 60 -21.59 36.53 -17.50
C TRP C 60 -20.92 35.61 -18.58
N ARG C 61 -20.30 34.53 -18.15
CA ARG C 61 -19.66 33.56 -19.07
C ARG C 61 -20.65 32.97 -20.06
N GLU C 62 -21.85 32.63 -19.60
CA GLU C 62 -22.94 32.14 -20.48
C GLU C 62 -23.40 33.16 -21.49
N HIS C 63 -23.62 34.39 -21.03
CA HIS C 63 -24.01 35.49 -21.89
C HIS C 63 -22.90 35.77 -22.93
N TYR C 64 -21.63 35.81 -22.49
CA TYR C 64 -20.47 35.96 -23.45
C TYR C 64 -20.57 34.98 -24.61
N ASP C 65 -20.80 33.74 -24.24
CA ASP C 65 -20.99 32.63 -25.18
C ASP C 65 -22.17 32.85 -26.11
N ARG C 66 -23.31 33.11 -25.50
CA ARG C 66 -24.55 33.19 -26.19
C ARG C 66 -24.57 34.41 -27.04
N ALA C 67 -23.93 35.51 -26.67
CA ALA C 67 -23.93 36.72 -27.54
C ALA C 67 -22.82 36.73 -28.60
N GLY C 68 -21.98 35.71 -28.61
CA GLY C 68 -20.84 35.69 -29.47
C GLY C 68 -19.77 36.73 -29.24
N TYR C 69 -19.52 37.06 -27.96
CA TYR C 69 -18.60 38.17 -27.66
C TYR C 69 -17.14 37.89 -27.94
N ALA C 70 -16.76 36.62 -28.16
CA ALA C 70 -15.40 36.36 -28.66
C ALA C 70 -15.09 37.10 -29.98
N ARG C 71 -16.13 37.39 -30.76
CA ARG C 71 -15.96 38.17 -31.96
C ARG C 71 -16.06 39.68 -31.75
N VAL C 72 -16.38 40.14 -30.55
CA VAL C 72 -16.49 41.56 -30.21
C VAL C 72 -15.39 42.07 -29.29
N ASP C 73 -15.22 41.34 -28.18
CA ASP C 73 -14.15 41.56 -27.20
C ASP C 73 -12.88 41.90 -27.91
N PRO C 74 -12.38 43.13 -27.80
CA PRO C 74 -11.12 43.57 -28.39
C PRO C 74 -9.91 42.86 -27.84
N THR C 75 -9.99 42.30 -26.64
CA THR C 75 -8.85 41.57 -26.09
C THR C 75 -8.55 40.29 -26.87
N VAL C 76 -9.57 39.73 -27.51
CA VAL C 76 -9.41 38.46 -28.24
C VAL C 76 -8.52 38.56 -29.47
N SER C 77 -8.82 39.48 -30.37
CA SER C 77 -7.92 39.73 -31.49
C SER C 77 -6.55 40.20 -31.01
N HIS C 78 -6.47 40.99 -29.95
CA HIS C 78 -5.19 41.36 -29.44
C HIS C 78 -4.31 40.16 -29.05
N CYS C 79 -4.90 39.27 -28.27
CA CYS C 79 -4.23 37.99 -27.98
C CYS C 79 -3.68 37.21 -29.18
N THR C 80 -4.38 37.18 -30.30
CA THR C 80 -3.89 36.44 -31.47
C THR C 80 -2.71 37.18 -32.15
N GLN C 81 -2.44 38.42 -31.81
CA GLN C 81 -1.42 39.26 -32.44
C GLN C 81 -0.23 39.62 -31.59
N SER C 82 -0.30 39.36 -30.30
CA SER C 82 0.70 39.94 -29.41
C SER C 82 0.91 39.11 -28.18
N VAL C 83 2.08 39.25 -27.61
CA VAL C 83 2.42 38.67 -26.33
C VAL C 83 2.38 39.68 -25.20
N LEU C 84 2.06 40.95 -25.50
CA LEU C 84 2.07 42.02 -24.52
C LEU C 84 0.66 42.20 -23.94
N PRO C 85 0.57 42.64 -22.71
CA PRO C 85 -0.76 42.86 -22.13
C PRO C 85 -1.57 43.95 -22.79
N ILE C 86 -2.87 43.78 -22.75
CA ILE C 86 -3.81 44.82 -23.13
C ILE C 86 -4.63 45.21 -21.88
N PHE C 87 -4.42 46.45 -21.43
CA PHE C 87 -5.17 47.04 -20.32
C PHE C 87 -6.55 47.44 -20.79
N TRP C 88 -7.56 47.36 -19.89
CA TRP C 88 -8.95 47.60 -20.28
C TRP C 88 -9.23 49.12 -20.29
N GLU C 89 -8.52 49.81 -21.18
CA GLU C 89 -8.57 51.24 -21.31
C GLU C 89 -9.75 51.62 -22.21
N PRO C 90 -10.33 52.83 -22.03
CA PRO C 90 -11.50 53.17 -22.85
C PRO C 90 -11.28 53.12 -24.36
N SER C 91 -10.06 53.40 -24.84
CA SER C 91 -9.76 53.41 -26.26
C SER C 91 -9.79 52.03 -26.92
N ILE C 92 -9.86 50.90 -26.16
CA ILE C 92 -9.95 49.58 -26.81
C ILE C 92 -11.33 49.23 -27.28
N TYR C 93 -12.33 49.96 -26.72
CA TYR C 93 -13.70 49.76 -27.14
C TYR C 93 -14.07 50.82 -28.20
N GLN C 94 -13.97 50.40 -29.46
CA GLN C 94 -14.03 51.29 -30.60
C GLN C 94 -15.38 51.26 -31.30
N THR C 95 -15.94 50.08 -31.58
CA THR C 95 -17.23 49.97 -32.26
C THR C 95 -18.38 50.10 -31.26
N ARG C 96 -19.59 50.37 -31.75
CA ARG C 96 -20.77 50.32 -30.93
C ARG C 96 -20.99 48.99 -30.21
N LYS C 97 -20.77 47.87 -30.92
CA LYS C 97 -20.91 46.57 -30.31
C LYS C 97 -19.89 46.43 -29.13
N GLN C 98 -18.71 47.01 -29.28
CA GLN C 98 -17.68 46.92 -28.22
C GLN C 98 -18.06 47.87 -27.04
N HIS C 99 -18.80 48.95 -27.33
CA HIS C 99 -19.33 49.81 -26.28
C HIS C 99 -20.32 49.10 -25.45
N GLU C 100 -21.17 48.35 -26.10
CA GLU C 100 -22.17 47.53 -25.44
C GLU C 100 -21.49 46.43 -24.63
N PHE C 101 -20.43 45.85 -25.21
CA PHE C 101 -19.64 44.81 -24.53
C PHE C 101 -19.10 45.34 -23.21
N PHE C 102 -18.43 46.47 -23.30
CA PHE C 102 -18.05 47.26 -22.10
C PHE C 102 -19.15 47.48 -21.04
N GLU C 103 -20.34 47.93 -21.47
CA GLU C 103 -21.44 48.12 -20.54
C GLU C 103 -21.85 46.84 -19.88
N GLU C 104 -21.94 45.75 -20.65
CA GLU C 104 -22.42 44.46 -20.06
C GLU C 104 -21.38 43.86 -19.09
N ALA C 105 -20.11 43.88 -19.50
CA ALA C 105 -19.02 43.40 -18.65
C ALA C 105 -19.00 44.15 -17.31
N SER C 106 -19.13 45.47 -17.41
CA SER C 106 -19.14 46.34 -16.26
C SER C 106 -20.35 46.07 -15.36
N ALA C 107 -21.51 45.83 -15.95
CA ALA C 107 -22.67 45.35 -15.15
C ALA C 107 -22.34 44.04 -14.39
N ALA C 108 -21.42 43.20 -14.90
CA ALA C 108 -21.03 41.98 -14.20
C ALA C 108 -19.93 42.19 -13.18
N GLY C 109 -19.54 43.46 -12.98
CA GLY C 109 -18.47 43.77 -12.09
C GLY C 109 -17.08 43.84 -12.76
N LEU C 110 -16.97 43.77 -14.06
CA LEU C 110 -15.69 43.63 -14.74
C LEU C 110 -15.50 44.89 -15.48
N VAL C 111 -14.85 45.86 -14.84
CA VAL C 111 -14.62 47.16 -15.48
C VAL C 111 -13.17 47.53 -15.57
N TYR C 112 -12.40 47.32 -14.50
CA TYR C 112 -10.99 47.60 -14.54
C TYR C 112 -10.16 46.31 -14.52
N GLY C 113 -9.10 46.30 -15.32
CA GLY C 113 -8.32 45.11 -15.42
C GLY C 113 -7.39 45.13 -16.60
N LEU C 114 -6.85 43.95 -16.87
CA LEU C 114 -5.95 43.71 -18.03
C LEU C 114 -6.06 42.27 -18.42
N THR C 115 -5.72 42.00 -19.67
CA THR C 115 -5.65 40.67 -20.25
C THR C 115 -4.21 40.42 -20.76
N MET C 116 -3.56 39.39 -20.19
CA MET C 116 -2.25 38.95 -20.60
C MET C 116 -2.38 37.84 -21.62
N PRO C 117 -1.94 38.05 -22.87
CA PRO C 117 -2.08 36.90 -23.85
C PRO C 117 -1.22 35.72 -23.44
N LEU C 118 -1.60 34.52 -23.85
CA LEU C 118 -0.82 33.34 -23.51
C LEU C 118 -0.49 32.65 -24.83
N HIS C 119 0.76 32.29 -24.98
CA HIS C 119 1.21 31.55 -26.20
C HIS C 119 2.15 30.46 -25.77
N GLY C 120 1.69 29.21 -25.79
CA GLY C 120 2.42 28.15 -25.20
C GLY C 120 3.45 27.57 -26.14
N ALA C 121 4.30 26.74 -25.60
CA ALA C 121 5.37 26.12 -26.38
C ALA C 121 4.89 25.06 -27.39
N ARG C 122 3.64 24.59 -27.26
CA ARG C 122 3.02 23.70 -28.26
C ARG C 122 1.91 24.40 -29.03
N GLY C 123 1.95 25.73 -29.13
CA GLY C 123 0.97 26.41 -30.00
C GLY C 123 -0.36 26.76 -29.31
N GLU C 124 -0.43 26.55 -28.00
CA GLU C 124 -1.64 26.86 -27.19
C GLU C 124 -1.82 28.36 -27.25
N LEU C 125 -3.07 28.80 -27.26
CA LEU C 125 -3.46 30.19 -27.44
C LEU C 125 -4.40 30.51 -26.31
N GLY C 126 -4.12 31.58 -25.57
CA GLY C 126 -4.96 31.85 -24.42
C GLY C 126 -4.96 33.29 -23.98
N ALA C 127 -5.57 33.49 -22.82
CA ALA C 127 -5.70 34.77 -22.15
C ALA C 127 -5.76 34.54 -20.66
N LEU C 128 -4.99 35.33 -19.90
CA LEU C 128 -5.24 35.45 -18.46
C LEU C 128 -5.77 36.85 -18.19
N SER C 129 -7.04 36.97 -17.88
CA SER C 129 -7.64 38.31 -17.54
C SER C 129 -7.78 38.42 -16.06
N LEU C 130 -7.40 39.59 -15.53
CA LEU C 130 -7.43 39.90 -14.10
C LEU C 130 -8.10 41.24 -13.90
N SER C 131 -9.14 41.23 -13.06
CA SER C 131 -9.90 42.42 -12.84
C SER C 131 -9.72 42.86 -11.40
N VAL C 132 -9.72 44.17 -11.20
CA VAL C 132 -9.51 44.82 -9.92
C VAL C 132 -10.69 45.75 -9.63
N GLU C 133 -11.09 45.74 -8.36
CA GLU C 133 -12.15 46.56 -7.81
C GLU C 133 -11.46 47.93 -7.45
N ALA C 134 -11.91 49.06 -8.00
CA ALA C 134 -11.32 50.33 -7.61
C ALA C 134 -12.36 51.46 -7.71
N GLU C 135 -12.05 52.62 -7.15
CA GLU C 135 -12.97 53.77 -7.10
C GLU C 135 -13.05 54.46 -8.46
N ASN C 136 -11.97 54.36 -9.25
CA ASN C 136 -11.98 54.84 -10.59
C ASN C 136 -10.80 54.27 -11.36
N ARG C 137 -10.70 54.61 -12.66
CA ARG C 137 -9.73 53.98 -13.52
C ARG C 137 -8.32 54.42 -13.22
N ALA C 138 -8.17 55.67 -12.77
CA ALA C 138 -6.87 56.16 -12.34
C ALA C 138 -6.31 55.35 -11.15
N GLU C 139 -7.18 55.01 -10.18
CA GLU C 139 -6.80 54.20 -9.02
C GLU C 139 -6.40 52.79 -9.47
N ALA C 140 -7.24 52.17 -10.33
CA ALA C 140 -6.95 50.83 -10.84
C ALA C 140 -5.61 50.81 -11.59
N ASN C 141 -5.30 51.80 -12.43
CA ASN C 141 -4.06 51.84 -13.20
C ASN C 141 -2.80 52.01 -12.33
N ARG C 142 -2.90 52.81 -11.27
CA ARG C 142 -1.80 52.93 -10.30
C ARG C 142 -1.54 51.60 -9.63
N PHE C 143 -2.63 50.95 -9.20
CA PHE C 143 -2.48 49.65 -8.61
C PHE C 143 -1.89 48.62 -9.58
N MET C 144 -2.47 48.48 -10.78
CA MET C 144 -2.00 47.47 -11.74
C MET C 144 -0.50 47.68 -12.14
N GLU C 145 -0.09 48.93 -12.23
CA GLU C 145 1.29 49.24 -12.57
C GLU C 145 2.22 48.79 -11.43
N SER C 146 1.76 48.93 -10.18
CA SER C 146 2.54 48.56 -9.05
C SER C 146 2.79 47.07 -9.00
N VAL C 147 1.87 46.22 -9.48
CA VAL C 147 2.11 44.78 -9.41
C VAL C 147 2.44 44.15 -10.76
N LEU C 148 2.60 44.97 -11.81
CA LEU C 148 2.68 44.49 -13.20
C LEU C 148 3.77 43.42 -13.43
N PRO C 149 5.03 43.64 -12.91
CA PRO C 149 6.11 42.65 -13.05
C PRO C 149 5.79 41.30 -12.45
N THR C 150 5.08 41.29 -11.33
CA THR C 150 4.65 40.04 -10.73
C THR C 150 3.60 39.33 -11.58
N LEU C 151 2.54 40.06 -12.01
CA LEU C 151 1.59 39.53 -13.02
C LEU C 151 2.23 38.94 -14.27
N TRP C 152 3.25 39.61 -14.75
CA TRP C 152 3.88 39.26 -15.97
C TRP C 152 4.54 37.91 -15.88
N MET C 153 5.14 37.63 -14.74
CA MET C 153 5.67 36.29 -14.45
C MET C 153 4.54 35.30 -14.23
N LEU C 154 3.58 35.70 -13.42
CA LEU C 154 2.40 34.83 -13.11
C LEU C 154 1.72 34.20 -14.33
N LYS C 155 1.48 35.00 -15.38
CA LYS C 155 0.82 34.51 -16.58
C LYS C 155 1.56 33.34 -17.23
N ASP C 156 2.89 33.44 -17.28
CA ASP C 156 3.69 32.35 -17.85
C ASP C 156 3.70 31.09 -16.97
N TYR C 157 3.78 31.23 -15.65
CA TYR C 157 3.70 30.04 -14.79
C TYR C 157 2.34 29.37 -14.96
N ALA C 158 1.27 30.18 -15.06
CA ALA C 158 -0.11 29.63 -15.19
C ALA C 158 -0.31 28.91 -16.49
N LEU C 159 0.23 29.49 -17.55
CA LEU C 159 0.18 28.86 -18.84
C LEU C 159 0.89 27.50 -18.84
N GLN C 160 2.12 27.51 -18.33
CA GLN C 160 2.95 26.34 -18.43
C GLN C 160 2.26 25.25 -17.59
N SER C 161 1.75 25.55 -16.42
CA SER C 161 0.99 24.51 -15.65
C SER C 161 -0.39 24.18 -16.30
N GLY C 162 -1.16 25.19 -16.65
CA GLY C 162 -2.51 24.98 -17.14
C GLY C 162 -2.61 24.27 -18.46
N ALA C 163 -1.56 24.40 -19.26
CA ALA C 163 -1.56 23.74 -20.54
C ALA C 163 -1.61 22.18 -20.40
N GLY C 164 -0.88 21.68 -19.43
CA GLY C 164 -0.84 20.23 -19.15
C GLY C 164 -2.18 19.77 -18.62
N LEU C 165 -2.75 20.57 -17.71
CA LEU C 165 -4.06 20.25 -17.13
C LEU C 165 -5.14 20.19 -18.17
N ALA C 166 -5.16 21.16 -19.08
CA ALA C 166 -6.15 21.23 -20.13
C ALA C 166 -6.08 20.14 -21.19
N PHE C 167 -4.88 19.85 -21.66
CA PHE C 167 -4.73 19.14 -22.95
C PHE C 167 -3.98 17.79 -22.85
N GLU C 168 -3.45 17.50 -21.67
CA GLU C 168 -2.64 16.29 -21.30
C GLU C 168 -3.16 15.77 -19.95
N VAL D 4 9.55 50.21 -20.41
CA VAL D 4 8.55 50.81 -21.33
C VAL D 4 9.32 51.60 -22.41
N ASP D 5 10.08 52.61 -21.98
CA ASP D 5 10.78 53.50 -22.91
C ASP D 5 11.94 52.79 -23.65
N GLY D 6 12.52 51.78 -23.03
CA GLY D 6 13.40 50.88 -23.72
C GLY D 6 12.70 50.15 -24.87
N PHE D 7 11.48 49.61 -24.66
CA PHE D 7 10.71 48.94 -25.75
C PHE D 7 10.36 49.93 -26.81
N LEU D 8 9.92 51.10 -26.35
CA LEU D 8 9.60 52.15 -27.28
C LEU D 8 10.80 52.45 -28.13
N GLU D 9 11.97 52.52 -27.50
CA GLU D 9 13.20 52.74 -28.26
C GLU D 9 13.47 51.57 -29.19
N LEU D 10 13.20 50.34 -28.72
CA LEU D 10 13.29 49.18 -29.63
C LEU D 10 12.40 49.39 -30.89
N GLU D 11 11.13 49.73 -30.64
CA GLU D 11 10.17 49.96 -31.71
C GLU D 11 10.55 51.11 -32.62
N ARG D 12 11.22 52.13 -32.09
CA ARG D 12 11.70 53.30 -32.87
C ARG D 12 13.02 53.08 -33.58
N SER D 13 13.58 51.90 -33.47
CA SER D 13 14.86 51.64 -34.07
C SER D 13 14.66 51.47 -35.59
N SER D 14 15.64 51.87 -36.39
CA SER D 14 15.51 51.69 -37.83
C SER D 14 16.59 50.72 -38.28
N GLY D 15 16.42 49.46 -37.87
CA GLY D 15 17.09 48.29 -38.44
C GLY D 15 17.76 47.37 -37.44
N LYS D 16 18.30 46.28 -37.97
CA LYS D 16 18.83 45.22 -37.14
C LYS D 16 19.97 45.71 -36.24
N LEU D 17 20.87 46.54 -36.78
CA LEU D 17 22.04 47.00 -36.05
C LEU D 17 21.62 47.85 -34.84
N GLU D 18 20.73 48.79 -35.06
CA GLU D 18 20.30 49.67 -33.98
C GLU D 18 19.50 48.89 -32.92
N TRP D 19 18.60 48.02 -33.40
CA TRP D 19 17.77 47.18 -32.53
C TRP D 19 18.65 46.33 -31.63
N SER D 20 19.66 45.70 -32.22
CA SER D 20 20.66 44.93 -31.51
C SER D 20 21.40 45.78 -30.48
N ALA D 21 21.80 47.01 -30.87
CA ALA D 21 22.49 47.93 -29.93
C ALA D 21 21.64 48.32 -28.73
N ILE D 22 20.37 48.64 -29.01
CA ILE D 22 19.42 48.98 -27.93
C ILE D 22 19.20 47.80 -26.95
N LEU D 23 18.91 46.59 -27.48
CA LEU D 23 18.73 45.40 -26.65
C LEU D 23 19.96 45.06 -25.81
N GLN D 24 21.14 45.11 -26.43
CA GLN D 24 22.39 44.90 -25.66
C GLN D 24 22.56 45.94 -24.53
N LYS D 25 22.25 47.20 -24.82
CA LYS D 25 22.39 48.22 -23.79
C LYS D 25 21.39 48.04 -22.67
N MET D 26 20.14 47.67 -22.97
CA MET D 26 19.18 47.34 -21.87
C MET D 26 19.71 46.15 -21.03
N ALA D 27 20.28 45.16 -21.68
CA ALA D 27 20.71 43.98 -20.95
C ALA D 27 21.88 44.40 -20.05
N SER D 28 22.78 45.16 -20.62
CA SER D 28 23.97 45.68 -19.93
C SER D 28 23.62 46.62 -18.75
N ASP D 29 22.69 47.55 -18.98
CA ASP D 29 22.17 48.40 -17.89
C ASP D 29 21.54 47.60 -16.78
N LEU D 30 20.91 46.50 -17.13
CA LEU D 30 20.31 45.67 -16.13
C LEU D 30 21.33 44.92 -15.28
N GLY D 31 22.53 44.73 -15.81
CA GLY D 31 23.63 44.04 -15.08
C GLY D 31 24.18 42.80 -15.78
N PHE D 32 23.74 42.54 -17.01
CA PHE D 32 24.11 41.30 -17.67
C PHE D 32 25.32 41.64 -18.50
N SER D 33 26.00 40.62 -18.98
CA SER D 33 27.23 40.81 -19.70
C SER D 33 27.07 40.66 -21.22
N LYS D 34 26.78 39.43 -21.66
CA LYS D 34 26.61 39.12 -23.06
C LYS D 34 25.22 38.60 -23.24
N ILE D 35 24.66 38.83 -24.43
CA ILE D 35 23.39 38.27 -24.81
C ILE D 35 23.34 37.70 -26.19
N LEU D 36 22.38 36.80 -26.36
CA LEU D 36 21.99 36.27 -27.65
C LEU D 36 20.47 36.17 -27.72
N PHE D 37 19.91 36.80 -28.76
CA PHE D 37 18.46 36.78 -29.08
C PHE D 37 18.36 36.07 -30.41
N GLY D 38 17.67 34.94 -30.41
CA GLY D 38 17.53 34.08 -31.55
C GLY D 38 16.07 33.85 -31.79
N LEU D 39 15.66 33.95 -33.03
CA LEU D 39 14.25 33.78 -33.34
C LEU D 39 14.09 33.13 -34.69
N LEU D 40 13.23 32.13 -34.71
CA LEU D 40 12.88 31.35 -35.91
C LEU D 40 11.39 31.55 -36.28
N PRO D 41 11.07 31.56 -37.59
CA PRO D 41 9.67 31.73 -37.98
C PRO D 41 8.95 30.43 -37.85
N LYS D 42 7.62 30.48 -37.86
CA LYS D 42 6.75 29.32 -37.60
C LYS D 42 7.12 28.14 -38.50
N ASP D 43 7.21 26.95 -37.90
CA ASP D 43 7.56 25.69 -38.54
C ASP D 43 8.87 25.72 -39.34
N SER D 44 9.82 26.54 -38.93
CA SER D 44 11.19 26.35 -39.35
C SER D 44 11.77 25.34 -38.38
N GLN D 45 12.12 24.17 -38.88
CA GLN D 45 13.05 23.28 -38.18
C GLN D 45 14.43 23.95 -38.12
N ASP D 46 14.80 24.42 -39.31
CA ASP D 46 16.13 24.87 -39.72
C ASP D 46 16.78 25.97 -38.84
N TYR D 47 17.34 25.54 -37.67
CA TYR D 47 18.01 26.42 -36.65
C TYR D 47 19.02 27.44 -37.22
N GLU D 48 19.25 27.45 -38.56
CA GLU D 48 20.12 28.44 -39.27
C GLU D 48 19.40 29.68 -39.82
N ASN D 49 18.38 29.51 -40.68
CA ASN D 49 17.85 30.66 -41.48
C ASN D 49 16.90 31.58 -40.70
N ALA D 50 17.52 32.10 -39.64
CA ALA D 50 16.98 32.55 -38.36
C ALA D 50 17.38 34.03 -38.09
N PHE D 51 16.72 34.67 -37.15
CA PHE D 51 17.08 36.01 -36.78
C PHE D 51 17.87 35.93 -35.47
N ILE D 52 19.17 36.12 -35.55
CA ILE D 52 20.04 36.08 -34.40
C ILE D 52 20.72 37.42 -34.20
N VAL D 53 20.65 37.92 -32.97
CA VAL D 53 21.25 39.18 -32.56
C VAL D 53 21.96 39.07 -31.22
N GLY D 54 23.07 39.80 -31.08
CA GLY D 54 23.78 39.87 -29.82
C GLY D 54 25.27 40.00 -29.91
N ASN D 55 25.94 39.78 -28.77
CA ASN D 55 27.33 40.12 -28.59
C ASN D 55 28.11 38.96 -28.03
N TYR D 56 27.62 37.74 -28.22
CA TYR D 56 28.44 36.59 -27.92
C TYR D 56 29.67 36.61 -28.84
N PRO D 57 30.81 36.04 -28.39
CA PRO D 57 31.95 35.98 -29.31
C PRO D 57 31.67 35.32 -30.61
N ALA D 58 32.08 35.98 -31.67
CA ALA D 58 31.76 35.56 -33.03
C ALA D 58 32.21 34.11 -33.30
N ALA D 59 33.42 33.77 -32.86
CA ALA D 59 33.98 32.45 -33.06
C ALA D 59 33.20 31.37 -32.30
N TRP D 60 32.62 31.75 -31.16
CA TRP D 60 31.69 30.87 -30.44
C TRP D 60 30.42 30.63 -31.21
N ARG D 61 29.81 31.69 -31.76
CA ARG D 61 28.65 31.55 -32.61
C ARG D 61 28.92 30.62 -33.83
N GLU D 62 30.10 30.81 -34.43
CA GLU D 62 30.52 30.03 -35.54
C GLU D 62 30.70 28.56 -35.12
N HIS D 63 31.36 28.35 -33.99
CA HIS D 63 31.62 26.99 -33.50
C HIS D 63 30.28 26.28 -33.19
N TYR D 64 29.42 26.99 -32.47
CA TYR D 64 28.09 26.45 -32.10
C TYR D 64 27.38 25.93 -33.31
N ASP D 65 27.35 26.74 -34.34
CA ASP D 65 26.82 26.34 -35.64
C ASP D 65 27.50 25.12 -36.27
N ARG D 66 28.81 25.19 -36.43
CA ARG D 66 29.54 24.11 -37.12
C ARG D 66 29.36 22.73 -36.40
N ALA D 67 29.49 22.73 -35.09
CA ALA D 67 29.30 21.54 -34.26
C ALA D 67 27.82 21.07 -34.15
N GLY D 68 26.85 21.84 -34.66
CA GLY D 68 25.46 21.48 -34.47
C GLY D 68 25.00 21.41 -33.01
N TYR D 69 25.52 22.31 -32.20
CA TYR D 69 25.18 22.29 -30.79
C TYR D 69 23.72 22.56 -30.54
N ALA D 70 22.99 23.12 -31.51
CA ALA D 70 21.56 23.33 -31.29
C ALA D 70 20.82 22.02 -31.01
N ARG D 71 21.35 20.90 -31.56
CA ARG D 71 20.77 19.58 -31.38
C ARG D 71 20.90 19.08 -29.93
N VAL D 72 21.84 19.58 -29.17
CA VAL D 72 22.22 19.02 -27.88
C VAL D 72 22.10 20.02 -26.72
N ASP D 73 22.12 21.31 -27.01
CA ASP D 73 22.09 22.32 -25.98
C ASP D 73 20.77 22.12 -25.17
N PRO D 74 20.89 21.95 -23.86
CA PRO D 74 19.72 21.65 -23.01
C PRO D 74 18.74 22.86 -22.94
N THR D 75 19.22 24.07 -23.22
CA THR D 75 18.35 25.24 -23.15
C THR D 75 17.45 25.24 -24.37
N VAL D 76 18.01 24.87 -25.51
CA VAL D 76 17.19 24.80 -26.71
C VAL D 76 16.04 23.76 -26.57
N SER D 77 16.30 22.53 -26.03
CA SER D 77 15.18 21.50 -25.85
C SER D 77 14.16 22.08 -24.87
N HIS D 78 14.65 22.66 -23.79
CA HIS D 78 13.80 23.37 -22.88
C HIS D 78 12.87 24.38 -23.56
N CYS D 79 13.42 25.27 -24.39
CA CYS D 79 12.65 26.26 -25.14
C CYS D 79 11.51 25.68 -25.98
N THR D 80 11.72 24.49 -26.52
CA THR D 80 10.71 23.83 -27.31
C THR D 80 9.61 23.26 -26.47
N GLN D 81 9.75 23.13 -25.16
CA GLN D 81 8.75 22.56 -24.30
C GLN D 81 8.13 23.52 -23.27
N SER D 82 8.72 24.70 -23.06
CA SER D 82 8.30 25.55 -21.92
C SER D 82 8.36 27.06 -22.24
N VAL D 83 7.62 27.87 -21.49
CA VAL D 83 7.74 29.32 -21.56
C VAL D 83 8.57 29.88 -20.39
N LEU D 84 9.01 29.01 -19.50
CA LEU D 84 9.66 29.44 -18.28
C LEU D 84 11.21 29.45 -18.45
N PRO D 85 11.91 30.28 -17.69
CA PRO D 85 13.34 30.37 -17.82
C PRO D 85 14.02 29.09 -17.40
N ILE D 86 15.18 28.87 -18.00
CA ILE D 86 16.09 27.81 -17.58
C ILE D 86 17.42 28.47 -17.21
N PHE D 87 17.79 28.34 -15.97
CA PHE D 87 19.02 28.89 -15.42
C PHE D 87 20.20 27.96 -15.77
N TRP D 88 21.38 28.51 -16.07
CA TRP D 88 22.54 27.69 -16.46
C TRP D 88 23.21 26.97 -15.26
N GLU D 89 22.52 26.01 -14.70
CA GLU D 89 22.94 25.28 -13.49
C GLU D 89 23.64 24.00 -13.99
N PRO D 90 24.64 23.50 -13.26
CA PRO D 90 25.26 22.23 -13.74
C PRO D 90 24.31 21.09 -14.06
N SER D 91 23.20 21.02 -13.33
CA SER D 91 22.24 19.97 -13.46
C SER D 91 21.52 19.96 -14.82
N ILE D 92 21.55 21.08 -15.55
CA ILE D 92 20.98 21.05 -16.88
C ILE D 92 21.82 20.31 -17.91
N TYR D 93 23.11 20.15 -17.62
CA TYR D 93 24.00 19.48 -18.50
C TYR D 93 24.05 18.05 -18.10
N GLN D 94 23.15 17.23 -18.63
CA GLN D 94 23.00 15.81 -18.10
C GLN D 94 23.78 14.77 -18.91
N THR D 95 23.78 14.89 -20.23
CA THR D 95 24.45 13.89 -21.08
C THR D 95 25.92 14.24 -21.13
N ARG D 96 26.73 13.28 -21.55
CA ARG D 96 28.15 13.50 -21.71
C ARG D 96 28.41 14.49 -22.79
N LYS D 97 27.58 14.49 -23.83
CA LYS D 97 27.72 15.47 -24.89
C LYS D 97 27.39 16.86 -24.33
N GLN D 98 26.41 16.93 -23.42
CA GLN D 98 26.05 18.20 -22.80
C GLN D 98 27.15 18.74 -21.94
N HIS D 99 27.96 17.82 -21.39
CA HIS D 99 29.04 18.24 -20.58
C HIS D 99 30.11 18.90 -21.39
N GLU D 100 30.38 18.34 -22.53
CA GLU D 100 31.30 18.92 -23.49
C GLU D 100 30.84 20.33 -23.97
N PHE D 101 29.55 20.44 -24.33
CA PHE D 101 28.94 21.72 -24.58
C PHE D 101 29.20 22.77 -23.48
N PHE D 102 28.96 22.37 -22.25
CA PHE D 102 29.20 23.23 -21.06
C PHE D 102 30.67 23.71 -20.95
N GLU D 103 31.63 22.79 -21.19
CA GLU D 103 33.07 23.16 -21.22
C GLU D 103 33.42 24.10 -22.35
N GLU D 104 32.92 23.85 -23.55
CA GLU D 104 33.19 24.72 -24.70
C GLU D 104 32.57 26.11 -24.49
N ALA D 105 31.30 26.15 -24.09
CA ALA D 105 30.64 27.42 -23.75
C ALA D 105 31.42 28.19 -22.64
N SER D 106 31.87 27.46 -21.65
CA SER D 106 32.67 28.03 -20.56
C SER D 106 34.04 28.59 -21.04
N ALA D 107 34.68 27.97 -22.03
CA ALA D 107 35.94 28.54 -22.60
C ALA D 107 35.67 29.81 -23.34
N ALA D 108 34.43 29.95 -23.83
CA ALA D 108 34.00 31.15 -24.48
C ALA D 108 33.65 32.26 -23.50
N GLY D 109 33.71 31.98 -22.19
CA GLY D 109 33.37 32.93 -21.12
C GLY D 109 31.87 32.97 -20.70
N LEU D 110 31.11 31.98 -21.14
CA LEU D 110 29.67 31.88 -20.89
C LEU D 110 29.41 30.73 -19.92
N VAL D 111 29.39 31.05 -18.63
CA VAL D 111 29.22 30.04 -17.57
C VAL D 111 27.98 30.24 -16.69
N TYR D 112 27.78 31.47 -16.20
CA TYR D 112 26.60 31.88 -15.41
C TYR D 112 25.60 32.68 -16.24
N GLY D 113 24.33 32.32 -16.11
CA GLY D 113 23.28 32.97 -16.88
C GLY D 113 21.96 32.22 -16.88
N LEU D 114 21.14 32.57 -17.85
CA LEU D 114 19.85 31.92 -18.05
C LEU D 114 19.37 32.13 -19.47
N THR D 115 18.39 31.31 -19.85
CA THR D 115 17.79 31.34 -21.16
C THR D 115 16.29 31.51 -20.94
N MET D 116 15.70 32.56 -21.49
CA MET D 116 14.24 32.81 -21.48
C MET D 116 13.66 32.34 -22.81
N PRO D 117 12.71 31.37 -22.79
CA PRO D 117 12.16 30.94 -24.05
C PRO D 117 11.25 32.00 -24.65
N LEU D 118 11.15 32.03 -25.97
CA LEU D 118 10.32 32.95 -26.68
C LEU D 118 9.30 32.19 -27.56
N HIS D 119 8.02 32.43 -27.32
CA HIS D 119 6.93 31.86 -28.10
C HIS D 119 6.03 32.99 -28.55
N GLY D 120 6.12 33.33 -29.84
CA GLY D 120 5.45 34.52 -30.37
C GLY D 120 4.01 34.18 -30.81
N ALA D 121 3.21 35.24 -30.98
CA ALA D 121 1.77 35.07 -31.31
C ALA D 121 1.55 34.45 -32.67
N ARG D 122 2.59 34.49 -33.53
CA ARG D 122 2.48 33.89 -34.87
C ARG D 122 3.30 32.61 -35.00
N GLY D 123 3.53 31.92 -33.88
CA GLY D 123 4.28 30.67 -33.87
C GLY D 123 5.79 30.84 -34.02
N GLU D 124 6.33 32.02 -33.76
CA GLU D 124 7.79 32.22 -33.73
C GLU D 124 8.33 31.46 -32.52
N LEU D 125 9.55 30.89 -32.64
CA LEU D 125 10.17 30.11 -31.62
C LEU D 125 11.53 30.69 -31.45
N GLY D 126 11.93 30.99 -30.23
CA GLY D 126 13.24 31.57 -29.95
C GLY D 126 13.68 31.48 -28.51
N ALA D 127 14.74 32.23 -28.24
CA ALA D 127 15.38 32.26 -26.93
C ALA D 127 16.04 33.60 -26.76
N LEU D 128 15.97 34.13 -25.55
CA LEU D 128 16.88 35.18 -25.13
C LEU D 128 17.73 34.66 -23.99
N SER D 129 19.02 34.52 -24.29
CA SER D 129 20.02 34.03 -23.37
C SER D 129 20.92 35.20 -22.93
N LEU D 130 21.13 35.29 -21.63
CA LEU D 130 21.94 36.34 -21.08
C LEU D 130 22.91 35.71 -20.07
N SER D 131 24.17 36.11 -20.18
CA SER D 131 25.23 35.69 -19.28
C SER D 131 25.48 36.81 -18.25
N VAL D 132 26.08 36.40 -17.14
CA VAL D 132 26.31 37.28 -16.03
C VAL D 132 27.75 37.00 -15.54
N GLU D 133 28.46 38.08 -15.23
CA GLU D 133 29.76 38.00 -14.60
C GLU D 133 29.62 37.99 -13.09
N ALA D 134 30.15 36.96 -12.43
CA ALA D 134 30.09 36.93 -10.98
C ALA D 134 31.22 36.13 -10.38
N GLU D 135 31.44 36.33 -9.08
CA GLU D 135 32.51 35.61 -8.38
C GLU D 135 32.23 34.10 -8.26
N ASN D 136 30.96 33.75 -8.07
CA ASN D 136 30.55 32.34 -8.13
C ASN D 136 29.10 32.22 -8.50
N ARG D 137 28.65 30.99 -8.76
CA ARG D 137 27.27 30.72 -9.16
C ARG D 137 26.21 31.22 -8.17
N ALA D 138 26.50 31.16 -6.89
CA ALA D 138 25.56 31.62 -5.84
C ALA D 138 25.31 33.12 -5.95
N GLU D 139 26.37 33.86 -6.21
CA GLU D 139 26.31 35.31 -6.42
C GLU D 139 25.56 35.64 -7.72
N ALA D 140 25.84 34.89 -8.77
CA ALA D 140 25.18 35.08 -10.05
C ALA D 140 23.68 34.85 -9.86
N ASN D 141 23.35 33.79 -9.11
CA ASN D 141 21.94 33.46 -8.82
C ASN D 141 21.21 34.57 -8.03
N ARG D 142 21.87 35.16 -7.05
CA ARG D 142 21.33 36.29 -6.28
C ARG D 142 21.11 37.51 -7.14
N PHE D 143 22.08 37.81 -7.99
CA PHE D 143 21.83 38.87 -8.97
C PHE D 143 20.60 38.57 -9.91
N MET D 144 20.58 37.39 -10.50
CA MET D 144 19.54 37.06 -11.48
C MET D 144 18.09 37.13 -10.91
N GLU D 145 17.94 36.64 -9.69
CA GLU D 145 16.70 36.71 -8.91
C GLU D 145 16.24 38.16 -8.64
N SER D 146 17.16 39.04 -8.29
CA SER D 146 16.83 40.42 -8.11
C SER D 146 16.42 41.21 -9.36
N VAL D 147 16.78 40.76 -10.59
CA VAL D 147 16.36 41.43 -11.85
C VAL D 147 15.33 40.67 -12.70
N LEU D 148 15.03 39.44 -12.27
CA LEU D 148 14.14 38.55 -12.92
C LEU D 148 12.76 39.15 -13.30
N PRO D 149 12.07 39.82 -12.37
CA PRO D 149 10.79 40.37 -12.83
C PRO D 149 10.95 41.36 -14.02
N THR D 150 11.99 42.17 -14.01
CA THR D 150 12.32 43.04 -15.09
C THR D 150 12.68 42.32 -16.41
N LEU D 151 13.50 41.29 -16.32
CA LEU D 151 13.90 40.50 -17.50
C LEU D 151 12.65 39.80 -18.11
N TRP D 152 11.75 39.33 -17.27
CA TRP D 152 10.56 38.61 -17.70
C TRP D 152 9.70 39.52 -18.56
N MET D 153 9.61 40.79 -18.19
CA MET D 153 8.92 41.71 -19.07
C MET D 153 9.77 41.99 -20.31
N LEU D 154 11.05 42.23 -20.08
CA LEU D 154 11.94 42.53 -21.21
C LEU D 154 11.89 41.47 -22.30
N LYS D 155 11.92 40.17 -21.95
CA LYS D 155 11.89 39.12 -23.00
C LYS D 155 10.65 39.18 -23.90
N ASP D 156 9.52 39.62 -23.35
CA ASP D 156 8.32 39.73 -24.18
C ASP D 156 8.29 40.97 -25.05
N TYR D 157 8.75 42.12 -24.53
CA TYR D 157 8.95 43.28 -25.39
C TYR D 157 9.89 42.99 -26.56
N ALA D 158 11.00 42.34 -26.27
CA ALA D 158 11.99 41.96 -27.28
C ALA D 158 11.39 41.04 -28.31
N LEU D 159 10.57 40.08 -27.87
CA LEU D 159 9.93 39.14 -28.75
C LEU D 159 8.95 39.81 -29.69
N GLN D 160 8.05 40.65 -29.15
CA GLN D 160 7.08 41.33 -29.97
C GLN D 160 7.73 42.30 -30.97
N SER D 161 8.64 43.11 -30.51
CA SER D 161 9.35 44.06 -31.41
C SER D 161 10.27 43.32 -32.38
N GLY D 162 11.10 42.44 -31.84
CA GLY D 162 11.98 41.64 -32.65
C GLY D 162 11.34 40.80 -33.74
N ALA D 163 10.19 40.16 -33.47
CA ALA D 163 9.53 39.29 -34.46
C ALA D 163 9.05 40.17 -35.66
N GLY D 164 8.62 41.39 -35.36
CA GLY D 164 8.17 42.40 -36.35
C GLY D 164 9.31 42.78 -37.27
N LEU D 165 10.45 43.10 -36.71
CA LEU D 165 11.63 43.40 -37.51
C LEU D 165 12.12 42.22 -38.34
N ALA D 166 12.17 41.04 -37.76
CA ALA D 166 12.71 39.88 -38.44
C ALA D 166 11.87 39.31 -39.58
N PHE D 167 10.56 39.35 -39.45
CA PHE D 167 9.65 38.65 -40.38
C PHE D 167 8.56 39.53 -41.02
N GLU D 168 8.35 40.76 -40.54
CA GLU D 168 7.40 41.70 -41.20
C GLU D 168 7.70 43.18 -40.86
N VAL E 4 -36.31 0.40 -12.16
CA VAL E 4 -37.48 0.11 -13.07
C VAL E 4 -37.08 0.60 -14.49
N ASP E 5 -36.66 1.88 -14.55
CA ASP E 5 -35.96 2.39 -15.73
C ASP E 5 -34.62 1.68 -15.97
N GLY E 6 -33.90 1.29 -14.91
CA GLY E 6 -32.74 0.44 -15.05
C GLY E 6 -33.03 -0.91 -15.72
N PHE E 7 -34.10 -1.59 -15.28
CA PHE E 7 -34.48 -2.88 -15.83
C PHE E 7 -34.81 -2.74 -17.30
N LEU E 8 -35.57 -1.67 -17.58
CA LEU E 8 -35.87 -1.29 -18.96
C LEU E 8 -34.59 -1.02 -19.73
N GLU E 9 -33.64 -0.36 -19.08
CA GLU E 9 -32.29 -0.24 -19.67
C GLU E 9 -31.66 -1.63 -19.91
N LEU E 10 -31.67 -2.49 -18.88
CA LEU E 10 -31.20 -3.90 -19.02
C LEU E 10 -31.91 -4.64 -20.17
N GLU E 11 -33.24 -4.54 -20.19
CA GLU E 11 -34.04 -5.13 -21.25
C GLU E 11 -33.85 -4.50 -22.65
N ARG E 12 -33.72 -3.16 -22.69
CA ARG E 12 -33.42 -2.42 -23.92
C ARG E 12 -32.01 -2.68 -24.45
N SER E 13 -31.13 -3.27 -23.64
CA SER E 13 -29.75 -3.40 -24.09
C SER E 13 -29.63 -4.50 -25.10
N SER E 14 -28.51 -4.52 -25.79
CA SER E 14 -28.26 -5.43 -26.86
C SER E 14 -26.88 -6.02 -26.66
N GLY E 15 -26.85 -7.27 -26.23
CA GLY E 15 -25.62 -8.00 -25.94
C GLY E 15 -25.16 -7.97 -24.49
N LYS E 16 -24.30 -8.92 -24.20
CA LYS E 16 -23.70 -9.11 -22.92
C LYS E 16 -22.88 -7.91 -22.48
N LEU E 17 -22.15 -7.27 -23.41
CA LEU E 17 -21.25 -6.21 -23.06
C LEU E 17 -22.02 -5.02 -22.44
N GLU E 18 -23.07 -4.57 -23.12
CA GLU E 18 -23.90 -3.47 -22.68
C GLU E 18 -24.69 -3.75 -21.39
N TRP E 19 -25.24 -4.95 -21.35
CA TRP E 19 -26.01 -5.45 -20.20
C TRP E 19 -25.11 -5.39 -18.98
N SER E 20 -23.90 -5.95 -19.14
CA SER E 20 -22.92 -5.95 -18.07
C SER E 20 -22.55 -4.54 -17.62
N ALA E 21 -22.26 -3.65 -18.57
CA ALA E 21 -22.01 -2.21 -18.28
C ALA E 21 -23.12 -1.51 -17.49
N ILE E 22 -24.38 -1.70 -17.90
CA ILE E 22 -25.52 -1.18 -17.18
C ILE E 22 -25.63 -1.76 -15.73
N LEU E 23 -25.51 -3.07 -15.57
CA LEU E 23 -25.61 -3.65 -14.24
C LEU E 23 -24.47 -3.11 -13.36
N GLN E 24 -23.24 -3.08 -13.90
CA GLN E 24 -22.15 -2.57 -13.13
C GLN E 24 -22.33 -1.12 -12.68
N LYS E 25 -22.82 -0.31 -13.59
CA LYS E 25 -23.08 1.09 -13.26
C LYS E 25 -24.19 1.27 -12.19
N MET E 26 -25.27 0.53 -12.32
CA MET E 26 -26.35 0.59 -11.31
C MET E 26 -25.71 0.19 -9.95
N ALA E 27 -24.91 -0.87 -9.92
CA ALA E 27 -24.27 -1.29 -8.67
C ALA E 27 -23.32 -0.23 -8.08
N SER E 28 -22.49 0.37 -8.96
CA SER E 28 -21.53 1.43 -8.60
C SER E 28 -22.25 2.69 -8.05
N ASP E 29 -23.38 3.03 -8.64
CA ASP E 29 -24.17 4.16 -8.14
C ASP E 29 -24.76 3.91 -6.78
N LEU E 30 -25.04 2.66 -6.44
CA LEU E 30 -25.40 2.24 -5.09
C LEU E 30 -24.24 2.04 -4.11
N GLY E 31 -23.00 2.18 -4.59
CA GLY E 31 -21.80 2.18 -3.77
C GLY E 31 -20.95 0.90 -3.82
N PHE E 32 -21.25 0.03 -4.78
CA PHE E 32 -20.55 -1.25 -4.89
C PHE E 32 -19.65 -1.23 -6.08
N SER E 33 -18.36 -1.12 -5.88
CA SER E 33 -17.46 -1.06 -7.06
C SER E 33 -17.12 -2.45 -7.64
N LYS E 34 -17.46 -3.55 -6.97
CA LYS E 34 -17.20 -4.88 -7.54
C LYS E 34 -18.43 -5.77 -7.46
N ILE E 35 -18.83 -6.41 -8.57
CA ILE E 35 -19.98 -7.27 -8.63
C ILE E 35 -19.72 -8.46 -9.46
N LEU E 36 -20.42 -9.53 -9.12
CA LEU E 36 -20.46 -10.76 -9.92
C LEU E 36 -21.87 -11.30 -9.95
N PHE E 37 -22.42 -11.40 -11.16
CA PHE E 37 -23.71 -12.03 -11.45
C PHE E 37 -23.40 -13.38 -12.11
N GLY E 38 -23.82 -14.43 -11.43
CA GLY E 38 -23.65 -15.81 -11.87
C GLY E 38 -24.96 -16.52 -12.06
N LEU E 39 -25.07 -17.36 -13.09
CA LEU E 39 -26.33 -18.01 -13.38
C LEU E 39 -26.11 -19.33 -14.10
N LEU E 40 -26.77 -20.35 -13.57
CA LEU E 40 -26.84 -21.70 -14.15
C LEU E 40 -28.27 -22.06 -14.50
N PRO E 41 -28.42 -23.03 -15.39
CA PRO E 41 -29.75 -23.62 -15.59
C PRO E 41 -30.19 -24.55 -14.44
N LYS E 42 -31.47 -24.83 -14.38
CA LYS E 42 -32.02 -25.74 -13.40
C LYS E 42 -31.21 -27.05 -13.25
N ASP E 43 -30.96 -27.46 -12.00
CA ASP E 43 -30.34 -28.76 -11.64
C ASP E 43 -28.87 -28.85 -11.94
N SER E 44 -28.26 -27.79 -12.44
CA SER E 44 -26.86 -27.86 -12.75
C SER E 44 -26.08 -27.58 -11.46
N GLN E 45 -24.96 -28.30 -11.26
CA GLN E 45 -23.94 -27.95 -10.25
C GLN E 45 -22.62 -27.63 -10.97
N ASP E 46 -22.72 -27.15 -12.21
CA ASP E 46 -21.52 -26.98 -13.05
C ASP E 46 -21.00 -25.51 -12.89
N TYR E 47 -20.59 -25.16 -11.68
CA TYR E 47 -20.34 -23.75 -11.31
C TYR E 47 -19.29 -23.11 -12.19
N GLU E 48 -18.35 -23.94 -12.62
CA GLU E 48 -17.23 -23.52 -13.49
C GLU E 48 -17.73 -23.07 -14.89
N ASN E 49 -18.88 -23.56 -15.33
CA ASN E 49 -19.45 -23.12 -16.59
C ASN E 49 -20.69 -22.25 -16.43
N ALA E 50 -20.87 -21.60 -15.26
CA ALA E 50 -21.94 -20.60 -15.07
C ALA E 50 -21.83 -19.53 -16.12
N PHE E 51 -22.96 -18.93 -16.49
CA PHE E 51 -22.98 -17.63 -17.18
C PHE E 51 -22.63 -16.48 -16.17
N ILE E 52 -21.61 -15.71 -16.48
CA ILE E 52 -20.99 -14.82 -15.49
C ILE E 52 -20.83 -13.45 -16.06
N VAL E 53 -21.25 -12.44 -15.31
CA VAL E 53 -21.11 -11.05 -15.65
C VAL E 53 -20.52 -10.34 -14.48
N GLY E 54 -19.61 -9.41 -14.75
CA GLY E 54 -19.17 -8.44 -13.75
C GLY E 54 -17.75 -7.99 -13.86
N ASN E 55 -17.26 -7.38 -12.79
CA ASN E 55 -15.93 -6.74 -12.78
C ASN E 55 -15.05 -7.19 -11.66
N TYR E 56 -15.25 -8.39 -11.10
CA TYR E 56 -14.24 -8.95 -10.17
C TYR E 56 -12.91 -9.04 -10.89
N PRO E 57 -11.78 -8.88 -10.20
CA PRO E 57 -10.48 -9.07 -10.92
C PRO E 57 -10.42 -10.39 -11.63
N ALA E 58 -10.03 -10.39 -12.92
CA ALA E 58 -9.97 -11.61 -13.75
C ALA E 58 -9.11 -12.70 -13.12
N ALA E 59 -8.01 -12.34 -12.49
CA ALA E 59 -7.14 -13.37 -11.88
C ALA E 59 -7.76 -14.06 -10.62
N TRP E 60 -8.63 -13.37 -9.93
CA TRP E 60 -9.44 -13.96 -8.86
C TRP E 60 -10.44 -14.95 -9.38
N ARG E 61 -11.14 -14.55 -10.43
CA ARG E 61 -12.09 -15.44 -11.06
C ARG E 61 -11.43 -16.71 -11.52
N GLU E 62 -10.25 -16.54 -12.09
CA GLU E 62 -9.49 -17.69 -12.57
C GLU E 62 -9.03 -18.48 -11.41
N HIS E 63 -8.54 -17.84 -10.37
CA HIS E 63 -8.10 -18.59 -9.18
C HIS E 63 -9.26 -19.42 -8.56
N TYR E 64 -10.38 -18.75 -8.38
CA TYR E 64 -11.57 -19.41 -7.85
C TYR E 64 -12.00 -20.65 -8.60
N ASP E 65 -11.99 -20.58 -9.93
CA ASP E 65 -12.27 -21.75 -10.76
C ASP E 65 -11.21 -22.83 -10.54
N ARG E 66 -9.94 -22.46 -10.72
CA ARG E 66 -8.83 -23.38 -10.60
C ARG E 66 -8.78 -24.10 -9.24
N ALA E 67 -9.02 -23.37 -8.15
CA ALA E 67 -9.01 -23.93 -6.80
C ALA E 67 -10.27 -24.72 -6.40
N GLY E 68 -11.28 -24.76 -7.26
CA GLY E 68 -12.55 -25.33 -6.93
C GLY E 68 -13.30 -24.63 -5.79
N TYR E 69 -13.12 -23.33 -5.64
CA TYR E 69 -13.76 -22.64 -4.53
C TYR E 69 -15.30 -22.65 -4.51
N ALA E 70 -15.95 -23.03 -5.61
CA ALA E 70 -17.39 -23.16 -5.59
C ALA E 70 -17.83 -24.26 -4.61
N ARG E 71 -16.94 -25.17 -4.23
CA ARG E 71 -17.22 -26.23 -3.29
C ARG E 71 -16.97 -25.85 -1.82
N VAL E 72 -16.39 -24.69 -1.61
CA VAL E 72 -15.94 -24.24 -0.33
C VAL E 72 -16.66 -22.94 0.05
N ASP E 73 -16.77 -21.98 -0.87
CA ASP E 73 -17.41 -20.70 -0.68
C ASP E 73 -18.72 -20.91 0.01
N PRO E 74 -18.86 -20.43 1.26
CA PRO E 74 -20.12 -20.67 1.98
C PRO E 74 -21.39 -20.05 1.36
N THR E 75 -21.24 -18.98 0.59
CA THR E 75 -22.38 -18.34 -0.07
C THR E 75 -22.99 -19.24 -1.15
N VAL E 76 -22.18 -20.13 -1.73
CA VAL E 76 -22.66 -21.02 -2.77
C VAL E 76 -23.69 -22.02 -2.18
N SER E 77 -23.30 -22.78 -1.14
CA SER E 77 -24.26 -23.70 -0.51
C SER E 77 -25.47 -22.91 0.06
N HIS E 78 -25.26 -21.71 0.58
CA HIS E 78 -26.36 -20.88 0.99
C HIS E 78 -27.39 -20.63 -0.13
N CYS E 79 -26.90 -20.25 -1.30
CA CYS E 79 -27.74 -19.98 -2.49
C CYS E 79 -28.60 -21.21 -2.93
N THR E 80 -28.06 -22.42 -2.75
CA THR E 80 -28.82 -23.64 -3.02
C THR E 80 -29.89 -23.93 -1.96
N GLN E 81 -29.86 -23.23 -0.82
CA GLN E 81 -30.79 -23.48 0.27
C GLN E 81 -31.76 -22.37 0.57
N SER E 82 -31.57 -21.18 0.01
CA SER E 82 -32.30 -20.02 0.46
C SER E 82 -32.49 -18.98 -0.66
N VAL E 83 -33.53 -18.15 -0.48
CA VAL E 83 -33.73 -16.94 -1.23
C VAL E 83 -33.24 -15.67 -0.57
N LEU E 84 -32.75 -15.77 0.67
CA LEU E 84 -32.38 -14.58 1.41
C LEU E 84 -30.90 -14.28 1.22
N PRO E 85 -30.53 -12.99 1.27
CA PRO E 85 -29.13 -12.60 1.18
C PRO E 85 -28.26 -13.16 2.30
N ILE E 86 -27.01 -13.46 1.95
CA ILE E 86 -26.01 -13.79 2.95
C ILE E 86 -24.92 -12.71 2.96
N PHE E 87 -24.70 -12.11 4.13
CA PHE E 87 -23.71 -11.05 4.32
C PHE E 87 -22.35 -11.73 4.62
N TRP E 88 -21.27 -11.16 4.08
CA TRP E 88 -19.92 -11.71 4.23
C TRP E 88 -19.39 -11.27 5.61
N GLU E 89 -19.48 -12.15 6.57
CA GLU E 89 -19.08 -11.91 7.98
C GLU E 89 -18.21 -13.03 8.39
N PRO E 90 -17.37 -12.82 9.41
CA PRO E 90 -16.53 -13.94 9.85
C PRO E 90 -17.27 -15.23 10.15
N SER E 91 -18.49 -15.14 10.69
CA SER E 91 -19.22 -16.33 11.10
C SER E 91 -19.63 -17.27 9.94
N ILE E 92 -19.64 -16.76 8.67
CA ILE E 92 -19.99 -17.66 7.55
C ILE E 92 -18.82 -18.57 7.16
N TYR E 93 -17.59 -18.25 7.59
CA TYR E 93 -16.41 -19.02 7.27
C TYR E 93 -16.12 -19.98 8.44
N GLN E 94 -16.51 -21.23 8.32
CA GLN E 94 -16.52 -22.12 9.51
C GLN E 94 -15.45 -23.19 9.46
N THR E 95 -15.12 -23.67 8.28
CA THR E 95 -14.07 -24.66 8.08
C THR E 95 -12.75 -24.03 7.71
N ARG E 96 -11.72 -24.86 7.79
CA ARG E 96 -10.32 -24.48 7.51
C ARG E 96 -10.16 -23.99 6.09
N LYS E 97 -10.77 -24.69 5.14
CA LYS E 97 -10.72 -24.27 3.75
C LYS E 97 -11.52 -22.99 3.55
N GLN E 98 -12.64 -22.85 4.30
CA GLN E 98 -13.41 -21.63 4.24
C GLN E 98 -12.58 -20.44 4.79
N HIS E 99 -11.71 -20.69 5.76
CA HIS E 99 -10.86 -19.58 6.26
C HIS E 99 -9.84 -19.27 5.21
N GLU E 100 -9.31 -20.28 4.52
CA GLU E 100 -8.37 -19.95 3.41
C GLU E 100 -9.12 -19.13 2.32
N PHE E 101 -10.32 -19.61 2.00
CA PHE E 101 -11.19 -18.88 1.05
C PHE E 101 -11.30 -17.43 1.43
N PHE E 102 -11.68 -17.16 2.67
CA PHE E 102 -11.83 -15.79 3.16
C PHE E 102 -10.56 -14.94 2.92
N GLU E 103 -9.42 -15.54 3.26
CA GLU E 103 -8.12 -14.81 3.16
C GLU E 103 -7.74 -14.53 1.75
N GLU E 104 -7.93 -15.49 0.84
CA GLU E 104 -7.58 -15.27 -0.56
C GLU E 104 -8.54 -14.21 -1.21
N ALA E 105 -9.81 -14.31 -0.84
CA ALA E 105 -10.80 -13.34 -1.32
C ALA E 105 -10.45 -11.92 -0.83
N SER E 106 -10.06 -11.85 0.42
CA SER E 106 -9.59 -10.63 1.02
C SER E 106 -8.37 -10.06 0.34
N ALA E 107 -7.43 -10.91 -0.15
CA ALA E 107 -6.25 -10.40 -0.91
C ALA E 107 -6.64 -9.80 -2.27
N ALA E 108 -7.75 -10.24 -2.83
CA ALA E 108 -8.26 -9.67 -4.08
C ALA E 108 -9.08 -8.43 -3.91
N GLY E 109 -9.20 -7.95 -2.67
CA GLY E 109 -10.00 -6.77 -2.34
C GLY E 109 -11.44 -7.09 -2.04
N LEU E 110 -11.79 -8.34 -1.76
CA LEU E 110 -13.22 -8.68 -1.59
C LEU E 110 -13.46 -9.10 -0.12
N VAL E 111 -13.77 -8.12 0.74
CA VAL E 111 -13.92 -8.35 2.18
C VAL E 111 -15.33 -8.06 2.71
N TYR E 112 -15.94 -6.95 2.31
CA TYR E 112 -17.26 -6.58 2.76
C TYR E 112 -18.18 -6.63 1.61
N GLY E 113 -19.40 -7.16 1.83
CA GLY E 113 -20.35 -7.45 0.75
C GLY E 113 -21.42 -8.42 1.15
N LEU E 114 -22.16 -8.82 0.15
CA LEU E 114 -23.29 -9.67 0.34
C LEU E 114 -23.49 -10.45 -0.97
N THR E 115 -24.14 -11.56 -0.83
CA THR E 115 -24.54 -12.39 -1.96
C THR E 115 -26.04 -12.60 -1.86
N MET E 116 -26.73 -12.22 -2.94
CA MET E 116 -28.18 -12.35 -3.11
C MET E 116 -28.40 -13.59 -3.96
N PRO E 117 -28.96 -14.66 -3.41
CA PRO E 117 -29.29 -15.81 -4.20
C PRO E 117 -30.31 -15.49 -5.27
N LEU E 118 -30.19 -16.19 -6.39
CA LEU E 118 -31.11 -16.05 -7.50
C LEU E 118 -31.83 -17.36 -7.78
N HIS E 119 -33.15 -17.32 -7.81
CA HIS E 119 -33.90 -18.48 -8.15
C HIS E 119 -34.98 -18.10 -9.19
N GLY E 120 -34.78 -18.45 -10.45
CA GLY E 120 -35.63 -17.91 -11.53
C GLY E 120 -36.91 -18.69 -11.66
N ALA E 121 -37.84 -18.15 -12.42
CA ALA E 121 -39.11 -18.81 -12.60
C ALA E 121 -39.02 -20.18 -13.32
N ARG E 122 -37.99 -20.43 -14.08
CA ARG E 122 -37.80 -21.74 -14.68
C ARG E 122 -36.71 -22.50 -13.99
N GLY E 123 -36.46 -22.26 -12.70
CA GLY E 123 -35.48 -23.09 -11.99
C GLY E 123 -34.03 -22.67 -12.16
N GLU E 124 -33.80 -21.51 -12.79
CA GLU E 124 -32.44 -20.99 -12.94
C GLU E 124 -31.89 -20.80 -11.50
N LEU E 125 -30.63 -21.17 -11.30
CA LEU E 125 -29.93 -20.95 -10.03
C LEU E 125 -28.78 -20.01 -10.22
N GLY E 126 -28.71 -18.98 -9.35
CA GLY E 126 -27.66 -17.99 -9.44
C GLY E 126 -27.36 -17.24 -8.18
N ALA E 127 -26.45 -16.29 -8.32
CA ALA E 127 -26.03 -15.39 -7.26
C ALA E 127 -25.71 -14.04 -7.84
N LEU E 128 -26.14 -12.97 -7.15
CA LEU E 128 -25.62 -11.65 -7.40
C LEU E 128 -24.83 -11.26 -6.16
N SER E 129 -23.50 -11.21 -6.32
CA SER E 129 -22.57 -10.77 -5.28
C SER E 129 -22.13 -9.33 -5.49
N LEU E 130 -22.10 -8.57 -4.40
CA LEU E 130 -21.68 -7.21 -4.40
C LEU E 130 -20.76 -6.92 -3.24
N SER E 131 -19.63 -6.29 -3.53
CA SER E 131 -18.67 -5.93 -2.54
C SER E 131 -18.57 -4.43 -2.44
N VAL E 132 -18.47 -3.94 -1.20
CA VAL E 132 -18.34 -2.53 -0.91
C VAL E 132 -16.98 -2.27 -0.32
N GLU E 133 -16.32 -1.24 -0.80
CA GLU E 133 -15.07 -0.79 -0.22
C GLU E 133 -15.34 0.02 1.03
N ALA E 134 -14.70 -0.35 2.12
CA ALA E 134 -14.93 0.38 3.36
C ALA E 134 -13.77 0.10 4.30
N GLU E 135 -13.62 0.97 5.27
CA GLU E 135 -12.49 0.89 6.21
C GLU E 135 -12.71 -0.13 7.27
N ASN E 136 -13.98 -0.41 7.60
CA ASN E 136 -14.27 -1.39 8.65
C ASN E 136 -15.70 -1.94 8.47
N ARG E 137 -16.06 -2.93 9.28
CA ARG E 137 -17.38 -3.60 9.25
C ARG E 137 -18.50 -2.60 9.54
N ALA E 138 -18.25 -1.69 10.49
CA ALA E 138 -19.26 -0.68 10.87
C ALA E 138 -19.69 0.14 9.70
N GLU E 139 -18.71 0.65 8.98
CA GLU E 139 -19.00 1.52 7.87
C GLU E 139 -19.62 0.74 6.69
N ALA E 140 -19.06 -0.44 6.45
CA ALA E 140 -19.55 -1.29 5.37
C ALA E 140 -21.07 -1.65 5.60
N ASN E 141 -21.42 -1.99 6.83
CA ASN E 141 -22.84 -2.40 7.11
C ASN E 141 -23.79 -1.24 6.90
N ARG E 142 -23.41 -0.05 7.36
CA ARG E 142 -24.20 1.18 7.11
C ARG E 142 -24.36 1.50 5.59
N PHE E 143 -23.30 1.29 4.82
CA PHE E 143 -23.46 1.42 3.36
C PHE E 143 -24.39 0.41 2.75
N MET E 144 -24.32 -0.80 3.23
CA MET E 144 -25.18 -1.90 2.72
C MET E 144 -26.61 -1.69 3.17
N GLU E 145 -26.80 -1.35 4.44
CA GLU E 145 -28.17 -1.12 5.01
C GLU E 145 -29.02 -0.12 4.22
N SER E 146 -28.40 1.02 3.90
CA SER E 146 -29.05 2.08 3.16
C SER E 146 -29.67 1.66 1.81
N VAL E 147 -29.04 0.71 1.14
CA VAL E 147 -29.45 0.32 -0.18
C VAL E 147 -30.08 -1.09 -0.24
N LEU E 148 -30.19 -1.77 0.89
CA LEU E 148 -30.64 -3.16 0.85
C LEU E 148 -31.98 -3.33 0.15
N PRO E 149 -32.96 -2.46 0.42
CA PRO E 149 -34.22 -2.67 -0.27
C PRO E 149 -34.12 -2.51 -1.80
N THR E 150 -33.30 -1.58 -2.26
CA THR E 150 -33.06 -1.39 -3.65
C THR E 150 -32.32 -2.59 -4.26
N LEU E 151 -31.27 -3.11 -3.59
CA LEU E 151 -30.59 -4.32 -4.09
C LEU E 151 -31.52 -5.53 -4.14
N TRP E 152 -32.43 -5.67 -3.18
CA TRP E 152 -33.36 -6.81 -3.17
C TRP E 152 -34.28 -6.81 -4.41
N MET E 153 -34.71 -5.61 -4.84
CA MET E 153 -35.41 -5.43 -6.08
C MET E 153 -34.48 -5.70 -7.25
N LEU E 154 -33.30 -5.10 -7.23
CA LEU E 154 -32.38 -5.21 -8.36
C LEU E 154 -32.03 -6.68 -8.72
N LYS E 155 -31.90 -7.53 -7.70
CA LYS E 155 -31.40 -8.88 -7.96
C LYS E 155 -32.47 -9.63 -8.73
N ASP E 156 -33.72 -9.32 -8.51
CA ASP E 156 -34.76 -10.01 -9.23
C ASP E 156 -34.91 -9.38 -10.62
N TYR E 157 -34.80 -8.04 -10.76
CA TYR E 157 -34.78 -7.44 -12.12
C TYR E 157 -33.63 -8.06 -12.95
N ALA E 158 -32.46 -8.18 -12.33
CA ALA E 158 -31.29 -8.73 -13.03
C ALA E 158 -31.46 -10.16 -13.42
N LEU E 159 -32.07 -10.97 -12.55
CA LEU E 159 -32.42 -12.33 -12.83
C LEU E 159 -33.33 -12.47 -13.96
N GLN E 160 -34.40 -11.66 -13.97
CA GLN E 160 -35.46 -11.82 -15.01
C GLN E 160 -34.91 -11.42 -16.37
N SER E 161 -34.17 -10.33 -16.45
CA SER E 161 -33.50 -9.90 -17.68
C SER E 161 -32.32 -10.82 -18.07
N GLY E 162 -31.48 -11.12 -17.09
CA GLY E 162 -30.33 -11.95 -17.28
C GLY E 162 -30.57 -13.34 -17.75
N ALA E 163 -31.63 -13.99 -17.23
CA ALA E 163 -31.99 -15.29 -17.74
C ALA E 163 -32.18 -15.35 -19.30
N GLY E 164 -32.87 -14.39 -19.86
CA GLY E 164 -33.00 -14.27 -21.33
C GLY E 164 -31.64 -14.14 -21.99
N LEU E 165 -30.81 -13.26 -21.43
CA LEU E 165 -29.51 -13.08 -21.98
C LEU E 165 -28.68 -14.32 -21.94
N ALA E 166 -28.72 -15.02 -20.83
CA ALA E 166 -27.89 -16.21 -20.64
C ALA E 166 -28.29 -17.40 -21.51
N PHE E 167 -29.56 -17.58 -21.82
CA PHE E 167 -30.00 -18.93 -22.34
C PHE E 167 -30.52 -18.95 -23.80
N GLU E 168 -30.54 -17.77 -24.41
CA GLU E 168 -30.77 -17.61 -25.86
C GLU E 168 -29.42 -17.33 -26.54
N ALA F 2 -39.36 -4.17 12.18
CA ALA F 2 -38.29 -4.66 11.27
C ALA F 2 -38.68 -6.03 10.67
N LEU F 3 -38.40 -6.19 9.38
CA LEU F 3 -38.78 -7.39 8.69
C LEU F 3 -38.09 -8.59 9.17
N VAL F 4 -36.79 -8.46 9.36
CA VAL F 4 -35.97 -9.57 9.86
C VAL F 4 -36.58 -10.18 11.14
N ASP F 5 -37.04 -9.31 12.03
CA ASP F 5 -37.72 -9.73 13.26
C ASP F 5 -39.03 -10.48 12.98
N GLY F 6 -39.80 -9.99 12.01
CA GLY F 6 -41.01 -10.71 11.57
C GLY F 6 -40.69 -12.09 11.01
N PHE F 7 -39.63 -12.13 10.22
CA PHE F 7 -39.17 -13.41 9.72
C PHE F 7 -38.83 -14.39 10.83
N LEU F 8 -38.09 -13.92 11.83
CA LEU F 8 -37.69 -14.81 12.91
C LEU F 8 -38.97 -15.29 13.66
N GLU F 9 -39.92 -14.38 13.83
CA GLU F 9 -41.19 -14.79 14.42
C GLU F 9 -41.91 -15.83 13.59
N LEU F 10 -41.89 -15.69 12.26
CA LEU F 10 -42.46 -16.73 11.44
C LEU F 10 -41.77 -18.07 11.65
N GLU F 11 -40.43 -18.04 11.70
CA GLU F 11 -39.64 -19.26 11.79
C GLU F 11 -39.89 -20.07 13.05
N ARG F 12 -40.11 -19.35 14.13
CA ARG F 12 -40.30 -19.94 15.45
C ARG F 12 -41.78 -20.05 15.80
N SER F 13 -42.66 -19.66 14.90
CA SER F 13 -44.08 -19.82 15.15
C SER F 13 -44.48 -21.29 15.36
N SER F 14 -45.56 -21.47 16.08
CA SER F 14 -45.92 -22.82 16.51
C SER F 14 -46.69 -23.63 15.47
N GLY F 15 -47.21 -23.03 14.42
CA GLY F 15 -48.05 -23.79 13.47
C GLY F 15 -48.64 -22.77 12.49
N LYS F 16 -49.45 -23.26 11.59
CA LYS F 16 -50.00 -22.41 10.52
C LYS F 16 -50.82 -21.26 11.01
N LEU F 17 -51.63 -21.48 12.07
CA LEU F 17 -52.48 -20.44 12.55
C LEU F 17 -51.64 -19.28 13.00
N GLU F 18 -50.61 -19.53 13.81
CA GLU F 18 -49.78 -18.39 14.25
C GLU F 18 -49.01 -17.78 13.08
N TRP F 19 -48.51 -18.65 12.21
CA TRP F 19 -47.72 -18.19 11.05
C TRP F 19 -48.63 -17.26 10.20
N SER F 20 -49.86 -17.65 9.94
CA SER F 20 -50.81 -16.82 9.24
C SER F 20 -51.08 -15.50 9.94
N ALA F 21 -51.25 -15.53 11.27
CA ALA F 21 -51.49 -14.30 12.04
C ALA F 21 -50.37 -13.28 11.99
N ILE F 22 -49.14 -13.76 12.10
CA ILE F 22 -47.97 -12.97 11.93
C ILE F 22 -47.88 -12.37 10.50
N LEU F 23 -47.94 -13.20 9.48
CA LEU F 23 -47.85 -12.68 8.12
C LEU F 23 -48.97 -11.65 7.81
N GLN F 24 -50.20 -11.95 8.22
CA GLN F 24 -51.28 -11.00 8.03
C GLN F 24 -51.05 -9.69 8.79
N LYS F 25 -50.45 -9.78 9.98
CA LYS F 25 -50.13 -8.56 10.77
C LYS F 25 -49.06 -7.70 10.09
N MET F 26 -48.02 -8.33 9.58
CA MET F 26 -46.99 -7.58 8.83
C MET F 26 -47.59 -6.90 7.56
N ALA F 27 -48.44 -7.61 6.83
CA ALA F 27 -49.10 -7.01 5.66
C ALA F 27 -50.02 -5.84 6.03
N SER F 28 -50.74 -6.01 7.13
CA SER F 28 -51.69 -5.02 7.63
C SER F 28 -50.92 -3.75 8.14
N ASP F 29 -49.81 -3.99 8.83
CA ASP F 29 -48.94 -2.89 9.27
C ASP F 29 -48.40 -2.14 8.09
N LEU F 30 -48.22 -2.82 6.98
CA LEU F 30 -47.67 -2.18 5.79
C LEU F 30 -48.79 -1.44 5.06
N GLY F 31 -50.02 -1.87 5.27
CA GLY F 31 -51.18 -1.15 4.77
C GLY F 31 -52.12 -1.99 3.94
N PHE F 32 -51.86 -3.29 3.78
CA PHE F 32 -52.69 -4.17 2.90
C PHE F 32 -53.71 -4.90 3.77
N SER F 33 -55.01 -4.90 3.47
CA SER F 33 -55.97 -5.57 4.35
C SER F 33 -56.18 -7.07 4.07
N LYS F 34 -56.08 -7.51 2.81
CA LYS F 34 -56.23 -8.94 2.49
C LYS F 34 -54.97 -9.49 1.84
N ILE F 35 -54.62 -10.70 2.26
CA ILE F 35 -53.54 -11.45 1.63
C ILE F 35 -53.81 -12.87 1.37
N LEU F 36 -53.14 -13.38 0.34
CA LEU F 36 -53.05 -14.84 0.08
C LEU F 36 -51.61 -15.24 -0.25
N PHE F 37 -51.10 -16.23 0.45
CA PHE F 37 -49.86 -16.86 0.25
C PHE F 37 -50.16 -18.30 -0.17
N GLY F 38 -49.73 -18.63 -1.37
CA GLY F 38 -49.98 -19.90 -1.97
C GLY F 38 -48.71 -20.54 -2.39
N LEU F 39 -48.55 -21.83 -2.09
CA LEU F 39 -47.24 -22.47 -2.42
C LEU F 39 -47.46 -23.93 -2.78
N LEU F 40 -46.73 -24.35 -3.82
CA LEU F 40 -46.71 -25.73 -4.31
C LEU F 40 -45.28 -26.25 -4.22
N PRO F 41 -45.17 -27.54 -3.95
CA PRO F 41 -43.81 -28.15 -4.01
C PRO F 41 -43.29 -28.26 -5.42
N LYS F 42 -42.03 -28.55 -5.50
CA LYS F 42 -41.37 -28.82 -6.75
C LYS F 42 -42.18 -29.75 -7.68
N ASP F 43 -42.25 -29.42 -8.97
CA ASP F 43 -42.79 -30.29 -10.03
C ASP F 43 -44.29 -30.46 -9.93
N SER F 44 -44.99 -29.52 -9.31
CA SER F 44 -46.44 -29.63 -9.18
C SER F 44 -47.04 -28.39 -9.82
N GLN F 45 -48.12 -28.61 -10.57
CA GLN F 45 -48.89 -27.51 -11.13
C GLN F 45 -50.30 -27.63 -10.65
N ASP F 46 -50.45 -28.29 -9.51
CA ASP F 46 -51.78 -28.59 -8.96
C ASP F 46 -52.28 -27.45 -8.03
N TYR F 47 -52.58 -26.31 -8.64
CA TYR F 47 -52.81 -25.03 -7.95
C TYR F 47 -53.99 -25.04 -7.00
N GLU F 48 -55.03 -25.83 -7.31
CA GLU F 48 -56.21 -25.91 -6.46
C GLU F 48 -55.88 -26.64 -5.14
N ASN F 49 -54.81 -27.46 -5.14
CA ASN F 49 -54.28 -28.10 -3.92
C ASN F 49 -53.01 -27.47 -3.32
N ALA F 50 -52.73 -26.21 -3.67
CA ALA F 50 -51.61 -25.53 -3.07
C ALA F 50 -51.76 -25.42 -1.56
N PHE F 51 -50.65 -25.32 -0.86
CA PHE F 51 -50.64 -24.83 0.52
C PHE F 51 -51.05 -23.35 0.53
N ILE F 52 -52.14 -23.06 1.19
CA ILE F 52 -52.67 -21.69 1.27
C ILE F 52 -52.79 -21.08 2.65
N VAL F 53 -52.36 -19.82 2.75
CA VAL F 53 -52.46 -19.01 3.98
C VAL F 53 -53.10 -17.66 3.67
N GLY F 54 -53.93 -17.17 4.57
CA GLY F 54 -54.34 -15.80 4.44
C GLY F 54 -55.76 -15.56 4.87
N ASN F 55 -56.25 -14.37 4.58
CA ASN F 55 -57.57 -13.94 5.03
C ASN F 55 -58.51 -13.55 3.90
N TYR F 56 -58.28 -14.10 2.70
CA TYR F 56 -59.22 -13.88 1.60
C TYR F 56 -60.56 -14.49 2.05
N PRO F 57 -61.69 -13.91 1.62
CA PRO F 57 -62.95 -14.52 2.09
C PRO F 57 -63.05 -15.98 1.71
N ALA F 58 -63.54 -16.81 2.64
CA ALA F 58 -63.63 -18.23 2.40
C ALA F 58 -64.47 -18.53 1.14
N ALA F 59 -65.57 -17.81 0.96
CA ALA F 59 -66.51 -18.13 -0.11
C ALA F 59 -65.86 -17.79 -1.49
N TRP F 60 -64.94 -16.81 -1.48
CA TRP F 60 -64.08 -16.53 -2.65
C TRP F 60 -63.03 -17.59 -2.98
N ARG F 61 -62.28 -18.07 -2.01
CA ARG F 61 -61.42 -19.20 -2.18
C ARG F 61 -62.14 -20.42 -2.70
N GLU F 62 -63.32 -20.68 -2.18
CA GLU F 62 -64.10 -21.81 -2.67
C GLU F 62 -64.56 -21.65 -4.11
N HIS F 63 -65.03 -20.48 -4.41
CA HIS F 63 -65.49 -20.14 -5.77
C HIS F 63 -64.32 -20.29 -6.77
N TYR F 64 -63.17 -19.79 -6.38
CA TYR F 64 -61.94 -19.84 -7.24
C TYR F 64 -61.65 -21.27 -7.59
N ASP F 65 -61.68 -22.12 -6.58
CA ASP F 65 -61.46 -23.55 -6.70
C ASP F 65 -62.50 -24.21 -7.60
N ARG F 66 -63.77 -23.99 -7.29
CA ARG F 66 -64.87 -24.61 -8.01
C ARG F 66 -65.08 -24.06 -9.43
N ALA F 67 -64.66 -22.84 -9.70
CA ALA F 67 -64.72 -22.29 -11.03
C ALA F 67 -63.47 -22.60 -11.81
N GLY F 68 -62.48 -23.23 -11.21
CA GLY F 68 -61.26 -23.50 -11.94
C GLY F 68 -60.44 -22.26 -12.34
N TYR F 69 -60.39 -21.26 -11.45
CA TYR F 69 -59.78 -19.99 -11.83
C TYR F 69 -58.27 -20.00 -11.88
N ALA F 70 -57.61 -21.02 -11.33
CA ALA F 70 -56.17 -21.19 -11.58
C ALA F 70 -55.82 -21.17 -13.05
N ARG F 71 -56.73 -21.60 -13.92
CA ARG F 71 -56.52 -21.56 -15.36
C ARG F 71 -57.04 -20.29 -16.04
N VAL F 72 -57.56 -19.34 -15.29
CA VAL F 72 -58.10 -18.10 -15.86
C VAL F 72 -57.32 -16.91 -15.33
N ASP F 73 -57.23 -16.84 -14.01
CA ASP F 73 -56.46 -15.84 -13.30
C ASP F 73 -55.16 -15.56 -14.00
N PRO F 74 -54.98 -14.35 -14.53
CA PRO F 74 -53.78 -14.11 -15.29
C PRO F 74 -52.49 -14.04 -14.43
N THR F 75 -52.64 -13.82 -13.13
CA THR F 75 -51.40 -13.82 -12.29
C THR F 75 -50.72 -15.24 -12.21
N VAL F 76 -51.49 -16.31 -12.40
CA VAL F 76 -50.99 -17.66 -12.30
C VAL F 76 -49.94 -17.92 -13.33
N SER F 77 -50.33 -17.81 -14.61
CA SER F 77 -49.39 -18.00 -15.69
C SER F 77 -48.21 -17.04 -15.55
N HIS F 78 -48.47 -15.77 -15.17
CA HIS F 78 -47.37 -14.84 -14.93
C HIS F 78 -46.38 -15.38 -13.89
N CYS F 79 -46.88 -15.92 -12.75
CA CYS F 79 -45.94 -16.47 -11.72
C CYS F 79 -45.06 -17.59 -12.23
N THR F 80 -45.51 -18.32 -13.25
CA THR F 80 -44.73 -19.40 -13.82
C THR F 80 -43.61 -18.96 -14.74
N GLN F 81 -43.63 -17.72 -15.15
CA GLN F 81 -42.77 -17.16 -16.14
C GLN F 81 -41.86 -16.09 -15.60
N SER F 82 -42.11 -15.60 -14.37
CA SER F 82 -41.39 -14.38 -13.93
C SER F 82 -41.22 -14.37 -12.42
N VAL F 83 -40.21 -13.62 -11.98
CA VAL F 83 -39.97 -13.29 -10.56
C VAL F 83 -40.43 -11.88 -10.25
N LEU F 84 -40.92 -11.15 -11.24
CA LEU F 84 -41.34 -9.76 -10.99
C LEU F 84 -42.81 -9.70 -10.62
N PRO F 85 -43.19 -8.72 -9.85
CA PRO F 85 -44.63 -8.56 -9.47
C PRO F 85 -45.53 -8.24 -10.62
N ILE F 86 -46.78 -8.65 -10.54
CA ILE F 86 -47.79 -8.22 -11.52
C ILE F 86 -48.83 -7.45 -10.72
N PHE F 87 -49.10 -6.23 -11.18
CA PHE F 87 -50.07 -5.35 -10.49
C PHE F 87 -51.42 -5.65 -11.05
N TRP F 88 -52.46 -5.55 -10.23
CA TRP F 88 -53.79 -5.82 -10.68
C TRP F 88 -54.40 -4.60 -11.46
N GLU F 89 -54.13 -4.52 -12.74
CA GLU F 89 -54.52 -3.38 -13.58
C GLU F 89 -55.44 -3.92 -14.67
N PRO F 90 -56.33 -3.07 -15.22
CA PRO F 90 -57.19 -3.50 -16.35
C PRO F 90 -56.49 -4.21 -17.51
N SER F 91 -55.27 -3.82 -17.91
CA SER F 91 -54.59 -4.54 -19.01
C SER F 91 -54.27 -6.02 -18.78
N ILE F 92 -54.28 -6.51 -17.54
CA ILE F 92 -53.93 -7.91 -17.37
C ILE F 92 -55.11 -8.80 -17.67
N TYR F 93 -56.33 -8.26 -17.66
CA TYR F 93 -57.52 -9.09 -17.85
C TYR F 93 -57.91 -8.94 -19.33
N GLN F 94 -57.51 -9.90 -20.18
CA GLN F 94 -57.58 -9.72 -21.64
C GLN F 94 -58.71 -10.47 -22.38
N THR F 95 -59.30 -11.52 -21.78
CA THR F 95 -60.40 -12.22 -22.38
C THR F 95 -61.64 -11.91 -21.58
N ARG F 96 -62.81 -12.25 -22.11
CA ARG F 96 -64.04 -12.17 -21.34
C ARG F 96 -63.94 -12.94 -20.01
N LYS F 97 -63.47 -14.19 -20.06
CA LYS F 97 -63.29 -15.00 -18.85
C LYS F 97 -62.44 -14.35 -17.77
N GLN F 98 -61.34 -13.77 -18.18
CA GLN F 98 -60.49 -13.02 -17.28
C GLN F 98 -61.13 -11.74 -16.77
N HIS F 99 -61.93 -11.09 -17.61
CA HIS F 99 -62.66 -9.91 -17.20
C HIS F 99 -63.66 -10.27 -16.10
N GLU F 100 -64.42 -11.32 -16.27
CA GLU F 100 -65.40 -11.69 -15.24
C GLU F 100 -64.70 -12.22 -13.95
N PHE F 101 -63.52 -12.82 -14.09
CA PHE F 101 -62.67 -13.16 -12.91
C PHE F 101 -62.45 -11.87 -12.11
N PHE F 102 -61.98 -10.84 -12.81
CA PHE F 102 -61.75 -9.53 -12.20
C PHE F 102 -62.97 -9.01 -11.49
N GLU F 103 -64.11 -9.07 -12.17
CA GLU F 103 -65.35 -8.53 -11.61
C GLU F 103 -65.79 -9.31 -10.34
N GLU F 104 -65.65 -10.62 -10.40
CA GLU F 104 -66.03 -11.45 -9.25
C GLU F 104 -65.05 -11.26 -8.10
N ALA F 105 -63.75 -11.12 -8.41
CA ALA F 105 -62.81 -10.78 -7.33
C ALA F 105 -63.15 -9.44 -6.68
N SER F 106 -63.50 -8.45 -7.50
CA SER F 106 -63.86 -7.10 -6.96
C SER F 106 -65.10 -7.17 -6.04
N ALA F 107 -66.06 -7.99 -6.38
CA ALA F 107 -67.26 -8.19 -5.53
C ALA F 107 -66.93 -8.79 -4.17
N ALA F 108 -65.85 -9.55 -4.08
CA ALA F 108 -65.31 -10.07 -2.82
C ALA F 108 -64.46 -9.06 -2.06
N GLY F 109 -64.27 -7.89 -2.66
CA GLY F 109 -63.51 -6.78 -2.13
C GLY F 109 -62.04 -6.85 -2.52
N LEU F 110 -61.67 -7.72 -3.47
CA LEU F 110 -60.30 -7.76 -3.97
C LEU F 110 -60.17 -6.97 -5.27
N VAL F 111 -59.92 -5.66 -5.14
CA VAL F 111 -59.94 -4.78 -6.35
C VAL F 111 -58.60 -4.21 -6.72
N TYR F 112 -57.88 -3.71 -5.73
CA TYR F 112 -56.55 -3.16 -6.00
C TYR F 112 -55.55 -4.03 -5.28
N GLY F 113 -54.44 -4.27 -5.93
CA GLY F 113 -53.47 -5.18 -5.40
C GLY F 113 -52.33 -5.51 -6.31
N LEU F 114 -51.53 -6.46 -5.87
CA LEU F 114 -50.52 -7.06 -6.73
C LEU F 114 -50.29 -8.48 -6.27
N THR F 115 -49.60 -9.25 -7.14
CA THR F 115 -49.20 -10.60 -6.85
C THR F 115 -47.68 -10.66 -7.13
N MET F 116 -46.97 -11.14 -6.11
CA MET F 116 -45.53 -11.34 -6.14
C MET F 116 -45.27 -12.83 -6.39
N PRO F 117 -44.63 -13.18 -7.53
CA PRO F 117 -44.30 -14.59 -7.73
C PRO F 117 -43.32 -15.09 -6.69
N LEU F 118 -43.40 -16.35 -6.33
CA LEU F 118 -42.46 -17.00 -5.42
C LEU F 118 -41.82 -18.24 -6.14
N HIS F 119 -40.49 -18.29 -6.13
CA HIS F 119 -39.72 -19.42 -6.63
C HIS F 119 -38.66 -19.76 -5.62
N GLY F 120 -38.87 -20.88 -4.94
CA GLY F 120 -38.05 -21.19 -3.77
C GLY F 120 -36.76 -21.95 -4.21
N ALA F 121 -35.87 -22.13 -3.25
CA ALA F 121 -34.57 -22.73 -3.46
C ALA F 121 -34.65 -24.17 -3.73
N ARG F 122 -35.74 -24.82 -3.35
CA ARG F 122 -35.94 -26.20 -3.68
C ARG F 122 -36.99 -26.39 -4.73
N GLY F 123 -37.17 -25.40 -5.60
CA GLY F 123 -38.11 -25.58 -6.71
C GLY F 123 -39.58 -25.33 -6.31
N GLU F 124 -39.86 -24.81 -5.13
CA GLU F 124 -41.22 -24.47 -4.72
C GLU F 124 -41.75 -23.34 -5.62
N LEU F 125 -43.05 -23.38 -5.91
CA LEU F 125 -43.66 -22.40 -6.78
C LEU F 125 -44.83 -21.77 -6.07
N GLY F 126 -44.91 -20.44 -6.07
CA GLY F 126 -45.99 -19.82 -5.28
C GLY F 126 -46.34 -18.41 -5.71
N ALA F 127 -47.17 -17.80 -4.89
CA ALA F 127 -47.63 -16.42 -5.12
C ALA F 127 -47.96 -15.84 -3.77
N LEU F 128 -47.50 -14.62 -3.57
CA LEU F 128 -48.02 -13.76 -2.52
C LEU F 128 -48.83 -12.61 -3.11
N SER F 129 -50.12 -12.68 -2.85
CA SER F 129 -51.08 -11.67 -3.30
C SER F 129 -51.50 -10.76 -2.15
N LEU F 130 -51.43 -9.46 -2.39
CA LEU F 130 -51.83 -8.47 -1.38
C LEU F 130 -52.79 -7.49 -2.01
N SER F 131 -53.94 -7.28 -1.37
CA SER F 131 -54.92 -6.28 -1.76
C SER F 131 -54.92 -5.10 -0.82
N VAL F 132 -55.18 -3.94 -1.40
CA VAL F 132 -55.18 -2.69 -0.67
C VAL F 132 -56.54 -2.05 -0.83
N GLU F 133 -57.11 -1.67 0.28
CA GLU F 133 -58.35 -0.91 0.29
C GLU F 133 -58.07 0.56 -0.05
N ALA F 134 -58.23 0.93 -1.27
CA ALA F 134 -57.90 2.24 -1.72
C ALA F 134 -59.14 2.83 -2.30
N GLU F 135 -59.15 4.15 -2.31
CA GLU F 135 -60.27 4.89 -2.82
C GLU F 135 -60.41 4.76 -4.30
N ASN F 136 -59.31 4.69 -5.02
CA ASN F 136 -59.38 4.57 -6.48
C ASN F 136 -58.02 4.09 -6.94
N ARG F 137 -57.83 3.94 -8.24
CA ARG F 137 -56.66 3.22 -8.76
C ARG F 137 -55.39 4.08 -8.66
N ALA F 138 -55.51 5.38 -8.93
CA ALA F 138 -54.38 6.31 -8.78
C ALA F 138 -53.81 6.25 -7.34
N GLU F 139 -54.69 6.21 -6.35
CA GLU F 139 -54.25 6.18 -4.95
C GLU F 139 -53.67 4.82 -4.60
N ALA F 140 -54.24 3.73 -5.14
CA ALA F 140 -53.72 2.42 -4.87
C ALA F 140 -52.30 2.34 -5.39
N ASN F 141 -52.08 2.85 -6.57
CA ASN F 141 -50.75 2.81 -7.17
C ASN F 141 -49.72 3.73 -6.46
N ARG F 142 -50.14 4.91 -6.02
CA ARG F 142 -49.29 5.80 -5.22
C ARG F 142 -48.91 4.99 -3.94
N PHE F 143 -49.88 4.37 -3.29
CA PHE F 143 -49.56 3.61 -2.10
C PHE F 143 -48.55 2.46 -2.37
N MET F 144 -48.81 1.72 -3.44
CA MET F 144 -48.00 0.53 -3.72
C MET F 144 -46.56 0.93 -4.01
N GLU F 145 -46.41 2.04 -4.72
CA GLU F 145 -45.12 2.56 -5.02
C GLU F 145 -44.34 2.87 -3.72
N SER F 146 -45.03 3.43 -2.72
CA SER F 146 -44.43 3.81 -1.46
C SER F 146 -43.99 2.58 -0.64
N VAL F 147 -44.69 1.44 -0.75
CA VAL F 147 -44.33 0.29 0.07
C VAL F 147 -43.60 -0.79 -0.69
N LEU F 148 -43.37 -0.62 -2.00
CA LEU F 148 -42.94 -1.73 -2.86
C LEU F 148 -41.58 -2.30 -2.47
N PRO F 149 -40.58 -1.42 -2.12
CA PRO F 149 -39.29 -2.02 -1.71
C PRO F 149 -39.40 -2.95 -0.46
N THR F 150 -40.23 -2.57 0.51
CA THR F 150 -40.45 -3.34 1.73
C THR F 150 -41.15 -4.66 1.43
N LEU F 151 -42.23 -4.57 0.64
CA LEU F 151 -42.92 -5.74 0.15
C LEU F 151 -42.03 -6.72 -0.57
N TRP F 152 -41.16 -6.18 -1.38
CA TRP F 152 -40.23 -7.03 -2.16
C TRP F 152 -39.34 -7.88 -1.25
N MET F 153 -38.94 -7.35 -0.10
CA MET F 153 -38.18 -8.12 0.82
C MET F 153 -39.13 -9.11 1.52
N LEU F 154 -40.27 -8.62 1.97
CA LEU F 154 -41.24 -9.41 2.68
C LEU F 154 -41.57 -10.68 1.97
N LYS F 155 -41.85 -10.60 0.68
CA LYS F 155 -42.19 -11.78 -0.04
C LYS F 155 -41.14 -12.88 -0.02
N ASP F 156 -39.87 -12.50 -0.12
CA ASP F 156 -38.83 -13.54 0.05
C ASP F 156 -38.73 -14.08 1.48
N TYR F 157 -38.90 -13.24 2.53
CA TYR F 157 -38.95 -13.77 3.91
C TYR F 157 -40.09 -14.75 4.08
N ALA F 158 -41.27 -14.40 3.52
CA ALA F 158 -42.50 -15.21 3.63
C ALA F 158 -42.25 -16.53 2.92
N LEU F 159 -41.63 -16.48 1.74
CA LEU F 159 -41.29 -17.68 1.00
C LEU F 159 -40.33 -18.60 1.75
N GLN F 160 -39.25 -18.04 2.23
CA GLN F 160 -38.22 -18.89 2.87
C GLN F 160 -38.82 -19.59 4.09
N SER F 161 -39.60 -18.88 4.88
CA SER F 161 -40.21 -19.47 6.05
C SER F 161 -41.39 -20.37 5.71
N GLY F 162 -42.25 -19.92 4.82
CA GLY F 162 -43.42 -20.68 4.44
C GLY F 162 -43.10 -21.98 3.84
N ALA F 163 -42.01 -22.05 3.06
CA ALA F 163 -41.55 -23.32 2.52
C ALA F 163 -41.27 -24.38 3.61
N GLY F 164 -40.78 -23.95 4.76
CA GLY F 164 -40.56 -24.88 5.85
C GLY F 164 -41.79 -25.27 6.56
N LEU F 165 -42.78 -24.38 6.62
CA LEU F 165 -44.07 -24.74 7.16
C LEU F 165 -44.84 -25.70 6.29
N ALA F 166 -44.92 -25.38 5.01
CA ALA F 166 -45.65 -26.16 4.06
C ALA F 166 -45.05 -27.55 3.83
N PHE F 167 -43.71 -27.72 3.83
CA PHE F 167 -43.10 -28.98 3.34
C PHE F 167 -42.02 -29.65 4.22
N GLU F 168 -41.79 -29.18 5.45
CA GLU F 168 -41.05 -29.95 6.47
C GLU F 168 -41.22 -29.41 7.93
N ASP G 5 5.42 16.46 35.27
CA ASP G 5 6.72 17.24 35.32
C ASP G 5 7.34 17.27 33.92
N GLY G 6 7.45 16.09 33.32
CA GLY G 6 7.89 15.97 31.92
C GLY G 6 6.94 16.73 31.00
N PHE G 7 5.64 16.50 31.17
CA PHE G 7 4.65 17.15 30.34
C PHE G 7 4.77 18.67 30.49
N LEU G 8 4.88 19.11 31.76
CA LEU G 8 4.99 20.54 32.02
C LEU G 8 6.28 21.10 31.43
N GLU G 9 7.38 20.36 31.50
CA GLU G 9 8.58 20.78 30.79
C GLU G 9 8.46 20.84 29.27
N LEU G 10 7.69 19.89 28.70
CA LEU G 10 7.42 19.88 27.23
C LEU G 10 6.66 21.11 26.85
N GLU G 11 5.64 21.40 27.68
CA GLU G 11 4.81 22.57 27.46
C GLU G 11 5.55 23.90 27.60
N ARG G 12 6.50 24.00 28.52
CA ARG G 12 7.36 25.19 28.69
C ARG G 12 8.47 25.33 27.64
N SER G 13 8.67 24.32 26.80
CA SER G 13 9.82 24.31 25.90
C SER G 13 9.59 25.36 24.82
N SER G 14 10.67 25.96 24.35
CA SER G 14 10.56 27.09 23.44
C SER G 14 10.22 26.65 22.02
N GLY G 15 10.80 25.53 21.59
CA GLY G 15 10.55 25.07 20.23
C GLY G 15 10.88 23.60 20.12
N LYS G 16 11.02 23.16 18.87
CA LYS G 16 11.21 21.76 18.55
C LYS G 16 12.51 21.18 19.09
N LEU G 17 13.61 21.93 18.99
CA LEU G 17 14.87 21.35 19.45
C LEU G 17 14.78 20.95 20.92
N GLU G 18 14.32 21.87 21.77
CA GLU G 18 14.18 21.58 23.20
C GLU G 18 13.12 20.49 23.51
N TRP G 19 11.98 20.56 22.81
CA TRP G 19 10.86 19.62 22.97
C TRP G 19 11.36 18.24 22.70
N SER G 20 12.02 18.14 21.57
CA SER G 20 12.72 16.93 21.18
C SER G 20 13.70 16.45 22.20
N ALA G 21 14.58 17.32 22.69
CA ALA G 21 15.47 16.88 23.79
C ALA G 21 14.77 16.32 25.00
N ILE G 22 13.68 16.96 25.38
CA ILE G 22 13.01 16.52 26.62
C ILE G 22 12.37 15.15 26.40
N LEU G 23 11.69 15.02 25.26
CA LEU G 23 10.96 13.74 25.03
C LEU G 23 11.96 12.55 24.94
N GLN G 24 13.11 12.79 24.31
CA GLN G 24 14.14 11.76 24.21
C GLN G 24 14.65 11.43 25.59
N LYS G 25 14.83 12.45 26.42
CA LYS G 25 15.36 12.17 27.75
C LYS G 25 14.33 11.41 28.55
N MET G 26 13.06 11.77 28.45
CA MET G 26 12.03 11.00 29.15
C MET G 26 11.98 9.55 28.68
N ALA G 27 12.09 9.31 27.37
CA ALA G 27 12.11 7.94 26.84
C ALA G 27 13.31 7.14 27.40
N SER G 28 14.43 7.82 27.34
CA SER G 28 15.71 7.30 27.78
C SER G 28 15.71 6.91 29.26
N ASP G 29 15.17 7.78 30.11
CA ASP G 29 14.94 7.46 31.53
C ASP G 29 14.08 6.27 31.80
N LEU G 30 13.07 6.03 30.97
CA LEU G 30 12.23 4.83 31.05
C LEU G 30 12.93 3.60 30.55
N GLY G 31 14.05 3.76 29.85
CA GLY G 31 14.87 2.61 29.44
C GLY G 31 14.85 2.36 27.95
N PHE G 32 14.21 3.24 27.17
CA PHE G 32 14.13 3.07 25.72
C PHE G 32 15.27 3.77 25.04
N SER G 33 15.75 3.19 23.98
CA SER G 33 16.90 3.70 23.30
C SER G 33 16.62 4.74 22.20
N LYS G 34 15.81 4.36 21.24
CA LYS G 34 15.52 5.23 20.14
C LYS G 34 14.03 5.45 20.14
N ILE G 35 13.64 6.61 19.71
CA ILE G 35 12.26 6.96 19.58
C ILE G 35 12.01 7.78 18.34
N LEU G 36 10.76 7.73 17.92
CA LEU G 36 10.27 8.54 16.82
C LEU G 36 8.84 8.92 17.19
N PHE G 37 8.55 10.21 17.15
CA PHE G 37 7.25 10.76 17.32
C PHE G 37 6.91 11.42 15.98
N GLY G 38 5.87 10.92 15.34
CA GLY G 38 5.38 11.50 14.09
C GLY G 38 3.95 11.92 14.21
N LEU G 39 3.64 13.06 13.61
CA LEU G 39 2.33 13.61 13.69
C LEU G 39 1.91 14.37 12.41
N LEU G 40 0.66 14.15 12.03
CA LEU G 40 0.06 14.77 10.85
C LEU G 40 -1.18 15.49 11.28
N PRO G 41 -1.51 16.57 10.54
CA PRO G 41 -2.74 17.33 10.75
C PRO G 41 -3.93 16.55 10.27
N LYS G 42 -5.09 16.97 10.72
CA LYS G 42 -6.38 16.41 10.34
C LYS G 42 -6.46 16.15 8.85
N ASP G 43 -6.93 14.96 8.47
CA ASP G 43 -7.15 14.56 7.09
C ASP G 43 -5.93 14.82 6.24
N SER G 44 -4.76 14.49 6.78
CA SER G 44 -3.61 14.26 5.93
C SER G 44 -3.31 12.74 6.06
N GLN G 45 -2.92 12.14 4.94
CA GLN G 45 -2.28 10.84 4.91
C GLN G 45 -0.89 10.97 4.30
N ASP G 46 -0.32 12.19 4.35
CA ASP G 46 0.95 12.51 3.71
C ASP G 46 2.20 12.24 4.62
N TYR G 47 2.48 10.96 4.84
CA TYR G 47 3.51 10.54 5.84
C TYR G 47 4.91 11.15 5.64
N GLU G 48 5.26 11.55 4.42
CA GLU G 48 6.58 12.19 4.15
C GLU G 48 6.72 13.61 4.76
N ASN G 49 5.59 14.28 4.96
CA ASN G 49 5.52 15.68 5.47
C ASN G 49 4.88 15.80 6.86
N ALA G 50 5.14 14.78 7.67
CA ALA G 50 4.63 14.71 9.02
C ALA G 50 5.57 15.54 9.84
N PHE G 51 5.09 16.08 10.94
CA PHE G 51 5.96 16.61 11.99
C PHE G 51 6.67 15.42 12.69
N ILE G 52 8.00 15.36 12.61
CA ILE G 52 8.74 14.20 13.14
C ILE G 52 9.84 14.63 14.08
N VAL G 53 9.88 14.00 15.24
CA VAL G 53 10.87 14.21 16.29
C VAL G 53 11.51 12.88 16.70
N GLY G 54 12.80 12.88 17.03
CA GLY G 54 13.40 11.76 17.71
C GLY G 54 14.82 11.54 17.31
N ASN G 55 15.33 10.35 17.54
CA ASN G 55 16.74 10.11 17.37
C ASN G 55 16.95 8.80 16.60
N TYR G 56 16.01 8.41 15.72
CA TYR G 56 16.25 7.27 14.82
C TYR G 56 17.44 7.68 13.94
N PRO G 57 18.23 6.71 13.49
CA PRO G 57 19.36 7.09 12.63
C PRO G 57 18.86 7.83 11.39
N ALA G 58 19.49 8.97 11.08
CA ALA G 58 19.12 9.84 9.94
C ALA G 58 19.04 9.08 8.63
N ALA G 59 20.02 8.20 8.40
CA ALA G 59 20.05 7.42 7.18
C ALA G 59 18.85 6.46 7.05
N TRP G 60 18.37 5.95 8.19
CA TRP G 60 17.23 5.10 8.24
C TRP G 60 15.99 5.94 7.92
N ARG G 61 15.82 7.09 8.58
CA ARG G 61 14.71 7.97 8.24
C ARG G 61 14.66 8.34 6.76
N GLU G 62 15.79 8.67 6.16
CA GLU G 62 15.84 9.00 4.76
C GLU G 62 15.48 7.74 3.91
N HIS G 63 15.99 6.58 4.27
CA HIS G 63 15.69 5.35 3.51
C HIS G 63 14.22 5.03 3.63
N TYR G 64 13.68 5.09 4.83
CA TYR G 64 12.23 4.90 5.02
C TYR G 64 11.40 5.77 4.05
N ASP G 65 11.74 7.03 3.93
CA ASP G 65 11.11 8.00 2.99
C ASP G 65 11.23 7.61 1.53
N ARG G 66 12.45 7.31 1.12
CA ARG G 66 12.78 6.99 -0.26
C ARG G 66 12.12 5.71 -0.71
N ALA G 67 12.05 4.69 0.16
CA ALA G 67 11.46 3.42 -0.22
C ALA G 67 9.94 3.42 -0.06
N GLY G 68 9.34 4.51 0.36
CA GLY G 68 7.90 4.58 0.62
C GLY G 68 7.45 3.55 1.67
N TYR G 69 8.26 3.34 2.70
CA TYR G 69 7.92 2.36 3.69
C TYR G 69 6.66 2.70 4.49
N ALA G 70 6.12 3.90 4.39
CA ALA G 70 4.86 4.19 5.08
C ALA G 70 3.70 3.37 4.55
N ARG G 71 3.85 2.88 3.33
CA ARG G 71 2.86 2.00 2.68
C ARG G 71 3.08 0.54 2.95
N VAL G 72 4.18 0.18 3.61
CA VAL G 72 4.51 -1.20 3.89
C VAL G 72 4.43 -1.49 5.40
N ASP G 73 5.05 -0.59 6.15
CA ASP G 73 5.23 -0.69 7.62
C ASP G 73 3.89 -1.11 8.29
N PRO G 74 3.85 -2.28 8.95
CA PRO G 74 2.55 -2.73 9.47
C PRO G 74 2.00 -1.84 10.61
N THR G 75 2.89 -1.08 11.26
CA THR G 75 2.47 -0.20 12.35
C THR G 75 1.67 0.99 11.88
N VAL G 76 1.98 1.49 10.68
CA VAL G 76 1.28 2.65 10.08
C VAL G 76 -0.18 2.31 9.78
N SER G 77 -0.47 1.19 9.14
CA SER G 77 -1.87 0.89 8.90
C SER G 77 -2.51 0.58 10.23
N HIS G 78 -1.81 -0.11 11.14
CA HIS G 78 -2.36 -0.29 12.51
C HIS G 78 -2.84 1.03 13.14
N CYS G 79 -1.99 2.08 13.08
CA CYS G 79 -2.30 3.38 13.69
C CYS G 79 -3.60 4.05 13.13
N THR G 80 -3.90 3.80 11.85
CA THR G 80 -5.12 4.31 11.27
C THR G 80 -6.36 3.54 11.72
N GLN G 81 -6.22 2.39 12.33
CA GLN G 81 -7.37 1.55 12.68
C GLN G 81 -7.59 1.46 14.17
N SER G 82 -6.59 1.85 14.98
CA SER G 82 -6.61 1.51 16.39
C SER G 82 -6.00 2.61 17.29
N VAL G 83 -6.45 2.67 18.53
CA VAL G 83 -5.81 3.46 19.59
C VAL G 83 -4.88 2.60 20.43
N LEU G 84 -4.81 1.30 20.17
CA LEU G 84 -4.01 0.39 21.06
C LEU G 84 -2.60 0.18 20.52
N PRO G 85 -1.62 -0.06 21.39
CA PRO G 85 -0.25 -0.30 20.92
C PRO G 85 -0.09 -1.54 20.09
N ILE G 86 0.90 -1.51 19.23
CA ILE G 86 1.30 -2.68 18.44
C ILE G 86 2.76 -2.95 18.74
N PHE G 87 3.01 -4.13 19.27
CA PHE G 87 4.36 -4.55 19.62
C PHE G 87 5.04 -5.10 18.40
N TRP G 88 6.36 -4.90 18.34
CA TRP G 88 7.08 -5.25 17.12
C TRP G 88 7.42 -6.75 17.14
N GLU G 89 6.44 -7.58 16.90
CA GLU G 89 6.54 -9.07 17.02
C GLU G 89 6.69 -9.61 15.58
N PRO G 90 7.52 -10.66 15.34
CA PRO G 90 7.55 -11.30 13.98
C PRO G 90 6.19 -11.45 13.27
N SER G 91 5.15 -11.78 14.01
CA SER G 91 3.83 -11.93 13.45
C SER G 91 3.21 -10.69 12.80
N ILE G 92 3.75 -9.49 13.05
CA ILE G 92 3.14 -8.33 12.40
C ILE G 92 3.62 -8.11 10.97
N TYR G 93 4.70 -8.78 10.61
CA TYR G 93 5.30 -8.64 9.30
C TYR G 93 4.81 -9.87 8.49
N GLN G 94 3.86 -9.61 7.60
CA GLN G 94 3.05 -10.65 6.96
C GLN G 94 3.45 -10.83 5.51
N THR G 95 3.65 -9.73 4.80
CA THR G 95 3.99 -9.80 3.37
C THR G 95 5.50 -9.87 3.17
N ARG G 96 5.88 -10.20 1.94
CA ARG G 96 7.29 -10.29 1.54
C ARG G 96 7.96 -8.92 1.67
N LYS G 97 7.27 -7.84 1.28
CA LYS G 97 7.72 -6.44 1.50
C LYS G 97 7.90 -6.13 2.98
N GLN G 98 6.98 -6.62 3.80
CA GLN G 98 7.06 -6.35 5.21
C GLN G 98 8.26 -7.15 5.85
N HIS G 99 8.56 -8.34 5.38
CA HIS G 99 9.74 -9.08 5.86
C HIS G 99 11.00 -8.33 5.51
N GLU G 100 11.01 -7.75 4.34
CA GLU G 100 12.11 -6.89 3.95
C GLU G 100 12.32 -5.66 4.85
N PHE G 101 11.22 -4.97 5.12
CA PHE G 101 11.19 -3.86 6.00
C PHE G 101 11.77 -4.23 7.37
N PHE G 102 11.30 -5.35 7.92
CA PHE G 102 11.77 -5.87 9.17
C PHE G 102 13.28 -6.01 9.18
N GLU G 103 13.85 -6.62 8.14
CA GLU G 103 15.33 -6.88 8.12
C GLU G 103 16.10 -5.56 8.08
N GLU G 104 15.60 -4.60 7.31
CA GLU G 104 16.28 -3.32 7.12
C GLU G 104 16.21 -2.47 8.41
N ALA G 105 15.04 -2.42 9.02
CA ALA G 105 14.86 -1.79 10.35
C ALA G 105 15.76 -2.41 11.39
N SER G 106 15.80 -3.75 11.45
CA SER G 106 16.63 -4.48 12.37
C SER G 106 18.11 -4.12 12.20
N ALA G 107 18.55 -4.08 10.95
CA ALA G 107 19.91 -3.77 10.61
C ALA G 107 20.28 -2.37 11.08
N ALA G 108 19.30 -1.46 11.10
CA ALA G 108 19.47 -0.11 11.70
C ALA G 108 19.39 -0.07 13.25
N GLY G 109 19.29 -1.22 13.91
CA GLY G 109 19.23 -1.30 15.38
C GLY G 109 17.86 -1.19 15.99
N LEU G 110 16.81 -1.21 15.18
CA LEU G 110 15.44 -1.10 15.66
C LEU G 110 14.82 -2.48 15.65
N VAL G 111 15.06 -3.26 16.69
CA VAL G 111 14.61 -4.66 16.63
C VAL G 111 13.50 -5.01 17.57
N TYR G 112 13.61 -4.53 18.79
CA TYR G 112 12.56 -4.70 19.78
C TYR G 112 11.88 -3.38 20.06
N GLY G 113 10.58 -3.45 20.25
CA GLY G 113 9.86 -2.26 20.60
C GLY G 113 8.38 -2.29 20.40
N LEU G 114 7.82 -1.09 20.28
CA LEU G 114 6.42 -0.89 20.10
C LEU G 114 6.06 0.43 19.46
N THR G 115 4.86 0.51 18.88
CA THR G 115 4.38 1.74 18.31
C THR G 115 3.02 2.05 18.93
N MET G 116 2.87 3.26 19.44
CA MET G 116 1.61 3.72 20.07
C MET G 116 0.93 4.63 19.08
N PRO G 117 -0.23 4.20 18.57
CA PRO G 117 -0.99 5.19 17.80
C PRO G 117 -1.32 6.47 18.55
N LEU G 118 -1.39 7.58 17.82
CA LEU G 118 -1.81 8.87 18.39
C LEU G 118 -2.97 9.41 17.62
N HIS G 119 -4.05 9.72 18.35
CA HIS G 119 -5.25 10.27 17.69
C HIS G 119 -5.64 11.48 18.51
N GLY G 120 -5.41 12.64 17.94
CA GLY G 120 -5.55 13.89 18.68
C GLY G 120 -6.98 14.43 18.71
N ALA G 121 -7.26 15.33 19.66
CA ALA G 121 -8.60 15.93 19.81
C ALA G 121 -9.09 16.71 18.62
N ARG G 122 -8.16 17.21 17.78
CA ARG G 122 -8.51 17.89 16.56
C ARG G 122 -8.27 17.10 15.27
N GLY G 123 -8.33 15.76 15.33
CA GLY G 123 -8.15 14.97 14.12
C GLY G 123 -6.68 14.66 13.81
N GLU G 124 -5.75 15.08 14.70
CA GLU G 124 -4.35 14.81 14.45
C GLU G 124 -4.12 13.28 14.43
N LEU G 125 -3.24 12.83 13.55
CA LEU G 125 -2.93 11.44 13.35
C LEU G 125 -1.41 11.23 13.55
N GLY G 126 -1.06 10.29 14.45
CA GLY G 126 0.34 10.01 14.71
C GLY G 126 0.72 8.64 15.19
N ALA G 127 2.00 8.56 15.54
CA ALA G 127 2.60 7.40 16.14
C ALA G 127 3.75 7.83 17.05
N LEU G 128 3.87 7.14 18.17
CA LEU G 128 5.06 7.27 18.99
C LEU G 128 5.65 5.88 19.01
N SER G 129 6.81 5.76 18.42
CA SER G 129 7.53 4.49 18.35
C SER G 129 8.75 4.54 19.28
N LEU G 130 8.92 3.49 20.08
CA LEU G 130 10.07 3.39 20.99
C LEU G 130 10.74 2.03 20.79
N SER G 131 12.06 2.00 20.69
CA SER G 131 12.81 0.75 20.57
C SER G 131 13.60 0.56 21.88
N VAL G 132 13.77 -0.70 22.26
CA VAL G 132 14.63 -1.02 23.43
C VAL G 132 15.73 -1.98 23.02
N GLU G 133 16.93 -1.69 23.52
CA GLU G 133 18.06 -2.61 23.37
C GLU G 133 17.90 -3.75 24.33
N ALA G 134 18.11 -4.94 23.85
CA ALA G 134 17.99 -6.06 24.75
C ALA G 134 18.70 -7.30 24.24
N GLU G 135 18.89 -8.25 25.16
CA GLU G 135 19.60 -9.48 24.89
C GLU G 135 18.75 -10.39 24.07
N ASN G 136 17.45 -10.39 24.31
CA ASN G 136 16.59 -11.25 23.53
C ASN G 136 15.17 -10.74 23.66
N ARG G 137 14.28 -11.35 22.89
CA ARG G 137 12.90 -10.90 22.79
C ARG G 137 12.19 -11.01 24.13
N ALA G 138 12.44 -12.10 24.87
CA ALA G 138 11.72 -12.37 26.09
C ALA G 138 12.12 -11.33 27.13
N GLU G 139 13.39 -10.98 27.16
CA GLU G 139 13.86 -9.88 28.00
C GLU G 139 13.24 -8.50 27.59
N ALA G 140 13.17 -8.23 26.28
CA ALA G 140 12.48 -7.02 25.78
C ALA G 140 10.98 -7.01 26.20
N ASN G 141 10.28 -8.11 26.01
CA ASN G 141 8.90 -8.22 26.50
C ASN G 141 8.70 -8.00 27.98
N ARG G 142 9.54 -8.58 28.83
CA ARG G 142 9.37 -8.37 30.26
C ARG G 142 9.59 -6.92 30.57
N PHE G 143 10.56 -6.31 29.91
CA PHE G 143 10.79 -4.90 30.16
C PHE G 143 9.57 -4.07 29.71
N MET G 144 9.02 -4.39 28.53
CA MET G 144 7.95 -3.60 27.94
C MET G 144 6.70 -3.67 28.76
N GLU G 145 6.41 -4.87 29.23
CA GLU G 145 5.32 -5.10 30.17
C GLU G 145 5.46 -4.31 31.47
N SER G 146 6.66 -4.26 32.08
CA SER G 146 6.84 -3.47 33.28
C SER G 146 6.64 -1.95 33.08
N VAL G 147 6.96 -1.36 31.92
CA VAL G 147 6.81 0.08 31.76
C VAL G 147 5.58 0.49 30.95
N LEU G 148 4.83 -0.48 30.43
CA LEU G 148 3.70 -0.17 29.56
C LEU G 148 2.70 0.88 30.12
N PRO G 149 2.27 0.73 31.39
CA PRO G 149 1.34 1.70 31.97
C PRO G 149 1.87 3.13 31.94
N THR G 150 3.14 3.31 32.26
CA THR G 150 3.78 4.60 32.17
C THR G 150 3.86 5.13 30.76
N LEU G 151 4.24 4.28 29.80
CA LEU G 151 4.26 4.63 28.37
C LEU G 151 2.89 5.02 27.85
N TRP G 152 1.86 4.32 28.29
CA TRP G 152 0.51 4.56 27.83
C TRP G 152 0.08 5.99 28.23
N MET G 153 0.56 6.51 29.37
CA MET G 153 0.24 7.88 29.75
C MET G 153 1.12 8.87 29.01
N LEU G 154 2.40 8.51 28.88
CA LEU G 154 3.36 9.36 28.17
C LEU G 154 2.94 9.69 26.76
N LYS G 155 2.45 8.68 26.04
CA LYS G 155 2.08 8.88 24.66
C LYS G 155 0.99 9.96 24.54
N ASP G 156 0.06 10.05 25.52
CA ASP G 156 -1.00 11.04 25.39
C ASP G 156 -0.47 12.42 25.75
N TYR G 157 0.40 12.50 26.79
CA TYR G 157 1.08 13.71 27.15
C TYR G 157 1.85 14.23 25.98
N ALA G 158 2.57 13.35 25.31
CA ALA G 158 3.39 13.73 24.14
C ALA G 158 2.52 14.19 22.95
N LEU G 159 1.41 13.52 22.73
CA LEU G 159 0.43 13.94 21.69
C LEU G 159 -0.13 15.32 22.02
N GLN G 160 -0.54 15.51 23.28
CA GLN G 160 -1.21 16.79 23.64
C GLN G 160 -0.23 17.95 23.43
N SER G 161 0.96 17.79 23.97
CA SER G 161 1.98 18.84 23.83
C SER G 161 2.52 18.97 22.40
N GLY G 162 2.82 17.83 21.78
CA GLY G 162 3.32 17.78 20.44
C GLY G 162 2.42 18.48 19.45
N ALA G 163 1.13 18.20 19.56
CA ALA G 163 0.16 18.78 18.70
C ALA G 163 0.13 20.30 18.89
N GLY G 164 0.26 20.79 20.12
CA GLY G 164 0.36 22.26 20.38
C GLY G 164 1.56 22.92 19.70
N LEU G 165 2.69 22.19 19.67
CA LEU G 165 3.93 22.69 19.03
C LEU G 165 3.89 22.62 17.51
N ALA G 166 3.49 21.48 16.97
CA ALA G 166 3.42 21.29 15.55
C ALA G 166 2.39 22.19 14.85
N PHE G 167 1.23 22.39 15.47
CA PHE G 167 0.10 23.04 14.83
C PHE G 167 -0.39 24.26 15.66
N GLU G 168 -1.64 24.63 15.44
CA GLU G 168 -2.24 25.89 15.83
C GLU G 168 -3.59 25.69 16.60
N LEU H 3 -6.11 -6.53 32.65
CA LEU H 3 -6.69 -5.52 31.68
C LEU H 3 -6.88 -6.09 30.29
N VAL H 4 -5.79 -6.66 29.75
CA VAL H 4 -5.82 -7.25 28.42
C VAL H 4 -6.91 -8.35 28.44
N ASP H 5 -6.88 -9.17 29.49
CA ASP H 5 -7.95 -10.13 29.70
C ASP H 5 -9.38 -9.51 29.76
N GLY H 6 -9.52 -8.38 30.48
CA GLY H 6 -10.76 -7.63 30.46
C GLY H 6 -11.14 -7.20 29.04
N PHE H 7 -10.19 -6.59 28.30
CA PHE H 7 -10.51 -6.11 26.95
C PHE H 7 -11.00 -7.25 26.07
N LEU H 8 -10.29 -8.38 26.17
CA LEU H 8 -10.67 -9.65 25.58
C LEU H 8 -12.10 -10.02 25.96
N GLU H 9 -12.45 -9.85 27.23
CA GLU H 9 -13.82 -10.20 27.64
C GLU H 9 -14.83 -9.30 26.97
N LEU H 10 -14.49 -8.01 26.95
CA LEU H 10 -15.23 -6.99 26.21
C LEU H 10 -15.44 -7.35 24.77
N GLU H 11 -14.37 -7.76 24.11
CA GLU H 11 -14.47 -8.14 22.70
C GLU H 11 -15.27 -9.41 22.50
N ARG H 12 -15.15 -10.37 23.44
CA ARG H 12 -15.94 -11.60 23.42
C ARG H 12 -17.39 -11.44 23.85
N SER H 13 -17.75 -10.31 24.48
CA SER H 13 -19.11 -10.16 24.94
C SER H 13 -20.02 -10.06 23.74
N SER H 14 -21.31 -10.33 23.88
CA SER H 14 -22.20 -9.96 22.83
C SER H 14 -23.34 -9.20 23.42
N GLY H 15 -23.59 -8.04 22.86
CA GLY H 15 -24.60 -7.15 23.33
C GLY H 15 -24.11 -6.06 24.26
N LYS H 16 -24.89 -5.02 24.29
CA LYS H 16 -24.57 -3.86 25.07
C LYS H 16 -24.66 -4.19 26.56
N LEU H 17 -25.67 -4.98 26.96
CA LEU H 17 -25.81 -5.37 28.36
C LEU H 17 -24.59 -6.07 28.88
N GLU H 18 -24.15 -7.12 28.21
CA GLU H 18 -22.95 -7.80 28.68
C GLU H 18 -21.68 -6.87 28.70
N TRP H 19 -21.50 -6.07 27.69
CA TRP H 19 -20.32 -5.17 27.61
C TRP H 19 -20.33 -4.13 28.75
N SER H 20 -21.51 -3.53 28.97
CA SER H 20 -21.76 -2.67 30.12
C SER H 20 -21.41 -3.36 31.46
N ALA H 21 -21.87 -4.57 31.72
CA ALA H 21 -21.58 -5.23 32.97
C ALA H 21 -20.06 -5.43 33.19
N ILE H 22 -19.39 -5.87 32.13
CA ILE H 22 -17.93 -6.01 32.17
C ILE H 22 -17.21 -4.68 32.47
N LEU H 23 -17.50 -3.65 31.68
CA LEU H 23 -16.87 -2.35 31.89
C LEU H 23 -17.20 -1.79 33.28
N GLN H 24 -18.42 -1.97 33.76
CA GLN H 24 -18.72 -1.54 35.13
C GLN H 24 -17.90 -2.28 36.19
N LYS H 25 -17.73 -3.59 36.01
CA LYS H 25 -16.99 -4.40 36.94
C LYS H 25 -15.51 -4.05 36.96
N MET H 26 -14.91 -3.84 35.80
CA MET H 26 -13.53 -3.36 35.71
C MET H 26 -13.38 -2.03 36.46
N ALA H 27 -14.30 -1.10 36.28
CA ALA H 27 -14.23 0.21 36.95
C ALA H 27 -14.39 0.05 38.45
N SER H 28 -15.29 -0.87 38.86
CA SER H 28 -15.57 -1.10 40.27
C SER H 28 -14.37 -1.76 40.96
N ASP H 29 -13.70 -2.64 40.24
CA ASP H 29 -12.41 -3.19 40.71
C ASP H 29 -11.29 -2.19 40.91
N LEU H 30 -11.36 -1.05 40.24
CA LEU H 30 -10.38 0.03 40.42
C LEU H 30 -10.86 1.09 41.37
N GLY H 31 -12.01 0.87 41.96
CA GLY H 31 -12.54 1.67 43.07
C GLY H 31 -13.63 2.66 42.73
N PHE H 32 -14.15 2.58 41.49
CA PHE H 32 -15.17 3.50 41.04
C PHE H 32 -16.54 2.83 40.99
N SER H 33 -17.49 3.34 41.75
CA SER H 33 -18.82 2.71 41.77
C SER H 33 -19.76 3.20 40.65
N LYS H 34 -19.45 4.36 40.07
CA LYS H 34 -20.28 4.93 39.06
C LYS H 34 -19.45 5.28 37.84
N ILE H 35 -19.97 4.95 36.64
CA ILE H 35 -19.30 5.27 35.40
C ILE H 35 -20.26 5.59 34.30
N LEU H 36 -19.78 6.42 33.40
CA LEU H 36 -20.45 6.72 32.18
C LEU H 36 -19.48 6.72 31.00
N PHE H 37 -19.79 5.90 30.00
CA PHE H 37 -19.09 5.85 28.73
C PHE H 37 -20.01 6.45 27.66
N GLY H 38 -19.57 7.54 27.06
CA GLY H 38 -20.31 8.30 26.02
C GLY H 38 -19.48 8.38 24.76
N LEU H 39 -20.10 8.15 23.60
CA LEU H 39 -19.39 8.13 22.33
C LEU H 39 -20.27 8.64 21.22
N LEU H 40 -19.70 9.57 20.46
CA LEU H 40 -20.28 10.14 19.29
C LEU H 40 -19.47 9.75 18.05
N PRO H 41 -20.11 9.59 16.87
CA PRO H 41 -19.31 9.41 15.68
C PRO H 41 -18.66 10.71 15.21
N LYS H 42 -17.80 10.58 14.21
CA LYS H 42 -17.01 11.70 13.71
C LYS H 42 -17.82 12.93 13.41
N ASP H 43 -17.31 14.07 13.85
CA ASP H 43 -17.92 15.39 13.59
C ASP H 43 -19.37 15.56 14.03
N SER H 44 -19.81 14.80 15.03
CA SER H 44 -21.08 15.10 15.69
C SER H 44 -20.77 15.82 17.01
N GLN H 45 -21.47 16.91 17.28
CA GLN H 45 -21.57 17.53 18.63
C GLN H 45 -22.98 17.22 19.25
N ASP H 46 -23.66 16.16 18.82
CA ASP H 46 -25.02 15.85 19.31
C ASP H 46 -25.04 15.05 20.64
N TYR H 47 -24.58 15.66 21.71
CA TYR H 47 -24.36 14.97 23.03
C TYR H 47 -25.58 14.22 23.57
N GLU H 48 -26.76 14.79 23.38
CA GLU H 48 -28.05 14.15 23.76
C GLU H 48 -28.33 12.86 23.01
N ASN H 49 -27.63 12.60 21.90
CA ASN H 49 -27.83 11.38 21.17
C ASN H 49 -26.57 10.52 21.14
N ALA H 50 -25.67 10.76 22.07
CA ALA H 50 -24.49 9.90 22.22
C ALA H 50 -24.89 8.47 22.50
N PHE H 51 -24.01 7.54 22.14
CA PHE H 51 -24.09 6.19 22.61
C PHE H 51 -23.62 6.24 24.06
N ILE H 52 -24.45 5.74 24.98
CA ILE H 52 -24.13 5.73 26.43
C ILE H 52 -24.19 4.36 27.09
N VAL H 53 -23.10 4.00 27.79
CA VAL H 53 -23.06 2.86 28.72
C VAL H 53 -22.74 3.31 30.13
N GLY H 54 -23.39 2.67 31.08
CA GLY H 54 -22.93 2.69 32.47
C GLY H 54 -24.08 2.75 33.44
N ASN H 55 -23.79 3.23 34.64
CA ASN H 55 -24.73 3.13 35.77
C ASN H 55 -24.90 4.41 36.53
N TYR H 56 -24.75 5.55 35.86
CA TYR H 56 -25.18 6.80 36.46
C TYR H 56 -26.68 6.66 36.68
N PRO H 57 -27.22 7.24 37.77
CA PRO H 57 -28.69 7.26 38.00
C PRO H 57 -29.48 7.71 36.75
N ALA H 58 -30.42 6.88 36.29
CA ALA H 58 -31.26 7.25 35.14
C ALA H 58 -31.88 8.66 35.22
N ALA H 59 -32.31 9.08 36.40
CA ALA H 59 -32.96 10.36 36.50
C ALA H 59 -31.95 11.48 36.36
N TRP H 60 -30.69 11.25 36.74
CA TRP H 60 -29.58 12.22 36.51
C TRP H 60 -29.30 12.37 35.02
N ARG H 61 -29.18 11.25 34.33
CA ARG H 61 -29.06 11.23 32.87
C ARG H 61 -30.17 11.98 32.17
N GLU H 62 -31.40 11.74 32.61
CA GLU H 62 -32.56 12.45 32.04
C GLU H 62 -32.48 13.94 32.26
N HIS H 63 -32.21 14.31 33.50
CA HIS H 63 -32.09 15.74 33.86
C HIS H 63 -30.93 16.45 33.13
N TYR H 64 -29.80 15.77 33.05
CA TYR H 64 -28.66 16.31 32.30
C TYR H 64 -29.08 16.60 30.84
N ASP H 65 -29.80 15.68 30.17
CA ASP H 65 -30.32 15.98 28.82
C ASP H 65 -31.35 17.13 28.82
N ARG H 66 -32.33 17.08 29.69
CA ARG H 66 -33.39 18.12 29.74
C ARG H 66 -32.81 19.51 30.01
N ALA H 67 -31.90 19.61 30.97
CA ALA H 67 -31.29 20.87 31.29
C ALA H 67 -30.22 21.39 30.27
N GLY H 68 -29.93 20.67 29.18
CA GLY H 68 -28.87 21.07 28.25
C GLY H 68 -27.45 21.16 28.82
N TYR H 69 -27.17 20.33 29.85
CA TYR H 69 -25.95 20.40 30.63
C TYR H 69 -24.68 20.05 29.82
N ALA H 70 -24.82 19.42 28.65
CA ALA H 70 -23.67 19.21 27.82
C ALA H 70 -23.04 20.58 27.36
N ARG H 71 -23.81 21.68 27.42
CA ARG H 71 -23.30 23.04 27.10
C ARG H 71 -22.69 23.73 28.31
N VAL H 72 -22.79 23.11 29.45
CA VAL H 72 -22.32 23.68 30.69
C VAL H 72 -21.16 22.91 31.38
N ASP H 73 -21.37 21.61 31.55
CA ASP H 73 -20.37 20.67 32.08
C ASP H 73 -19.03 21.01 31.44
N PRO H 74 -18.06 21.50 32.23
CA PRO H 74 -16.79 21.89 31.66
C PRO H 74 -15.98 20.67 31.19
N THR H 75 -16.32 19.45 31.63
CA THR H 75 -15.59 18.26 31.12
C THR H 75 -15.84 18.03 29.66
N VAL H 76 -17.01 18.47 29.19
CA VAL H 76 -17.39 18.30 27.76
C VAL H 76 -16.53 19.13 26.79
N SER H 77 -16.43 20.46 26.98
CA SER H 77 -15.49 21.24 26.16
C SER H 77 -14.02 20.73 26.24
N HIS H 78 -13.58 20.31 27.44
CA HIS H 78 -12.25 19.77 27.64
C HIS H 78 -12.02 18.60 26.72
N CYS H 79 -12.98 17.67 26.67
CA CYS H 79 -12.86 16.50 25.79
C CYS H 79 -12.67 16.88 24.32
N THR H 80 -13.31 17.95 23.84
CA THR H 80 -13.15 18.38 22.46
C THR H 80 -11.77 19.02 22.20
N GLN H 81 -11.02 19.39 23.23
CA GLN H 81 -9.69 19.98 23.09
C GLN H 81 -8.46 19.19 23.54
N SER H 82 -8.63 18.10 24.26
CA SER H 82 -7.52 17.40 24.85
C SER H 82 -7.77 15.89 24.84
N VAL H 83 -6.65 15.15 24.93
CA VAL H 83 -6.63 13.77 25.24
C VAL H 83 -6.32 13.45 26.69
N LEU H 84 -6.14 14.45 27.53
CA LEU H 84 -5.70 14.19 28.89
C LEU H 84 -6.87 14.18 29.86
N PRO H 85 -6.77 13.44 30.93
CA PRO H 85 -7.89 13.43 31.86
C PRO H 85 -8.20 14.80 32.50
N ILE H 86 -9.45 15.11 32.79
CA ILE H 86 -9.76 16.25 33.63
C ILE H 86 -10.35 15.77 34.94
N PHE H 87 -9.74 16.16 36.05
CA PHE H 87 -10.24 15.77 37.34
C PHE H 87 -11.36 16.73 37.83
N TRP H 88 -12.37 16.20 38.52
CA TRP H 88 -13.56 17.03 38.93
C TRP H 88 -13.11 17.86 40.14
N GLU H 89 -12.47 18.97 39.89
CA GLU H 89 -11.87 19.84 40.95
C GLU H 89 -12.70 21.11 41.02
N PRO H 90 -12.78 21.76 42.22
CA PRO H 90 -13.54 23.03 42.30
C PRO H 90 -13.16 24.05 41.22
N SER H 91 -11.87 24.13 40.88
CA SER H 91 -11.41 25.09 39.85
C SER H 91 -11.97 24.92 38.42
N ILE H 92 -12.47 23.73 38.05
CA ILE H 92 -13.10 23.55 36.68
C ILE H 92 -14.53 24.12 36.57
N TYR H 93 -15.21 24.36 37.70
CA TYR H 93 -16.57 24.92 37.69
C TYR H 93 -16.46 26.43 37.91
N GLN H 94 -16.34 27.22 36.83
CA GLN H 94 -16.07 28.69 36.92
C GLN H 94 -17.31 29.57 36.87
N THR H 95 -18.18 29.31 35.91
CA THR H 95 -19.42 30.09 35.79
C THR H 95 -20.45 29.70 36.85
N ARG H 96 -21.62 30.31 36.78
CA ARG H 96 -22.63 30.24 37.84
C ARG H 96 -23.41 28.99 37.55
N LYS H 97 -23.77 28.79 36.28
CA LYS H 97 -24.40 27.55 35.80
C LYS H 97 -23.51 26.31 36.07
N GLN H 98 -22.21 26.45 35.92
CA GLN H 98 -21.31 25.36 36.25
C GLN H 98 -21.34 25.04 37.73
N HIS H 99 -21.48 26.09 38.55
CA HIS H 99 -21.59 25.89 39.99
C HIS H 99 -22.86 25.15 40.32
N GLU H 100 -23.95 25.49 39.63
CA GLU H 100 -25.21 24.74 39.78
C GLU H 100 -25.09 23.27 39.28
N PHE H 101 -24.50 23.13 38.10
CA PHE H 101 -24.14 21.79 37.58
C PHE H 101 -23.46 20.96 38.68
N PHE H 102 -22.38 21.52 39.25
CA PHE H 102 -21.66 20.85 40.32
C PHE H 102 -22.62 20.46 41.44
N GLU H 103 -23.47 21.39 41.90
CA GLU H 103 -24.36 21.11 43.01
C GLU H 103 -25.35 20.01 42.69
N GLU H 104 -25.94 20.04 41.50
CA GLU H 104 -26.91 19.00 41.12
C GLU H 104 -26.22 17.63 40.98
N ALA H 105 -25.04 17.59 40.36
CA ALA H 105 -24.35 16.26 40.24
C ALA H 105 -24.01 15.71 41.64
N SER H 106 -23.55 16.61 42.48
CA SER H 106 -23.21 16.30 43.85
C SER H 106 -24.43 15.69 44.58
N ALA H 107 -25.60 16.32 44.40
CA ALA H 107 -26.86 15.82 44.93
C ALA H 107 -27.19 14.49 44.30
N ALA H 108 -26.75 14.25 43.07
CA ALA H 108 -26.91 12.92 42.53
C ALA H 108 -25.90 11.88 43.03
N GLY H 109 -25.00 12.21 43.96
CA GLY H 109 -23.96 11.25 44.40
C GLY H 109 -22.59 11.35 43.68
N LEU H 110 -22.50 12.23 42.69
CA LEU H 110 -21.32 12.35 41.82
C LEU H 110 -20.49 13.59 42.22
N VAL H 111 -19.53 13.44 43.14
CA VAL H 111 -18.73 14.62 43.62
C VAL H 111 -17.25 14.54 43.21
N TYR H 112 -16.61 13.42 43.46
CA TYR H 112 -15.22 13.15 43.13
C TYR H 112 -15.09 12.17 41.95
N GLY H 113 -14.18 12.49 41.06
CA GLY H 113 -14.01 11.65 39.90
C GLY H 113 -13.16 12.36 38.90
N LEU H 114 -13.20 11.82 37.67
CA LEU H 114 -12.46 12.32 36.54
C LEU H 114 -13.18 11.84 35.30
N THR H 115 -12.89 12.54 34.23
CA THR H 115 -13.32 12.24 32.88
C THR H 115 -12.08 12.10 32.01
N MET H 116 -12.05 10.97 31.26
CA MET H 116 -10.98 10.59 30.38
C MET H 116 -11.56 10.84 29.00
N PRO H 117 -11.05 11.86 28.27
CA PRO H 117 -11.47 12.08 26.90
C PRO H 117 -11.18 10.86 26.01
N LEU H 118 -12.06 10.61 25.04
CA LEU H 118 -11.89 9.50 24.11
C LEU H 118 -11.77 10.07 22.66
N HIS H 119 -10.69 9.73 21.96
CA HIS H 119 -10.53 10.12 20.56
C HIS H 119 -10.15 8.90 19.74
N GLY H 120 -11.13 8.40 18.98
CA GLY H 120 -10.97 7.14 18.24
C GLY H 120 -10.24 7.31 16.94
N ALA H 121 -9.82 6.19 16.40
CA ALA H 121 -9.06 6.11 15.15
C ALA H 121 -9.84 6.57 13.97
N ARG H 122 -11.14 6.50 14.02
CA ARG H 122 -11.99 7.00 12.94
C ARG H 122 -12.70 8.30 13.27
N GLY H 123 -12.14 9.10 14.19
CA GLY H 123 -12.70 10.39 14.56
C GLY H 123 -13.84 10.31 15.57
N GLU H 124 -14.10 9.13 16.15
CA GLU H 124 -15.10 9.02 17.21
C GLU H 124 -14.65 9.94 18.37
N LEU H 125 -15.63 10.57 19.02
CA LEU H 125 -15.39 11.54 20.08
C LEU H 125 -16.19 11.09 21.28
N GLY H 126 -15.57 10.92 22.43
CA GLY H 126 -16.30 10.46 23.62
C GLY H 126 -15.70 10.87 24.95
N ALA H 127 -16.23 10.27 26.00
CA ALA H 127 -15.71 10.44 27.35
C ALA H 127 -15.96 9.19 28.15
N LEU H 128 -14.97 8.81 28.95
CA LEU H 128 -15.18 7.87 30.06
C LEU H 128 -15.15 8.64 31.37
N SER H 129 -16.31 8.83 31.98
CA SER H 129 -16.40 9.47 33.30
C SER H 129 -16.47 8.42 34.39
N LEU H 130 -15.72 8.65 35.45
CA LEU H 130 -15.64 7.73 36.59
C LEU H 130 -15.69 8.51 37.90
N SER H 131 -16.65 8.13 38.74
CA SER H 131 -16.81 8.76 40.05
C SER H 131 -16.41 7.81 41.15
N VAL H 132 -15.68 8.37 42.08
CA VAL H 132 -15.18 7.60 43.20
C VAL H 132 -15.88 8.06 44.47
N GLU H 133 -16.35 7.10 45.25
CA GLU H 133 -16.93 7.36 46.58
C GLU H 133 -15.84 7.58 47.60
N ALA H 134 -15.85 8.73 48.22
CA ALA H 134 -14.83 9.11 49.19
C ALA H 134 -15.39 10.13 50.23
N GLU H 135 -14.73 10.21 51.36
CA GLU H 135 -15.16 11.05 52.50
C GLU H 135 -14.62 12.48 52.29
N ASN H 136 -13.44 12.58 51.65
CA ASN H 136 -12.74 13.85 51.46
C ASN H 136 -11.89 13.82 50.19
N ARG H 137 -11.49 14.99 49.75
CA ARG H 137 -10.77 15.16 48.47
C ARG H 137 -9.37 14.50 48.45
N ALA H 138 -8.69 14.51 49.60
CA ALA H 138 -7.35 13.94 49.68
C ALA H 138 -7.44 12.44 49.50
N GLU H 139 -8.44 11.80 50.09
CA GLU H 139 -8.53 10.36 49.92
C GLU H 139 -9.07 10.03 48.47
N ALA H 140 -9.93 10.88 47.92
CA ALA H 140 -10.46 10.68 46.55
C ALA H 140 -9.24 10.70 45.59
N ASN H 141 -8.40 11.71 45.72
CA ASN H 141 -7.15 11.81 44.96
C ASN H 141 -6.16 10.68 45.14
N ARG H 142 -5.89 10.26 46.37
CA ARG H 142 -5.10 9.07 46.61
C ARG H 142 -5.69 7.87 45.87
N PHE H 143 -7.01 7.65 46.03
CA PHE H 143 -7.67 6.56 45.36
C PHE H 143 -7.48 6.59 43.82
N MET H 144 -7.73 7.76 43.22
CA MET H 144 -7.67 7.94 41.78
C MET H 144 -6.23 7.80 41.28
N GLU H 145 -5.32 8.50 41.94
CA GLU H 145 -3.93 8.45 41.57
C GLU H 145 -3.34 7.06 41.60
N SER H 146 -3.71 6.25 42.59
CA SER H 146 -3.13 4.96 42.76
C SER H 146 -3.52 4.03 41.56
N VAL H 147 -4.65 4.26 40.92
CA VAL H 147 -5.09 3.45 39.79
C VAL H 147 -4.98 4.16 38.43
N LEU H 148 -4.52 5.40 38.42
CA LEU H 148 -4.54 6.23 37.23
C LEU H 148 -3.83 5.50 36.00
N PRO H 149 -2.69 4.82 36.21
CA PRO H 149 -2.04 4.22 35.00
C PRO H 149 -2.89 3.11 34.40
N THR H 150 -3.59 2.34 35.26
CA THR H 150 -4.44 1.29 34.79
C THR H 150 -5.67 1.87 34.11
N LEU H 151 -6.27 2.94 34.69
CA LEU H 151 -7.37 3.62 34.04
C LEU H 151 -7.06 4.21 32.71
N TRP H 152 -5.87 4.72 32.55
CA TRP H 152 -5.44 5.34 31.31
C TRP H 152 -5.39 4.28 30.16
N MET H 153 -4.99 3.06 30.50
CA MET H 153 -5.06 1.96 29.55
C MET H 153 -6.49 1.53 29.32
N LEU H 154 -7.28 1.40 30.42
CA LEU H 154 -8.66 0.95 30.31
C LEU H 154 -9.44 1.84 29.37
N LYS H 155 -9.25 3.15 29.44
CA LYS H 155 -10.01 4.04 28.58
C LYS H 155 -9.80 3.78 27.08
N ASP H 156 -8.58 3.45 26.67
CA ASP H 156 -8.34 3.16 25.26
C ASP H 156 -8.88 1.80 24.85
N TYR H 157 -8.74 0.80 25.72
CA TYR H 157 -9.35 -0.52 25.47
C TYR H 157 -10.86 -0.39 25.36
N ALA H 158 -11.47 0.46 26.20
CA ALA H 158 -12.91 0.65 26.17
C ALA H 158 -13.33 1.34 24.90
N LEU H 159 -12.59 2.36 24.49
CA LEU H 159 -12.83 3.04 23.25
C LEU H 159 -12.70 2.13 22.02
N GLN H 160 -11.63 1.34 21.96
CA GLN H 160 -11.40 0.43 20.82
C GLN H 160 -12.53 -0.62 20.75
N SER H 161 -12.89 -1.24 21.86
CA SER H 161 -13.96 -2.21 21.85
C SER H 161 -15.30 -1.51 21.68
N GLY H 162 -15.52 -0.45 22.43
CA GLY H 162 -16.76 0.29 22.44
C GLY H 162 -17.17 0.93 21.12
N ALA H 163 -16.23 1.44 20.35
CA ALA H 163 -16.56 2.02 19.07
C ALA H 163 -17.32 1.01 18.16
N GLY H 164 -16.86 -0.24 18.14
CA GLY H 164 -17.53 -1.31 17.40
C GLY H 164 -18.96 -1.47 17.95
N LEU H 165 -19.07 -1.60 19.25
CA LEU H 165 -20.41 -1.79 19.83
C LEU H 165 -21.34 -0.65 19.52
N ALA H 166 -20.88 0.60 19.67
CA ALA H 166 -21.67 1.77 19.37
C ALA H 166 -22.14 1.80 17.92
N PHE H 167 -21.24 1.51 16.98
CA PHE H 167 -21.48 1.92 15.56
C PHE H 167 -21.74 0.80 14.57
N GLU H 168 -21.76 -0.45 15.05
CA GLU H 168 -22.72 -1.49 14.48
C GLU H 168 -24.03 -1.60 15.31
#